data_7DFU
#
_entry.id   7DFU
#
_cell.length_a   132.498
_cell.length_b   132.498
_cell.length_c   187.833
_cell.angle_alpha   90.000
_cell.angle_beta   90.000
_cell.angle_gamma   90.000
#
_symmetry.space_group_name_H-M   'P 42 21 2'
#
loop_
_entity.id
_entity.type
_entity.pdbx_description
1 polymer 'ATP-dependent Clp protease proteolytic subunit'
2 non-polymer "N-[(6aS,12S,15aS,17R,21R,23aS)-17,21-dimethyl-6,11,15,20,23-pentaoxooctadecahydro-2H,6H,11H,15H-pyrido[2,1-i]dipyrrolo[2,1-c:2',1'-l][1,4,7,10,13]oxatetraazacyclohexadecin-12-yl]-3,5-difluoro-Nalpha-[(2E)-hept-2-enoyl]-L-phenylalaninamide"
3 non-polymer 'CHLORIDE ION'
4 non-polymer 'MAGNESIUM ION'
5 water water
#
_entity_poly.entity_id   1
_entity_poly.type   'polypeptide(L)'
_entity_poly.pdbx_seq_one_letter_code
;MSIVTKALNLVPMVVEQTSRGERAYDIYSRLLKERLIFLVGPIDDHMANVIVAQLLFLEADNPEKDIYIYINSPGGVVTA
GMAIYDTMQYIKPDVSTICVGQAASMGALLLASGAAGKRYALPNSRVMIHQPLGGFQGQATDIDIHAREILTLRSRLNEI
LAKHTGQSLETIARDTERDNFKSAVDAQAYGLVDQVLERRPEESIQPS
;
_entity_poly.pdbx_strand_id   A,B,C,D,E,F,G
#
# COMPACT_ATOMS: atom_id res chain seq x y z
N VAL A 11 -8.41 -3.50 10.27
CA VAL A 11 -9.26 -4.69 10.40
C VAL A 11 -8.55 -5.74 11.25
N PRO A 12 -9.16 -6.08 12.38
CA PRO A 12 -8.49 -6.99 13.33
C PRO A 12 -8.42 -8.41 12.79
N MET A 13 -7.52 -9.17 13.41
CA MET A 13 -7.27 -10.56 13.06
C MET A 13 -7.64 -11.46 14.22
N VAL A 14 -8.04 -12.69 13.91
CA VAL A 14 -8.17 -13.75 14.90
C VAL A 14 -7.34 -14.93 14.40
N VAL A 15 -6.54 -15.51 15.28
CA VAL A 15 -5.63 -16.59 14.94
C VAL A 15 -6.11 -17.86 15.62
N GLU A 16 -6.25 -18.92 14.83
CA GLU A 16 -6.61 -20.24 15.33
C GLU A 16 -5.40 -21.18 15.21
N GLN A 17 -5.25 -22.06 16.18
CA GLN A 17 -4.15 -23.01 16.19
C GLN A 17 -4.53 -24.25 15.37
N THR A 18 -3.68 -24.58 14.41
CA THR A 18 -3.88 -25.77 13.59
C THR A 18 -2.92 -26.87 14.09
N SER A 19 -2.78 -27.92 13.28
CA SER A 19 -1.83 -28.98 13.62
C SER A 19 -0.39 -28.59 13.29
N ARG A 20 -0.18 -27.57 12.46
CA ARG A 20 1.15 -27.15 12.05
C ARG A 20 1.54 -25.79 12.63
N GLY A 21 0.72 -25.24 13.52
CA GLY A 21 1.00 -23.93 14.07
C GLY A 21 -0.22 -23.02 14.05
N GLU A 22 -0.03 -21.77 13.63
CA GLU A 22 -1.08 -20.77 13.67
C GLU A 22 -1.61 -20.48 12.27
N ARG A 23 -2.91 -20.16 12.21
CA ARG A 23 -3.57 -19.75 10.98
C ARG A 23 -4.39 -18.50 11.28
N ALA A 24 -4.23 -17.48 10.43
CA ALA A 24 -4.78 -16.16 10.69
C ALA A 24 -5.95 -15.87 9.77
N TYR A 25 -6.99 -15.24 10.31
CA TYR A 25 -8.09 -14.68 9.54
C TYR A 25 -8.25 -13.22 9.91
N ASP A 26 -8.68 -12.41 8.94
CA ASP A 26 -9.31 -11.16 9.31
C ASP A 26 -10.72 -11.45 9.84
N ILE A 27 -11.26 -10.48 10.58
CA ILE A 27 -12.51 -10.72 11.31
C ILE A 27 -13.64 -11.08 10.35
N TYR A 28 -13.67 -10.46 9.17
CA TYR A 28 -14.74 -10.76 8.21
C TYR A 28 -14.61 -12.16 7.63
N SER A 29 -13.39 -12.56 7.28
CA SER A 29 -13.17 -13.92 6.78
C SER A 29 -13.50 -14.96 7.85
N ARG A 30 -13.21 -14.65 9.12
CA ARG A 30 -13.56 -15.57 10.20
C ARG A 30 -15.07 -15.76 10.28
N LEU A 31 -15.83 -14.67 10.17
CA LEU A 31 -17.28 -14.78 10.21
C LEU A 31 -17.82 -15.43 8.94
N LEU A 32 -17.14 -15.27 7.81
CA LEU A 32 -17.53 -15.98 6.59
C LEU A 32 -17.48 -17.49 6.78
N LYS A 33 -16.52 -17.98 7.58
CA LYS A 33 -16.45 -19.39 7.87
C LYS A 33 -17.72 -19.90 8.55
N GLU A 34 -18.44 -19.01 9.24
CA GLU A 34 -19.73 -19.32 9.85
C GLU A 34 -20.90 -18.89 8.97
N ARG A 35 -20.66 -18.75 7.66
CA ARG A 35 -21.70 -18.44 6.67
C ARG A 35 -22.32 -17.06 6.88
N LEU A 36 -21.52 -16.12 7.37
CA LEU A 36 -21.92 -14.74 7.59
C LEU A 36 -21.26 -13.83 6.57
N ILE A 37 -22.07 -13.09 5.81
CA ILE A 37 -21.60 -12.15 4.81
C ILE A 37 -21.99 -10.75 5.21
N PHE A 38 -21.07 -9.80 5.07
CA PHE A 38 -21.33 -8.39 5.36
C PHE A 38 -21.49 -7.62 4.07
N LEU A 39 -22.65 -6.97 3.91
CA LEU A 39 -22.92 -6.05 2.81
C LEU A 39 -22.92 -4.65 3.42
N VAL A 40 -21.79 -3.97 3.30
CA VAL A 40 -21.57 -2.69 3.99
C VAL A 40 -21.05 -1.66 2.99
N GLY A 41 -21.53 -0.43 3.12
CA GLY A 41 -21.09 0.64 2.27
C GLY A 41 -21.89 0.72 0.98
N PRO A 42 -21.50 1.65 0.10
CA PRO A 42 -22.21 1.82 -1.17
C PRO A 42 -22.11 0.56 -2.03
N ILE A 43 -23.21 0.23 -2.70
CA ILE A 43 -23.27 -0.92 -3.58
C ILE A 43 -22.74 -0.52 -4.95
N ASP A 44 -21.73 -1.24 -5.44
CA ASP A 44 -21.21 -1.05 -6.78
C ASP A 44 -20.77 -2.42 -7.30
N ASP A 45 -20.29 -2.44 -8.55
CA ASP A 45 -19.89 -3.71 -9.16
C ASP A 45 -18.83 -4.43 -8.34
N HIS A 46 -17.84 -3.69 -7.83
CA HIS A 46 -16.72 -4.33 -7.14
C HIS A 46 -17.21 -5.08 -5.90
N MET A 47 -18.01 -4.43 -5.06
CA MET A 47 -18.44 -5.08 -3.83
C MET A 47 -19.55 -6.11 -4.08
N ALA A 48 -20.37 -5.91 -5.11
CA ALA A 48 -21.40 -6.88 -5.44
C ALA A 48 -20.79 -8.20 -5.89
N ASN A 49 -19.73 -8.13 -6.71
CA ASN A 49 -19.08 -9.33 -7.20
C ASN A 49 -18.41 -10.11 -6.07
N VAL A 50 -17.86 -9.42 -5.07
CA VAL A 50 -17.32 -10.12 -3.91
C VAL A 50 -18.44 -10.82 -3.15
N ILE A 51 -19.62 -10.20 -3.07
CA ILE A 51 -20.74 -10.84 -2.37
C ILE A 51 -21.25 -12.04 -3.16
N VAL A 52 -21.37 -11.89 -4.49
CA VAL A 52 -21.74 -13.03 -5.33
C VAL A 52 -20.76 -14.19 -5.15
N ALA A 53 -19.46 -13.87 -5.15
CA ALA A 53 -18.45 -14.91 -4.97
C ALA A 53 -18.62 -15.61 -3.63
N GLN A 54 -18.88 -14.85 -2.56
CA GLN A 54 -19.09 -15.44 -1.25
C GLN A 54 -20.32 -16.33 -1.23
N LEU A 55 -21.42 -15.86 -1.84
CA LEU A 55 -22.65 -16.65 -1.88
C LEU A 55 -22.42 -17.98 -2.58
N LEU A 56 -21.72 -17.96 -3.71
CA LEU A 56 -21.48 -19.20 -4.46
C LEU A 56 -20.55 -20.13 -3.69
N PHE A 57 -19.51 -19.58 -3.05
CA PHE A 57 -18.63 -20.41 -2.22
C PHE A 57 -19.41 -21.11 -1.13
N LEU A 58 -20.24 -20.38 -0.39
CA LEU A 58 -20.97 -20.97 0.72
C LEU A 58 -21.96 -22.03 0.26
N GLU A 59 -22.59 -21.82 -0.91
CA GLU A 59 -23.50 -22.82 -1.44
C GLU A 59 -22.77 -24.12 -1.74
N ALA A 60 -21.63 -24.03 -2.44
CA ALA A 60 -20.87 -25.24 -2.76
C ALA A 60 -20.34 -25.91 -1.51
N ASP A 61 -19.93 -25.12 -0.51
CA ASP A 61 -19.42 -25.70 0.73
C ASP A 61 -20.50 -26.49 1.45
N ASN A 62 -21.74 -26.00 1.40
CA ASN A 62 -22.87 -26.71 2.00
C ASN A 62 -24.16 -26.13 1.45
N PRO A 63 -24.81 -26.80 0.49
CA PRO A 63 -26.03 -26.25 -0.11
C PRO A 63 -27.26 -26.34 0.79
N GLU A 64 -27.14 -26.89 1.99
CA GLU A 64 -28.29 -27.09 2.85
C GLU A 64 -28.43 -26.01 3.92
N LYS A 65 -27.33 -25.54 4.48
CA LYS A 65 -27.41 -24.61 5.61
C LYS A 65 -27.66 -23.18 5.15
N ASP A 66 -28.43 -22.46 5.96
CA ASP A 66 -28.74 -21.05 5.72
C ASP A 66 -27.48 -20.21 5.59
N ILE A 67 -27.60 -19.14 4.80
CA ILE A 67 -26.58 -18.11 4.68
C ILE A 67 -27.16 -16.82 5.26
N TYR A 68 -26.31 -16.01 5.88
CA TYR A 68 -26.73 -14.76 6.50
C TYR A 68 -26.00 -13.58 5.89
N ILE A 69 -26.76 -12.58 5.44
CA ILE A 69 -26.22 -11.31 4.97
C ILE A 69 -26.63 -10.21 5.93
N TYR A 70 -25.65 -9.60 6.57
CA TYR A 70 -25.87 -8.43 7.41
C TYR A 70 -25.68 -7.18 6.55
N ILE A 71 -26.70 -6.32 6.52
CA ILE A 71 -26.77 -5.21 5.58
C ILE A 71 -26.69 -3.89 6.34
N ASN A 72 -25.67 -3.09 6.02
CA ASN A 72 -25.58 -1.69 6.47
C ASN A 72 -25.12 -0.89 5.26
N SER A 73 -26.07 -0.35 4.51
CA SER A 73 -25.74 0.23 3.22
C SER A 73 -26.69 1.35 2.83
N PRO A 74 -26.19 2.44 2.26
CA PRO A 74 -27.06 3.48 1.71
C PRO A 74 -27.58 3.18 0.31
N GLY A 75 -27.28 2.01 -0.23
CA GLY A 75 -27.68 1.65 -1.59
C GLY A 75 -26.56 1.86 -2.59
N GLY A 76 -26.96 2.04 -3.84
CA GLY A 76 -25.99 2.29 -4.88
C GLY A 76 -26.49 1.78 -6.23
N VAL A 77 -25.58 1.16 -6.98
CA VAL A 77 -25.80 0.86 -8.39
C VAL A 77 -26.83 -0.26 -8.53
N VAL A 78 -27.84 -0.02 -9.37
CA VAL A 78 -29.00 -0.92 -9.46
C VAL A 78 -28.59 -2.28 -10.02
N THR A 79 -27.87 -2.30 -11.14
CA THR A 79 -27.52 -3.57 -11.76
C THR A 79 -26.58 -4.38 -10.89
N ALA A 80 -25.70 -3.72 -10.12
CA ALA A 80 -24.87 -4.43 -9.17
C ALA A 80 -25.71 -5.09 -8.09
N GLY A 81 -26.70 -4.36 -7.55
CA GLY A 81 -27.62 -4.96 -6.61
C GLY A 81 -28.42 -6.10 -7.20
N MET A 82 -28.84 -5.95 -8.46
CA MET A 82 -29.58 -7.02 -9.12
C MET A 82 -28.74 -8.27 -9.28
N ALA A 83 -27.43 -8.12 -9.50
CA ALA A 83 -26.55 -9.29 -9.52
C ALA A 83 -26.61 -10.04 -8.20
N ILE A 84 -26.62 -9.32 -7.08
CA ILE A 84 -26.75 -9.96 -5.78
C ILE A 84 -28.13 -10.59 -5.63
N TYR A 85 -29.18 -9.85 -6.00
CA TYR A 85 -30.54 -10.37 -5.90
C TYR A 85 -30.68 -11.70 -6.64
N ASP A 86 -30.24 -11.74 -7.91
CA ASP A 86 -30.40 -12.96 -8.70
C ASP A 86 -29.63 -14.12 -8.09
N THR A 87 -28.45 -13.85 -7.55
CA THR A 87 -27.66 -14.91 -6.91
C THR A 87 -28.34 -15.42 -5.64
N MET A 88 -28.88 -14.50 -4.82
CA MET A 88 -29.62 -14.92 -3.63
C MET A 88 -30.77 -15.84 -4.00
N GLN A 89 -31.52 -15.49 -5.05
CA GLN A 89 -32.70 -16.28 -5.42
C GLN A 89 -32.32 -17.62 -6.02
N TYR A 90 -31.21 -17.68 -6.77
CA TYR A 90 -30.87 -18.91 -7.48
C TYR A 90 -30.34 -19.99 -6.55
N ILE A 91 -29.43 -19.64 -5.64
CA ILE A 91 -28.73 -20.65 -4.86
C ILE A 91 -29.69 -21.41 -3.96
N LYS A 92 -29.32 -22.67 -3.68
CA LYS A 92 -30.20 -23.54 -2.88
C LYS A 92 -30.39 -23.02 -1.46
N PRO A 93 -29.35 -22.66 -0.69
CA PRO A 93 -29.57 -22.24 0.70
C PRO A 93 -30.51 -21.06 0.82
N ASP A 94 -31.32 -21.07 1.87
CA ASP A 94 -32.02 -19.87 2.30
C ASP A 94 -31.00 -18.79 2.64
N VAL A 95 -31.26 -17.57 2.19
CA VAL A 95 -30.40 -16.43 2.50
C VAL A 95 -31.18 -15.51 3.44
N SER A 96 -30.79 -15.51 4.70
CA SER A 96 -31.39 -14.65 5.71
C SER A 96 -30.72 -13.28 5.69
N THR A 97 -31.52 -12.23 5.89
CA THR A 97 -31.03 -10.86 5.84
C THR A 97 -31.31 -10.16 7.16
N ILE A 98 -30.32 -9.39 7.62
CA ILE A 98 -30.41 -8.65 8.88
C ILE A 98 -29.99 -7.21 8.59
N CYS A 99 -30.87 -6.26 8.87
CA CYS A 99 -30.55 -4.84 8.72
C CYS A 99 -29.90 -4.33 9.99
N VAL A 100 -28.66 -3.86 9.87
CA VAL A 100 -27.95 -3.21 10.95
C VAL A 100 -27.60 -1.81 10.50
N GLY A 101 -27.95 -0.81 11.31
CA GLY A 101 -27.71 0.57 10.90
C GLY A 101 -28.78 1.09 9.97
N GLN A 102 -28.63 0.84 8.66
CA GLN A 102 -29.63 1.28 7.71
C GLN A 102 -29.55 0.43 6.45
N ALA A 103 -30.63 0.46 5.68
CA ALA A 103 -30.68 -0.14 4.34
C ALA A 103 -31.53 0.76 3.46
N ALA A 104 -30.91 1.36 2.48
CA ALA A 104 -31.58 2.26 1.53
C ALA A 104 -31.47 1.78 0.05
N SER A 105 -32.48 2.11 -0.74
CA SER A 105 -32.53 1.77 -2.15
C SER A 105 -32.29 0.28 -2.36
N MET A 106 -31.24 -0.04 -3.10
CA MET A 106 -30.88 -1.41 -3.35
C MET A 106 -30.60 -2.20 -2.04
N GLY A 107 -30.03 -1.57 -1.03
CA GLY A 107 -29.85 -2.22 0.24
C GLY A 107 -31.23 -2.60 0.80
N ALA A 108 -32.22 -1.73 0.71
CA ALA A 108 -33.54 -2.09 1.22
C ALA A 108 -34.17 -3.20 0.41
N LEU A 109 -34.00 -3.17 -0.91
CA LEU A 109 -34.54 -4.24 -1.76
C LEU A 109 -33.94 -5.59 -1.39
N LEU A 110 -32.60 -5.65 -1.26
CA LEU A 110 -31.95 -6.91 -0.91
C LEU A 110 -32.37 -7.38 0.47
N LEU A 111 -32.49 -6.45 1.42
CA LEU A 111 -33.03 -6.79 2.75
C LEU A 111 -34.40 -7.44 2.63
N ALA A 112 -35.30 -6.83 1.88
CA ALA A 112 -36.65 -7.36 1.71
C ALA A 112 -36.67 -8.66 0.93
N SER A 113 -35.58 -9.02 0.26
CA SER A 113 -35.54 -10.18 -0.63
C SER A 113 -34.96 -11.42 0.05
N GLY A 114 -34.65 -11.35 1.33
CA GLY A 114 -34.21 -12.53 2.06
C GLY A 114 -35.31 -13.59 2.14
N ALA A 115 -34.89 -14.79 2.52
CA ALA A 115 -35.82 -15.92 2.63
C ALA A 115 -37.00 -15.54 3.53
N ALA A 116 -38.19 -15.91 3.08
CA ALA A 116 -39.42 -15.61 3.81
C ALA A 116 -39.34 -16.11 5.24
N GLY A 117 -39.72 -15.26 6.19
CA GLY A 117 -39.62 -15.57 7.59
C GLY A 117 -38.26 -15.33 8.21
N LYS A 118 -37.23 -15.06 7.40
CA LYS A 118 -35.86 -14.93 7.89
C LYS A 118 -35.27 -13.56 7.55
N ARG A 119 -36.10 -12.53 7.53
CA ARG A 119 -35.66 -11.15 7.30
C ARG A 119 -35.82 -10.36 8.59
N TYR A 120 -34.73 -9.78 9.07
CA TYR A 120 -34.69 -9.18 10.40
C TYR A 120 -34.17 -7.75 10.32
N ALA A 121 -34.61 -6.93 11.28
CA ALA A 121 -34.07 -5.60 11.49
C ALA A 121 -33.78 -5.41 12.98
N LEU A 122 -32.69 -4.70 13.28
CA LEU A 122 -32.40 -4.36 14.66
C LEU A 122 -33.22 -3.14 15.09
N PRO A 123 -33.42 -2.95 16.41
CA PRO A 123 -34.43 -1.98 16.86
C PRO A 123 -34.21 -0.56 16.38
N ASN A 124 -32.96 -0.12 16.23
CA ASN A 124 -32.68 1.24 15.81
C ASN A 124 -32.26 1.33 14.34
N SER A 125 -32.48 0.28 13.56
CA SER A 125 -32.21 0.31 12.13
CA SER A 125 -32.19 0.35 12.14
C SER A 125 -33.31 1.08 11.40
N ARG A 126 -33.01 1.51 10.18
CA ARG A 126 -33.97 2.25 9.36
C ARG A 126 -33.87 1.79 7.91
N VAL A 127 -35.01 1.83 7.22
CA VAL A 127 -35.15 1.25 5.88
C VAL A 127 -35.84 2.26 4.97
N MET A 128 -35.22 2.55 3.82
CA MET A 128 -35.78 3.44 2.81
C MET A 128 -35.75 2.75 1.45
N ILE A 129 -36.94 2.48 0.89
CA ILE A 129 -37.01 1.81 -0.40
C ILE A 129 -36.75 2.74 -1.58
N HIS A 130 -36.87 4.06 -1.38
CA HIS A 130 -36.70 5.03 -2.45
C HIS A 130 -35.42 4.77 -3.26
N GLN A 131 -35.55 4.84 -4.57
CA GLN A 131 -34.45 4.59 -5.51
C GLN A 131 -34.06 5.90 -6.19
N PRO A 132 -32.98 6.54 -5.78
CA PRO A 132 -32.57 7.79 -6.44
C PRO A 132 -32.09 7.52 -7.87
N LEU A 133 -32.15 8.60 -8.67
CA LEU A 133 -31.70 8.52 -10.07
C LEU A 133 -30.26 8.02 -10.18
N GLY A 134 -29.40 8.41 -9.24
CA GLY A 134 -27.98 8.05 -9.32
C GLY A 134 -27.73 6.57 -9.53
N GLY A 135 -28.57 5.72 -8.92
CA GLY A 135 -28.36 4.28 -9.04
C GLY A 135 -28.61 3.73 -10.43
N PHE A 136 -29.37 4.44 -11.26
CA PHE A 136 -29.72 3.95 -12.58
C PHE A 136 -28.78 4.44 -13.67
N GLN A 137 -28.06 5.53 -13.43
CA GLN A 137 -27.20 6.11 -14.44
C GLN A 137 -26.01 5.21 -14.75
N GLY A 138 -25.49 5.35 -15.96
CA GLY A 138 -24.29 4.64 -16.36
C GLY A 138 -23.11 4.92 -15.46
N GLN A 139 -22.40 3.88 -15.04
CA GLN A 139 -21.19 4.06 -14.25
C GLN A 139 -19.94 4.11 -15.11
N ALA A 140 -19.98 3.53 -16.30
CA ALA A 140 -18.88 3.62 -17.24
C ALA A 140 -18.99 4.86 -18.10
N THR A 141 -17.82 5.31 -18.53
CA THR A 141 -17.69 6.51 -19.37
C THR A 141 -18.53 6.42 -20.66
N ASP A 142 -18.54 5.27 -21.33
CA ASP A 142 -19.17 5.21 -22.64
C ASP A 142 -20.63 4.74 -22.60
N ILE A 143 -21.25 4.64 -21.43
CA ILE A 143 -22.63 4.17 -21.31
C ILE A 143 -23.51 5.29 -20.79
N ASP A 144 -24.57 5.58 -21.55
CA ASP A 144 -25.64 6.47 -21.13
C ASP A 144 -26.92 5.64 -20.98
N ILE A 145 -27.44 5.57 -19.76
CA ILE A 145 -28.66 4.80 -19.50
C ILE A 145 -29.87 5.66 -19.85
N HIS A 146 -30.65 5.21 -20.81
CA HIS A 146 -31.71 6.02 -21.41
C HIS A 146 -33.01 5.89 -20.62
N ALA A 147 -33.90 6.87 -20.84
CA ALA A 147 -35.07 7.06 -20.00
C ALA A 147 -35.92 5.80 -19.88
N ARG A 148 -36.20 5.13 -21.00
CA ARG A 148 -37.09 3.97 -20.96
C ARG A 148 -36.46 2.81 -20.19
N GLU A 149 -35.14 2.65 -20.27
CA GLU A 149 -34.49 1.63 -19.48
C GLU A 149 -34.61 1.92 -17.99
N ILE A 150 -34.55 3.21 -17.63
CA ILE A 150 -34.75 3.60 -16.24
C ILE A 150 -36.18 3.25 -15.78
N LEU A 151 -37.17 3.58 -16.61
CA LEU A 151 -38.55 3.29 -16.24
C LEU A 151 -38.79 1.78 -16.13
N THR A 152 -38.16 1.00 -17.02
CA THR A 152 -38.29 -0.44 -16.94
C THR A 152 -37.68 -0.98 -15.64
N LEU A 153 -36.48 -0.52 -15.30
CA LEU A 153 -35.84 -0.97 -14.07
C LEU A 153 -36.64 -0.56 -12.84
N ARG A 154 -37.16 0.66 -12.82
CA ARG A 154 -37.95 1.11 -11.68
C ARG A 154 -39.17 0.23 -11.48
N SER A 155 -39.87 -0.12 -12.57
CA SER A 155 -41.01 -1.02 -12.46
C SER A 155 -40.58 -2.40 -11.98
N ARG A 156 -39.46 -2.92 -12.50
CA ARG A 156 -38.99 -4.23 -12.07
C ARG A 156 -38.69 -4.25 -10.58
N LEU A 157 -38.04 -3.19 -10.07
CA LEU A 157 -37.77 -3.11 -8.64
C LEU A 157 -39.07 -3.04 -7.84
N ASN A 158 -40.03 -2.24 -8.31
CA ASN A 158 -41.32 -2.16 -7.65
C ASN A 158 -42.02 -3.51 -7.61
N GLU A 159 -41.95 -4.27 -8.70
CA GLU A 159 -42.57 -5.59 -8.73
C GLU A 159 -41.89 -6.54 -7.75
N ILE A 160 -40.57 -6.47 -7.63
CA ILE A 160 -39.85 -7.30 -6.67
C ILE A 160 -40.28 -6.96 -5.24
N LEU A 161 -40.38 -5.67 -4.92
CA LEU A 161 -40.78 -5.28 -3.57
C LEU A 161 -42.20 -5.70 -3.27
N ALA A 162 -43.12 -5.51 -4.22
CA ALA A 162 -44.50 -5.93 -4.02
C ALA A 162 -44.58 -7.43 -3.76
N LYS A 163 -43.81 -8.21 -4.51
CA LYS A 163 -43.79 -9.66 -4.34
C LYS A 163 -43.33 -10.05 -2.95
N HIS A 164 -42.22 -9.48 -2.49
CA HIS A 164 -41.63 -9.91 -1.22
C HIS A 164 -42.31 -9.28 -0.01
N THR A 165 -42.88 -8.07 -0.14
CA THR A 165 -43.55 -7.43 0.99
C THR A 165 -45.00 -7.84 1.12
N GLY A 166 -45.64 -8.25 0.03
CA GLY A 166 -47.07 -8.47 0.00
C GLY A 166 -47.91 -7.23 -0.25
N GLN A 167 -47.27 -6.07 -0.36
CA GLN A 167 -48.00 -4.86 -0.72
C GLN A 167 -48.39 -4.92 -2.19
N SER A 168 -49.39 -4.13 -2.55
CA SER A 168 -49.77 -4.03 -3.95
C SER A 168 -48.74 -3.23 -4.73
N LEU A 169 -48.68 -3.49 -6.04
CA LEU A 169 -47.78 -2.73 -6.91
C LEU A 169 -48.05 -1.24 -6.82
N GLU A 170 -49.32 -0.84 -6.79
CA GLU A 170 -49.65 0.58 -6.72
C GLU A 170 -49.16 1.20 -5.41
N THR A 171 -49.21 0.44 -4.32
CA THR A 171 -48.71 0.96 -3.05
C THR A 171 -47.20 1.18 -3.10
N ILE A 172 -46.46 0.20 -3.61
CA ILE A 172 -45.01 0.34 -3.73
C ILE A 172 -44.66 1.54 -4.60
N ALA A 173 -45.30 1.65 -5.77
CA ALA A 173 -44.98 2.72 -6.70
C ALA A 173 -45.25 4.10 -6.09
N ARG A 174 -46.33 4.24 -5.32
CA ARG A 174 -46.62 5.51 -4.65
C ARG A 174 -45.62 5.80 -3.55
N ASP A 175 -45.38 4.81 -2.67
CA ASP A 175 -44.57 5.08 -1.49
C ASP A 175 -43.10 5.30 -1.86
N THR A 176 -42.66 4.73 -2.97
CA THR A 176 -41.24 4.75 -3.32
C THR A 176 -40.72 6.12 -3.77
N GLU A 177 -41.68 6.96 -4.16
CA GLU A 177 -41.42 8.32 -4.58
C GLU A 177 -40.84 9.08 -3.40
N ARG A 178 -41.31 8.79 -2.21
CA ARG A 178 -40.92 9.51 -1.03
C ARG A 178 -39.55 9.06 -0.50
N ASP A 179 -38.68 10.01 -0.27
CA ASP A 179 -37.33 9.65 0.21
C ASP A 179 -37.28 9.74 1.74
N ASN A 180 -38.11 8.93 2.37
CA ASN A 180 -38.24 8.87 3.81
C ASN A 180 -37.83 7.49 4.31
N PHE A 181 -37.33 7.45 5.54
CA PHE A 181 -36.98 6.20 6.19
C PHE A 181 -38.16 5.67 7.00
N LYS A 182 -38.29 4.36 7.02
CA LYS A 182 -39.16 3.67 7.96
C LYS A 182 -38.34 3.17 9.14
N SER A 183 -38.91 3.27 10.34
CA SER A 183 -38.29 2.64 11.49
C SER A 183 -38.34 1.11 11.36
N ALA A 184 -37.62 0.43 12.25
CA ALA A 184 -37.62 -1.02 12.22
C ALA A 184 -39.02 -1.59 12.42
N VAL A 185 -39.77 -1.04 13.36
CA VAL A 185 -41.15 -1.49 13.59
C VAL A 185 -42.00 -1.23 12.37
N ASP A 186 -41.90 -0.04 11.79
CA ASP A 186 -42.71 0.30 10.62
C ASP A 186 -42.29 -0.52 9.40
N ALA A 187 -41.00 -0.81 9.26
CA ALA A 187 -40.56 -1.67 8.17
C ALA A 187 -41.12 -3.07 8.32
N GLN A 188 -41.21 -3.56 9.56
CA GLN A 188 -41.79 -4.87 9.81
C GLN A 188 -43.28 -4.89 9.44
N ALA A 189 -44.01 -3.84 9.85
CA ALA A 189 -45.43 -3.78 9.54
C ALA A 189 -45.68 -3.70 8.04
N TYR A 190 -44.77 -3.06 7.31
CA TYR A 190 -44.90 -2.89 5.86
C TYR A 190 -44.59 -4.17 5.10
N GLY A 191 -43.96 -5.15 5.74
CA GLY A 191 -43.55 -6.37 5.08
C GLY A 191 -42.13 -6.36 4.53
N LEU A 192 -41.32 -5.37 4.88
CA LEU A 192 -39.94 -5.33 4.42
C LEU A 192 -39.05 -6.28 5.20
N VAL A 193 -39.34 -6.49 6.49
CA VAL A 193 -38.70 -7.52 7.29
C VAL A 193 -39.79 -8.29 8.01
N ASP A 194 -39.42 -9.48 8.50
CA ASP A 194 -40.36 -10.33 9.21
C ASP A 194 -40.39 -10.07 10.72
N GLN A 195 -39.26 -9.68 11.31
CA GLN A 195 -39.18 -9.55 12.76
C GLN A 195 -38.13 -8.52 13.14
N VAL A 196 -38.45 -7.72 14.15
CA VAL A 196 -37.47 -6.84 14.78
C VAL A 196 -36.81 -7.61 15.92
N LEU A 197 -35.51 -7.75 15.86
CA LEU A 197 -34.75 -8.41 16.92
C LEU A 197 -34.62 -7.48 18.14
N GLU A 198 -35.56 -7.61 19.03
CA GLU A 198 -35.64 -6.74 20.16
C GLU A 198 -34.93 -7.27 21.30
N ARG A 199 -35.01 -8.58 21.50
CA ARG A 199 -34.32 -9.23 22.59
C ARG A 199 -33.86 -10.65 22.25
N ARG A 200 -32.72 -11.07 22.82
CA ARG A 200 -32.14 -12.42 22.55
C ARG A 200 -32.79 -13.60 23.30
N PRO A 201 -33.47 -14.51 22.63
CA PRO A 201 -34.06 -15.64 23.33
C PRO A 201 -33.15 -16.86 23.20
N LEU B 10 1.86 3.18 12.18
CA LEU B 10 2.61 2.04 12.67
C LEU B 10 1.87 1.33 13.81
N VAL B 11 1.53 0.07 13.59
CA VAL B 11 0.93 -0.78 14.61
C VAL B 11 1.94 -1.87 14.97
N PRO B 12 2.27 -2.05 16.25
CA PRO B 12 3.26 -3.06 16.61
C PRO B 12 2.68 -4.46 16.56
N MET B 13 3.57 -5.43 16.39
CA MET B 13 3.20 -6.83 16.38
C MET B 13 3.61 -7.50 17.69
N VAL B 14 3.10 -8.72 17.89
CA VAL B 14 3.50 -9.53 19.04
C VAL B 14 3.70 -10.98 18.60
N ARG B 23 3.22 -16.79 13.06
CA ARG B 23 2.37 -15.64 12.75
C ARG B 23 2.54 -14.53 13.77
N ALA B 24 2.32 -13.30 13.33
CA ALA B 24 2.34 -12.13 14.19
C ALA B 24 0.95 -11.53 14.28
N TYR B 25 0.47 -11.31 15.50
CA TYR B 25 -0.66 -10.41 15.72
C TYR B 25 -0.21 -8.96 15.69
N ASP B 26 -1.11 -8.09 15.23
CA ASP B 26 -1.01 -6.69 15.62
C ASP B 26 -1.52 -6.54 17.06
N ILE B 27 -1.12 -5.42 17.70
CA ILE B 27 -1.39 -5.26 19.13
C ILE B 27 -2.88 -5.29 19.43
N TYR B 28 -3.70 -4.74 18.53
CA TYR B 28 -5.15 -4.74 18.76
C TYR B 28 -5.71 -6.15 18.69
N SER B 29 -5.23 -6.94 17.73
CA SER B 29 -5.66 -8.34 17.62
C SER B 29 -5.27 -9.15 18.85
N ARG B 30 -4.09 -8.86 19.44
CA ARG B 30 -3.68 -9.54 20.68
C ARG B 30 -4.69 -9.28 21.78
N LEU B 31 -5.11 -8.03 21.91
CA LEU B 31 -6.06 -7.65 22.95
C LEU B 31 -7.47 -8.16 22.66
N LEU B 32 -7.84 -8.31 21.39
CA LEU B 32 -9.12 -8.91 21.06
C LEU B 32 -9.21 -10.35 21.57
N LYS B 33 -8.08 -11.07 21.60
CA LYS B 33 -8.06 -12.40 22.17
C LYS B 33 -8.48 -12.41 23.64
N GLU B 34 -8.25 -11.30 24.34
CA GLU B 34 -8.69 -11.14 25.72
C GLU B 34 -10.00 -10.38 25.83
N ARG B 35 -10.80 -10.36 24.76
CA ARG B 35 -12.15 -9.78 24.75
C ARG B 35 -12.12 -8.27 24.96
N LEU B 36 -11.08 -7.62 24.45
CA LEU B 36 -10.92 -6.17 24.50
C LEU B 36 -11.12 -5.59 23.10
N ILE B 37 -12.07 -4.66 22.99
CA ILE B 37 -12.35 -3.98 21.73
C ILE B 37 -12.04 -2.50 21.92
N PHE B 38 -11.39 -1.90 20.91
CA PHE B 38 -11.07 -0.48 20.92
C PHE B 38 -12.01 0.27 19.99
N LEU B 39 -12.74 1.23 20.55
CA LEU B 39 -13.58 2.15 19.78
C LEU B 39 -12.86 3.50 19.84
N VAL B 40 -12.09 3.80 18.79
CA VAL B 40 -11.20 4.95 18.78
C VAL B 40 -11.38 5.72 17.47
N GLY B 41 -11.33 7.05 17.58
CA GLY B 41 -11.46 7.90 16.41
C GLY B 41 -12.90 8.19 16.06
N PRO B 42 -13.11 8.92 14.97
CA PRO B 42 -14.47 9.25 14.55
C PRO B 42 -15.27 8.00 14.21
N ILE B 43 -16.55 8.01 14.59
CA ILE B 43 -17.43 6.89 14.32
C ILE B 43 -18.00 7.02 12.91
N ASP B 44 -17.82 5.98 12.10
CA ASP B 44 -18.41 5.92 10.77
C ASP B 44 -18.78 4.46 10.49
N ASP B 45 -19.36 4.24 9.30
CA ASP B 45 -19.80 2.90 8.94
C ASP B 45 -18.66 1.89 8.97
N HIS B 46 -17.48 2.27 8.47
CA HIS B 46 -16.38 1.31 8.38
C HIS B 46 -15.98 0.81 9.76
N MET B 47 -15.76 1.72 10.71
CA MET B 47 -15.32 1.29 12.03
C MET B 47 -16.45 0.68 12.85
N ALA B 48 -17.69 1.12 12.62
CA ALA B 48 -18.82 0.53 13.34
C ALA B 48 -19.02 -0.93 12.95
N ASN B 49 -18.93 -1.24 11.65
CA ASN B 49 -19.11 -2.62 11.22
C ASN B 49 -17.98 -3.52 11.74
N VAL B 50 -16.77 -2.98 11.83
CA VAL B 50 -15.66 -3.73 12.42
C VAL B 50 -15.92 -4.03 13.88
N ILE B 51 -16.50 -3.07 14.60
CA ILE B 51 -16.81 -3.29 16.01
C ILE B 51 -17.96 -4.29 16.15
N VAL B 52 -18.99 -4.17 15.30
CA VAL B 52 -20.07 -5.14 15.30
C VAL B 52 -19.51 -6.54 15.06
N ALA B 53 -18.63 -6.68 14.08
CA ALA B 53 -18.03 -7.98 13.77
C ALA B 53 -17.27 -8.52 14.98
N GLN B 54 -16.52 -7.66 15.67
CA GLN B 54 -15.79 -8.10 16.85
C GLN B 54 -16.73 -8.54 17.96
N LEU B 55 -17.81 -7.78 18.19
CA LEU B 55 -18.77 -8.14 19.23
C LEU B 55 -19.39 -9.50 18.95
N LEU B 56 -19.80 -9.74 17.69
CA LEU B 56 -20.43 -11.02 17.36
C LEU B 56 -19.44 -12.16 17.46
N PHE B 57 -18.19 -11.95 17.03
CA PHE B 57 -17.17 -12.98 17.17
C PHE B 57 -16.99 -13.36 18.63
N LEU B 58 -16.85 -12.37 19.52
CA LEU B 58 -16.60 -12.66 20.92
C LEU B 58 -17.79 -13.36 21.57
N GLU B 59 -19.01 -12.99 21.17
CA GLU B 59 -20.18 -13.68 21.69
C GLU B 59 -20.17 -15.16 21.31
N ALA B 60 -19.92 -15.44 20.04
CA ALA B 60 -19.88 -16.83 19.58
C ALA B 60 -18.74 -17.60 20.25
N ASP B 61 -17.59 -16.95 20.45
CA ASP B 61 -16.46 -17.63 21.09
C ASP B 61 -16.78 -17.99 22.53
N ASN B 62 -17.51 -17.13 23.23
CA ASN B 62 -17.92 -17.40 24.61
C ASN B 62 -19.06 -16.47 24.99
N PRO B 63 -20.31 -16.94 24.97
CA PRO B 63 -21.44 -16.05 25.26
C PRO B 63 -21.59 -15.70 26.74
N GLU B 64 -20.72 -16.21 27.60
CA GLU B 64 -20.84 -16.01 29.05
C GLU B 64 -19.92 -14.92 29.57
N LYS B 65 -18.72 -14.80 29.01
CA LYS B 65 -17.72 -13.87 29.54
C LYS B 65 -17.98 -12.43 29.09
N ASP B 66 -17.71 -11.49 29.98
CA ASP B 66 -17.83 -10.07 29.70
C ASP B 66 -16.97 -9.66 28.50
N ILE B 67 -17.44 -8.65 27.79
CA ILE B 67 -16.69 -7.99 26.73
C ILE B 67 -16.40 -6.57 27.19
N TYR B 68 -15.24 -6.05 26.79
CA TYR B 68 -14.81 -4.70 27.18
C TYR B 68 -14.58 -3.85 25.94
N ILE B 69 -15.22 -2.68 25.91
CA ILE B 69 -15.00 -1.68 24.87
C ILE B 69 -14.35 -0.48 25.52
N TYR B 70 -13.11 -0.18 25.10
CA TYR B 70 -12.42 1.03 25.54
C TYR B 70 -12.70 2.13 24.52
N ILE B 71 -13.21 3.26 24.99
CA ILE B 71 -13.76 4.30 24.12
C ILE B 71 -12.91 5.55 24.23
N ASN B 72 -12.34 5.98 23.10
CA ASN B 72 -11.68 7.29 22.96
C ASN B 72 -12.13 7.84 21.61
N SER B 73 -13.22 8.63 21.63
CA SER B 73 -13.82 9.01 20.36
C SER B 73 -14.54 10.36 20.47
N PRO B 74 -14.42 11.20 19.44
CA PRO B 74 -15.22 12.44 19.40
C PRO B 74 -16.63 12.24 18.88
N GLY B 75 -17.04 11.01 18.62
CA GLY B 75 -18.34 10.73 18.06
C GLY B 75 -18.31 10.54 16.56
N GLY B 76 -19.44 10.80 15.93
CA GLY B 76 -19.53 10.69 14.49
C GLY B 76 -20.94 10.32 14.04
N VAL B 77 -21.01 9.41 13.07
CA VAL B 77 -22.25 9.15 12.35
C VAL B 77 -23.24 8.42 13.25
N VAL B 78 -24.47 8.94 13.31
CA VAL B 78 -25.44 8.46 14.29
C VAL B 78 -25.87 7.03 13.98
N THR B 79 -26.25 6.75 12.72
CA THR B 79 -26.73 5.40 12.41
C THR B 79 -25.63 4.35 12.56
N ALA B 80 -24.38 4.73 12.30
CA ALA B 80 -23.26 3.82 12.56
C ALA B 80 -23.15 3.52 14.05
N GLY B 81 -23.23 4.57 14.88
CA GLY B 81 -23.24 4.35 16.32
C GLY B 81 -24.40 3.51 16.79
N MET B 82 -25.58 3.72 16.20
CA MET B 82 -26.75 2.93 16.55
C MET B 82 -26.55 1.45 16.22
N ALA B 83 -25.84 1.16 15.13
CA ALA B 83 -25.50 -0.24 14.83
C ALA B 83 -24.70 -0.86 15.96
N ILE B 84 -23.75 -0.11 16.53
CA ILE B 84 -22.99 -0.61 17.67
C ILE B 84 -23.88 -0.77 18.88
N TYR B 85 -24.72 0.23 19.17
CA TYR B 85 -25.63 0.17 20.30
C TYR B 85 -26.51 -1.09 20.25
N ASP B 86 -27.16 -1.32 19.10
CA ASP B 86 -28.09 -2.46 18.99
C ASP B 86 -27.36 -3.78 19.17
N THR B 87 -26.13 -3.88 18.65
CA THR B 87 -25.35 -5.10 18.82
C THR B 87 -24.96 -5.30 20.27
N MET B 88 -24.53 -4.23 20.96
CA MET B 88 -24.20 -4.32 22.37
C MET B 88 -25.39 -4.82 23.19
N GLN B 89 -26.58 -4.31 22.90
CA GLN B 89 -27.76 -4.68 23.67
C GLN B 89 -28.22 -6.11 23.38
N TYR B 90 -28.07 -6.56 22.13
CA TYR B 90 -28.63 -7.85 21.75
C TYR B 90 -27.81 -9.01 22.31
N ILE B 91 -26.48 -8.95 22.19
CA ILE B 91 -25.66 -10.10 22.50
C ILE B 91 -25.75 -10.45 23.99
N LYS B 92 -25.57 -11.74 24.29
CA LYS B 92 -25.70 -12.21 25.67
C LYS B 92 -24.65 -11.61 26.60
N PRO B 93 -23.35 -11.60 26.28
CA PRO B 93 -22.37 -11.09 27.23
C PRO B 93 -22.65 -9.66 27.67
N ASP B 94 -22.39 -9.39 28.96
CA ASP B 94 -22.29 -8.01 29.41
C ASP B 94 -21.18 -7.30 28.64
N VAL B 95 -21.47 -6.08 28.21
CA VAL B 95 -20.49 -5.26 27.51
C VAL B 95 -20.12 -4.11 28.43
N SER B 96 -18.91 -4.17 28.99
CA SER B 96 -18.39 -3.12 29.85
C SER B 96 -17.72 -2.05 29.00
N THR B 97 -17.89 -0.79 29.41
CA THR B 97 -17.35 0.35 28.68
C THR B 97 -16.43 1.16 29.58
N ILE B 98 -15.30 1.59 29.03
CA ILE B 98 -14.31 2.39 29.75
C ILE B 98 -13.96 3.59 28.88
N CYS B 99 -14.19 4.79 29.42
CA CYS B 99 -13.84 6.02 28.71
C CYS B 99 -12.39 6.36 29.02
N VAL B 100 -11.57 6.41 27.97
CA VAL B 100 -10.18 6.86 28.04
C VAL B 100 -10.05 8.05 27.10
N GLY B 101 -9.50 9.15 27.61
CA GLY B 101 -9.40 10.34 26.78
C GLY B 101 -10.68 11.14 26.75
N GLN B 102 -11.59 10.79 25.85
CA GLN B 102 -12.87 11.48 25.78
C GLN B 102 -13.91 10.59 25.11
N ALA B 103 -15.18 10.94 25.32
CA ALA B 103 -16.30 10.32 24.63
C ALA B 103 -17.32 11.41 24.37
N ALA B 104 -17.52 11.76 23.12
CA ALA B 104 -18.48 12.78 22.74
C ALA B 104 -19.58 12.26 21.80
N SER B 105 -20.74 12.88 21.85
CA SER B 105 -21.87 12.53 20.99
C SER B 105 -22.16 11.00 21.04
N MET B 106 -22.07 10.32 19.91
CA MET B 106 -22.30 8.90 19.84
C MET B 106 -21.30 8.12 20.77
N GLY B 107 -20.07 8.57 20.88
CA GLY B 107 -19.13 7.96 21.79
C GLY B 107 -19.66 8.04 23.22
N ALA B 108 -20.24 9.18 23.61
CA ALA B 108 -20.77 9.29 24.96
C ALA B 108 -21.99 8.39 25.16
N LEU B 109 -22.85 8.31 24.14
CA LEU B 109 -24.03 7.44 24.24
C LEU B 109 -23.62 5.99 24.44
N LEU B 110 -22.68 5.50 23.62
CA LEU B 110 -22.23 4.12 23.74
C LEU B 110 -21.56 3.86 25.09
N LEU B 111 -20.78 4.83 25.58
CA LEU B 111 -20.22 4.73 26.92
C LEU B 111 -21.32 4.53 27.97
N ALA B 112 -22.35 5.37 27.92
CA ALA B 112 -23.45 5.29 28.87
C ALA B 112 -24.30 4.04 28.70
N SER B 113 -24.14 3.33 27.57
CA SER B 113 -24.99 2.19 27.25
C SER B 113 -24.36 0.85 27.62
N GLY B 114 -23.20 0.86 28.25
CA GLY B 114 -22.61 -0.37 28.74
C GLY B 114 -23.46 -1.03 29.80
N ALA B 115 -23.13 -2.28 30.10
CA ALA B 115 -23.85 -3.04 31.12
C ALA B 115 -23.89 -2.27 32.43
N ALA B 116 -25.07 -2.26 33.05
CA ALA B 116 -25.27 -1.55 34.31
C ALA B 116 -24.25 -2.01 35.34
N GLY B 117 -23.64 -1.04 36.02
CA GLY B 117 -22.60 -1.32 36.98
C GLY B 117 -21.21 -1.48 36.39
N LYS B 118 -21.07 -1.58 35.07
CA LYS B 118 -19.79 -1.85 34.43
C LYS B 118 -19.38 -0.77 33.44
N ARG B 119 -19.76 0.48 33.73
CA ARG B 119 -19.40 1.63 32.91
C ARG B 119 -18.40 2.47 33.70
N TYR B 120 -17.22 2.69 33.13
CA TYR B 120 -16.11 3.31 33.85
C TYR B 120 -15.57 4.49 33.08
N ALA B 121 -14.99 5.43 33.82
CA ALA B 121 -14.23 6.54 33.26
C ALA B 121 -12.92 6.69 34.01
N LEU B 122 -11.86 7.04 33.29
CA LEU B 122 -10.59 7.33 33.92
C LEU B 122 -10.58 8.75 34.45
N PRO B 123 -9.70 9.06 35.41
CA PRO B 123 -9.86 10.33 36.16
C PRO B 123 -9.82 11.59 35.30
N ASN B 124 -9.05 11.61 34.21
CA ASN B 124 -8.95 12.80 33.37
C ASN B 124 -9.74 12.68 32.07
N SER B 125 -10.64 11.70 31.96
CA SER B 125 -11.47 11.61 30.77
C SER B 125 -12.65 12.59 30.86
N ARG B 126 -13.22 12.90 29.69
CA ARG B 126 -14.29 13.88 29.60
C ARG B 126 -15.38 13.36 28.68
N VAL B 127 -16.62 13.72 29.00
CA VAL B 127 -17.80 13.16 28.36
C VAL B 127 -18.74 14.30 27.95
N MET B 128 -19.11 14.32 26.67
CA MET B 128 -20.06 15.30 26.13
C MET B 128 -21.17 14.57 25.40
N ILE B 129 -22.40 14.69 25.89
CA ILE B 129 -23.53 14.01 25.25
C ILE B 129 -24.03 14.76 24.03
N HIS B 130 -23.72 16.06 23.91
CA HIS B 130 -24.19 16.87 22.79
C HIS B 130 -24.00 16.18 21.45
N GLN B 131 -25.04 16.25 20.61
CA GLN B 131 -25.05 15.63 19.29
C GLN B 131 -25.05 16.72 18.21
N PRO B 132 -23.92 16.99 17.57
CA PRO B 132 -23.91 18.01 16.50
C PRO B 132 -24.66 17.53 15.27
N LEU B 133 -25.08 18.51 14.47
CA LEU B 133 -25.81 18.22 13.22
C LEU B 133 -25.05 17.27 12.31
N GLY B 134 -23.73 17.41 12.24
CA GLY B 134 -22.93 16.60 11.31
C GLY B 134 -23.21 15.12 11.39
N GLY B 135 -23.47 14.60 12.59
CA GLY B 135 -23.69 13.18 12.75
C GLY B 135 -24.99 12.67 12.13
N PHE B 136 -25.95 13.56 11.90
CA PHE B 136 -27.25 13.16 11.37
C PHE B 136 -27.34 13.28 9.85
N GLN B 137 -26.49 14.08 9.23
CA GLN B 137 -26.57 14.31 7.80
C GLN B 137 -26.20 13.07 7.00
N GLY B 138 -26.73 12.98 5.78
CA GLY B 138 -26.40 11.92 4.87
C GLY B 138 -24.91 11.84 4.58
N GLN B 139 -24.36 10.63 4.65
CA GLN B 139 -22.97 10.41 4.28
C GLN B 139 -22.81 9.96 2.84
N ALA B 140 -23.85 9.37 2.26
CA ALA B 140 -23.84 8.95 0.86
C ALA B 140 -24.21 10.10 -0.07
N THR B 141 -23.69 10.04 -1.30
CA THR B 141 -23.90 11.10 -2.26
C THR B 141 -25.40 11.35 -2.53
N ASP B 142 -26.19 10.29 -2.64
CA ASP B 142 -27.58 10.39 -3.06
C ASP B 142 -28.59 10.46 -1.91
N ILE B 143 -28.14 10.63 -0.67
CA ILE B 143 -29.04 10.63 0.48
C ILE B 143 -29.05 12.00 1.13
N ASP B 144 -30.25 12.58 1.27
CA ASP B 144 -30.48 13.79 2.05
C ASP B 144 -31.34 13.45 3.26
N ILE B 145 -30.78 13.61 4.45
CA ILE B 145 -31.51 13.31 5.69
C ILE B 145 -32.36 14.52 6.06
N HIS B 146 -33.67 14.33 6.09
CA HIS B 146 -34.61 15.44 6.22
C HIS B 146 -34.86 15.79 7.69
N ALA B 147 -35.37 17.01 7.89
CA ALA B 147 -35.47 17.60 9.22
C ALA B 147 -36.22 16.70 10.20
N ARG B 148 -37.35 16.14 9.78
CA ARG B 148 -38.16 15.34 10.69
C ARG B 148 -37.43 14.07 11.11
N GLU B 149 -36.65 13.47 10.20
CA GLU B 149 -35.85 12.31 10.56
C GLU B 149 -34.77 12.68 11.57
N ILE B 150 -34.19 13.87 11.45
CA ILE B 150 -33.21 14.34 12.42
C ILE B 150 -33.85 14.48 13.80
N LEU B 151 -35.03 15.10 13.86
CA LEU B 151 -35.70 15.29 15.13
C LEU B 151 -36.10 13.94 15.76
N THR B 152 -36.51 12.99 14.93
CA THR B 152 -36.84 11.66 15.44
C THR B 152 -35.61 10.99 16.04
N LEU B 153 -34.48 11.04 15.33
CA LEU B 153 -33.24 10.44 15.84
C LEU B 153 -32.79 11.13 17.12
N ARG B 154 -32.87 12.46 17.17
CA ARG B 154 -32.49 13.17 18.38
C ARG B 154 -33.33 12.72 19.57
N SER B 155 -34.63 12.55 19.36
CA SER B 155 -35.50 12.06 20.43
C SER B 155 -35.12 10.64 20.84
N ARG B 156 -34.86 9.78 19.86
CA ARG B 156 -34.47 8.40 20.17
C ARG B 156 -33.20 8.36 21.00
N LEU B 157 -32.21 9.17 20.64
CA LEU B 157 -30.97 9.24 21.41
C LEU B 157 -31.22 9.73 22.83
N ASN B 158 -32.04 10.78 22.98
CA ASN B 158 -32.36 11.29 24.31
C ASN B 158 -33.03 10.23 25.17
N GLU B 159 -33.93 9.44 24.58
CA GLU B 159 -34.60 8.38 25.34
C GLU B 159 -33.61 7.32 25.77
N ILE B 160 -32.65 6.97 24.91
CA ILE B 160 -31.63 6.00 25.28
C ILE B 160 -30.79 6.53 26.45
N LEU B 161 -30.40 7.80 26.38
CA LEU B 161 -29.60 8.37 27.46
C LEU B 161 -30.40 8.43 28.76
N ALA B 162 -31.66 8.86 28.70
CA ALA B 162 -32.49 8.90 29.90
C ALA B 162 -32.62 7.52 30.53
N LYS B 163 -32.82 6.49 29.70
CA LYS B 163 -33.00 5.14 30.21
C LYS B 163 -31.75 4.64 30.92
N HIS B 164 -30.57 4.82 30.31
CA HIS B 164 -29.34 4.28 30.88
C HIS B 164 -28.76 5.15 32.00
N THR B 165 -29.01 6.46 31.98
CA THR B 165 -28.49 7.32 33.03
C THR B 165 -29.41 7.41 34.24
N GLY B 166 -30.71 7.18 34.05
CA GLY B 166 -31.68 7.43 35.10
C GLY B 166 -32.16 8.85 35.18
N GLN B 167 -31.61 9.76 34.37
CA GLN B 167 -32.12 11.11 34.32
C GLN B 167 -33.46 11.14 33.60
N SER B 168 -34.22 12.21 33.85
CA SER B 168 -35.48 12.37 33.15
C SER B 168 -35.22 12.78 31.71
N LEU B 169 -36.20 12.48 30.85
CA LEU B 169 -36.12 12.88 29.45
C LEU B 169 -35.93 14.39 29.33
N GLU B 170 -36.65 15.15 30.17
CA GLU B 170 -36.55 16.61 30.13
C GLU B 170 -35.14 17.08 30.50
N THR B 171 -34.51 16.39 31.46
CA THR B 171 -33.14 16.76 31.84
C THR B 171 -32.17 16.51 30.71
N ILE B 172 -32.25 15.34 30.07
CA ILE B 172 -31.38 15.02 28.94
C ILE B 172 -31.56 16.03 27.82
N ALA B 173 -32.82 16.34 27.48
CA ALA B 173 -33.07 17.25 26.37
C ALA B 173 -32.48 18.63 26.62
N ARG B 174 -32.57 19.11 27.86
CA ARG B 174 -31.98 20.40 28.21
C ARG B 174 -30.45 20.35 28.17
N ASP B 175 -29.85 19.32 28.78
CA ASP B 175 -28.40 19.29 28.90
C ASP B 175 -27.71 18.97 27.59
N THR B 176 -28.34 18.17 26.73
CA THR B 176 -27.71 17.82 25.46
C THR B 176 -27.61 19.00 24.53
N GLU B 177 -28.34 20.08 24.78
CA GLU B 177 -28.28 21.27 23.98
C GLU B 177 -26.93 21.98 24.02
N ARG B 178 -26.27 21.93 25.15
CA ARG B 178 -25.02 22.57 25.36
C ARG B 178 -23.83 21.73 24.96
N ASP B 179 -22.94 22.29 24.18
CA ASP B 179 -21.73 21.60 23.76
C ASP B 179 -20.58 21.79 24.74
N ASN B 180 -20.76 21.20 25.90
CA ASN B 180 -19.84 21.25 27.01
C ASN B 180 -19.49 19.86 27.49
N PHE B 181 -18.28 19.71 27.99
CA PHE B 181 -17.80 18.44 28.53
C PHE B 181 -18.09 18.33 30.02
N LYS B 182 -18.42 17.13 30.46
CA LYS B 182 -18.43 16.80 31.87
C LYS B 182 -17.13 16.10 32.25
N SER B 183 -16.62 16.42 33.44
CA SER B 183 -15.49 15.68 33.97
C SER B 183 -15.91 14.25 34.31
N ALA B 184 -14.92 13.41 34.60
CA ALA B 184 -15.20 12.02 34.96
C ALA B 184 -16.08 11.95 36.20
N VAL B 185 -15.78 12.76 37.22
CA VAL B 185 -16.59 12.79 38.44
C VAL B 185 -18.00 13.26 38.12
N ASP B 186 -18.13 14.33 37.33
CA ASP B 186 -19.45 14.85 36.99
C ASP B 186 -20.22 13.87 36.11
N ALA B 187 -19.52 13.16 35.22
CA ALA B 187 -20.19 12.14 34.42
C ALA B 187 -20.70 11.01 35.30
N GLN B 188 -19.94 10.63 36.32
CA GLN B 188 -20.38 9.59 37.25
C GLN B 188 -21.62 10.05 38.02
N ALA B 189 -21.60 11.29 38.53
CA ALA B 189 -22.75 11.80 39.26
C ALA B 189 -23.98 11.90 38.38
N TYR B 190 -23.79 12.16 37.09
CA TYR B 190 -24.89 12.30 36.15
C TYR B 190 -25.49 10.95 35.75
N GLY B 191 -24.79 9.85 36.00
CA GLY B 191 -25.24 8.54 35.60
C GLY B 191 -24.72 8.07 34.26
N LEU B 192 -23.76 8.78 33.66
CA LEU B 192 -23.19 8.36 32.38
C LEU B 192 -22.21 7.21 32.55
N VAL B 193 -21.51 7.16 33.68
CA VAL B 193 -20.70 6.01 34.07
C VAL B 193 -21.06 5.66 35.51
N ASP B 194 -20.69 4.45 35.92
CA ASP B 194 -20.96 4.00 37.27
C ASP B 194 -19.84 4.33 38.25
N GLN B 195 -18.59 4.36 37.77
CA GLN B 195 -17.44 4.52 38.65
C GLN B 195 -16.28 5.17 37.92
N VAL B 196 -15.57 6.05 38.61
CA VAL B 196 -14.29 6.58 38.15
C VAL B 196 -13.19 5.68 38.68
N LEU B 197 -12.42 5.09 37.78
CA LEU B 197 -11.32 4.20 38.18
C LEU B 197 -10.13 5.01 38.65
N GLU B 198 -9.84 4.93 39.95
CA GLU B 198 -8.66 5.54 40.55
C GLU B 198 -7.97 4.50 41.40
N ARG B 199 -6.68 4.27 41.13
CA ARG B 199 -5.89 3.25 41.84
C ARG B 199 -6.52 1.87 41.70
N LEU C 10 12.45 2.41 6.33
CA LEU C 10 12.80 1.07 6.80
C LEU C 10 11.93 0.62 7.96
N VAL C 11 11.25 -0.51 7.79
CA VAL C 11 10.54 -1.18 8.87
C VAL C 11 11.29 -2.48 9.17
N PRO C 12 12.47 -2.42 9.77
CA PRO C 12 13.34 -3.60 9.80
C PRO C 12 12.77 -4.73 10.62
N MET C 13 13.15 -5.95 10.23
CA MET C 13 12.60 -7.19 10.77
C MET C 13 13.69 -7.93 11.55
N VAL C 14 13.25 -8.70 12.57
CA VAL C 14 14.09 -9.70 13.22
C VAL C 14 13.24 -10.94 13.44
N VAL C 15 13.91 -12.10 13.44
CA VAL C 15 13.27 -13.39 13.71
C VAL C 15 13.85 -13.94 15.00
N GLU C 16 12.97 -14.40 15.90
CA GLU C 16 13.37 -14.93 17.19
C GLU C 16 12.81 -16.34 17.38
N GLN C 17 13.47 -17.10 18.24
CA GLN C 17 12.96 -18.39 18.68
C GLN C 17 12.34 -18.25 20.08
N ARG C 23 9.51 -16.93 15.20
CA ARG C 23 8.51 -15.95 14.82
C ARG C 23 9.16 -14.61 14.47
N ALA C 24 8.58 -13.91 13.50
CA ALA C 24 9.15 -12.68 12.96
C ALA C 24 8.53 -11.46 13.62
N TYR C 25 9.35 -10.44 13.84
CA TYR C 25 8.93 -9.17 14.42
C TYR C 25 9.50 -8.02 13.62
N ASP C 26 8.76 -6.91 13.57
CA ASP C 26 9.40 -5.65 13.26
C ASP C 26 10.19 -5.18 14.49
N ILE C 27 11.13 -4.26 14.27
CA ILE C 27 12.07 -3.89 15.33
C ILE C 27 11.35 -3.35 16.56
N TYR C 28 10.26 -2.59 16.36
CA TYR C 28 9.53 -2.06 17.50
C TYR C 28 8.81 -3.16 18.25
N SER C 29 8.20 -4.10 17.52
CA SER C 29 7.55 -5.23 18.15
C SER C 29 8.54 -6.09 18.93
N ARG C 30 9.75 -6.23 18.40
CA ARG C 30 10.80 -6.97 19.12
C ARG C 30 11.15 -6.30 20.43
N LEU C 31 11.29 -4.97 20.43
CA LEU C 31 11.61 -4.26 21.66
C LEU C 31 10.43 -4.24 22.63
N LEU C 32 9.21 -4.29 22.11
CA LEU C 32 8.03 -4.43 22.97
C LEU C 32 8.10 -5.70 23.80
N LYS C 33 8.66 -6.77 23.22
CA LYS C 33 8.81 -8.02 23.96
C LYS C 33 9.66 -7.84 25.21
N GLU C 34 10.54 -6.84 25.22
CA GLU C 34 11.34 -6.50 26.38
C GLU C 34 10.75 -5.34 27.17
N ARG C 35 9.44 -5.12 27.05
CA ARG C 35 8.70 -4.12 27.83
C ARG C 35 9.16 -2.69 27.52
N LEU C 36 9.56 -2.46 26.28
CA LEU C 36 9.98 -1.15 25.78
C LEU C 36 8.93 -0.60 24.82
N ILE C 37 8.43 0.60 25.12
CA ILE C 37 7.46 1.29 24.26
C ILE C 37 8.10 2.56 23.73
N PHE C 38 7.88 2.85 22.44
CA PHE C 38 8.36 4.06 21.82
C PHE C 38 7.21 5.05 21.65
N LEU C 39 7.35 6.22 22.24
CA LEU C 39 6.44 7.35 22.06
C LEU C 39 7.18 8.37 21.21
N VAL C 40 6.92 8.35 19.91
CA VAL C 40 7.68 9.15 18.95
C VAL C 40 6.72 9.90 18.05
N GLY C 41 7.07 11.14 17.71
CA GLY C 41 6.29 11.94 16.81
C GLY C 41 5.17 12.69 17.52
N PRO C 42 4.35 13.40 16.76
CA PRO C 42 3.25 14.17 17.36
C PRO C 42 2.25 13.26 18.05
N ILE C 43 1.76 13.72 19.20
CA ILE C 43 0.79 12.97 19.97
C ILE C 43 -0.60 13.26 19.43
N ASP C 44 -1.31 12.22 19.03
CA ASP C 44 -2.70 12.32 18.59
C ASP C 44 -3.42 11.06 19.03
N ASP C 45 -4.73 10.99 18.72
CA ASP C 45 -5.53 9.85 19.17
C ASP C 45 -4.97 8.53 18.65
N HIS C 46 -4.53 8.49 17.39
CA HIS C 46 -4.10 7.23 16.80
C HIS C 46 -2.90 6.64 17.54
N MET C 47 -1.87 7.46 17.77
CA MET C 47 -0.67 6.94 18.41
C MET C 47 -0.86 6.78 19.92
N ALA C 48 -1.71 7.60 20.55
CA ALA C 48 -1.97 7.44 21.97
C ALA C 48 -2.67 6.13 22.26
N ASN C 49 -3.65 5.75 21.43
CA ASN C 49 -4.36 4.50 21.65
C ASN C 49 -3.45 3.29 21.43
N VAL C 50 -2.52 3.38 20.49
CA VAL C 50 -1.53 2.32 20.32
C VAL C 50 -0.65 2.19 21.56
N ILE C 51 -0.30 3.32 22.18
CA ILE C 51 0.51 3.26 23.39
C ILE C 51 -0.30 2.71 24.55
N VAL C 52 -1.55 3.13 24.68
CA VAL C 52 -2.43 2.56 25.71
C VAL C 52 -2.53 1.05 25.54
N ALA C 53 -2.74 0.59 24.31
CA ALA C 53 -2.84 -0.85 24.05
C ALA C 53 -1.56 -1.57 24.46
N GLN C 54 -0.40 -0.99 24.16
CA GLN C 54 0.87 -1.61 24.54
C GLN C 54 1.01 -1.66 26.05
N LEU C 55 0.64 -0.58 26.75
CA LEU C 55 0.72 -0.55 28.21
C LEU C 55 -0.15 -1.64 28.82
N LEU C 56 -1.38 -1.78 28.33
CA LEU C 56 -2.29 -2.80 28.86
C LEU C 56 -1.80 -4.20 28.53
N PHE C 57 -1.27 -4.39 27.33
CA PHE C 57 -0.69 -5.69 26.98
C PHE C 57 0.43 -6.09 27.94
N LEU C 58 1.37 -5.17 28.19
CA LEU C 58 2.51 -5.48 29.04
C LEU C 58 2.08 -5.74 30.48
N GLU C 59 1.09 -5.01 30.97
CA GLU C 59 0.59 -5.23 32.32
C GLU C 59 0.03 -6.64 32.48
N ALA C 60 -0.83 -7.06 31.54
CA ALA C 60 -1.41 -8.39 31.63
C ALA C 60 -0.33 -9.47 31.49
N ASP C 61 0.66 -9.23 30.64
CA ASP C 61 1.73 -10.22 30.46
C ASP C 61 2.52 -10.39 31.75
N ASN C 62 2.73 -9.30 32.48
CA ASN C 62 3.42 -9.36 33.77
C ASN C 62 3.14 -8.06 34.54
N PRO C 63 2.24 -8.10 35.51
CA PRO C 63 1.89 -6.87 36.25
C PRO C 63 2.94 -6.41 37.24
N GLU C 64 4.05 -7.12 37.38
CA GLU C 64 5.08 -6.76 38.35
C GLU C 64 6.27 -6.03 37.76
N LYS C 65 6.77 -6.47 36.61
CA LYS C 65 7.97 -5.88 36.02
C LYS C 65 7.77 -4.44 35.49
N ASP C 66 8.78 -3.58 35.67
CA ASP C 66 8.75 -2.22 35.13
C ASP C 66 8.48 -2.22 33.62
N ILE C 67 7.84 -1.14 33.16
CA ILE C 67 7.66 -0.84 31.73
C ILE C 67 8.47 0.43 31.44
N TYR C 68 8.99 0.52 30.22
CA TYR C 68 9.81 1.66 29.80
C TYR C 68 9.18 2.33 28.58
N ILE C 69 8.98 3.64 28.67
CA ILE C 69 8.53 4.46 27.54
C ILE C 69 9.68 5.40 27.16
N TYR C 70 10.19 5.24 25.95
CA TYR C 70 11.19 6.16 25.41
C TYR C 70 10.47 7.25 24.61
N ILE C 71 10.71 8.50 24.97
CA ILE C 71 9.92 9.64 24.49
C ILE C 71 10.80 10.52 23.62
N ASN C 72 10.40 10.69 22.36
CA ASN C 72 10.96 11.69 21.45
C ASN C 72 9.77 12.31 20.71
N SER C 73 9.25 13.42 21.25
CA SER C 73 7.99 13.94 20.76
C SER C 73 7.89 15.44 20.94
N PRO C 74 7.36 16.16 19.95
CA PRO C 74 7.08 17.59 20.13
C PRO C 74 5.77 17.88 20.85
N GLY C 75 5.06 16.85 21.30
CA GLY C 75 3.78 17.03 21.94
C GLY C 75 2.62 16.81 21.00
N GLY C 76 1.50 17.41 21.33
CA GLY C 76 0.33 17.30 20.48
C GLY C 76 -0.95 17.41 21.29
N VAL C 77 -1.92 16.55 20.94
CA VAL C 77 -3.29 16.68 21.40
C VAL C 77 -3.38 16.35 22.89
N VAL C 78 -4.01 17.25 23.65
CA VAL C 78 -4.00 17.15 25.10
C VAL C 78 -4.77 15.92 25.58
N THR C 79 -6.00 15.72 25.10
CA THR C 79 -6.79 14.59 25.57
C THR C 79 -6.17 13.26 25.18
N ALA C 80 -5.49 13.20 24.03
CA ALA C 80 -4.77 11.99 23.67
C ALA C 80 -3.64 11.71 24.66
N GLY C 81 -2.88 12.74 25.02
CA GLY C 81 -1.86 12.58 26.03
C GLY C 81 -2.44 12.19 27.38
N MET C 82 -3.59 12.76 27.74
CA MET C 82 -4.23 12.42 29.01
C MET C 82 -4.65 10.95 29.05
N ALA C 83 -5.06 10.41 27.90
CA ALA C 83 -5.37 8.98 27.83
C ALA C 83 -4.15 8.15 28.21
N ILE C 84 -2.97 8.54 27.72
CA ILE C 84 -1.74 7.84 28.08
C ILE C 84 -1.42 8.05 29.56
N TYR C 85 -1.52 9.29 30.03
CA TYR C 85 -1.26 9.59 31.44
C TYR C 85 -2.10 8.73 32.37
N ASP C 86 -3.42 8.68 32.14
CA ASP C 86 -4.30 7.93 33.02
C ASP C 86 -3.96 6.45 33.00
N THR C 87 -3.60 5.92 31.83
CA THR C 87 -3.21 4.51 31.73
C THR C 87 -1.91 4.25 32.47
N MET C 88 -0.92 5.14 32.32
CA MET C 88 0.33 4.98 33.07
C MET C 88 0.09 4.92 34.57
N GLN C 89 -0.78 5.80 35.07
CA GLN C 89 -1.01 5.87 36.51
C GLN C 89 -1.80 4.67 37.02
N TYR C 90 -2.75 4.18 36.22
CA TYR C 90 -3.63 3.13 36.72
C TYR C 90 -2.94 1.77 36.81
N ILE C 91 -2.18 1.41 35.77
CA ILE C 91 -1.65 0.06 35.71
C ILE C 91 -0.67 -0.19 36.84
N LYS C 92 -0.57 -1.47 37.21
CA LYS C 92 0.28 -1.92 38.31
C LYS C 92 1.79 -1.71 38.18
N PRO C 93 2.36 -1.97 37.01
CA PRO C 93 3.82 -1.77 36.86
C PRO C 93 4.23 -0.31 36.97
N ASP C 94 5.41 -0.10 37.54
CA ASP C 94 6.07 1.19 37.38
C ASP C 94 6.32 1.44 35.89
N VAL C 95 6.06 2.67 35.46
CA VAL C 95 6.32 3.07 34.08
C VAL C 95 7.49 4.05 34.13
N SER C 96 8.66 3.59 33.68
CA SER C 96 9.83 4.43 33.60
C SER C 96 9.84 5.19 32.28
N THR C 97 10.27 6.44 32.32
CA THR C 97 10.28 7.31 31.15
C THR C 97 11.69 7.79 30.85
N ILE C 98 12.06 7.79 29.58
CA ILE C 98 13.38 8.21 29.13
C ILE C 98 13.20 9.20 27.99
N CYS C 99 13.72 10.42 28.16
CA CYS C 99 13.67 11.43 27.10
C CYS C 99 14.87 11.26 26.18
N VAL C 100 14.60 10.99 24.91
CA VAL C 100 15.62 10.95 23.87
C VAL C 100 15.23 11.98 22.82
N GLY C 101 16.17 12.85 22.45
CA GLY C 101 15.85 13.89 21.50
C GLY C 101 15.17 15.09 22.15
N GLN C 102 13.84 15.03 22.29
CA GLN C 102 13.12 16.13 22.93
C GLN C 102 11.80 15.61 23.47
N ALA C 103 11.23 16.40 24.40
CA ALA C 103 9.88 16.17 24.91
C ALA C 103 9.25 17.54 25.15
N ALA C 104 8.20 17.86 24.41
CA ALA C 104 7.48 19.11 24.53
C ALA C 104 5.99 18.91 24.80
N SER C 105 5.41 19.90 25.49
CA SER C 105 4.02 19.91 25.80
C SER C 105 3.58 18.56 26.46
N MET C 106 2.63 17.86 25.88
CA MET C 106 2.17 16.58 26.45
C MET C 106 3.36 15.58 26.59
N GLY C 107 4.28 15.59 25.65
CA GLY C 107 5.43 14.74 25.76
C GLY C 107 6.23 15.06 27.03
N ALA C 108 6.40 16.36 27.34
CA ALA C 108 7.11 16.68 28.58
C ALA C 108 6.30 16.28 29.80
N LEU C 109 4.98 16.45 29.75
CA LEU C 109 4.13 16.04 30.88
C LEU C 109 4.26 14.55 31.14
N LEU C 110 4.17 13.74 30.08
CA LEU C 110 4.27 12.29 30.24
C LEU C 110 5.65 11.89 30.74
N LEU C 111 6.70 12.53 30.23
CA LEU C 111 8.05 12.31 30.75
C LEU C 111 8.11 12.54 32.25
N ALA C 112 7.58 13.68 32.70
CA ALA C 112 7.57 14.01 34.12
C ALA C 112 6.67 13.11 34.95
N SER C 113 5.78 12.34 34.31
CA SER C 113 4.78 11.55 35.01
C SER C 113 5.19 10.10 35.20
N GLY C 114 6.39 9.71 34.79
CA GLY C 114 6.87 8.37 35.05
C GLY C 114 7.01 8.11 36.55
N ALA C 115 7.19 6.83 36.87
CA ALA C 115 7.34 6.42 38.26
C ALA C 115 8.46 7.23 38.93
N ALA C 116 8.19 7.67 40.16
CA ALA C 116 9.17 8.46 40.91
C ALA C 116 10.49 7.73 41.00
N GLY C 117 11.58 8.45 40.75
CA GLY C 117 12.91 7.88 40.72
C GLY C 117 13.30 7.22 39.42
N LYS C 118 12.37 7.02 38.49
CA LYS C 118 12.64 6.29 37.25
C LYS C 118 12.35 7.14 36.02
N ARG C 119 12.60 8.44 36.11
CA ARG C 119 12.44 9.37 35.00
C ARG C 119 13.82 9.85 34.57
N TYR C 120 14.15 9.63 33.30
CA TYR C 120 15.51 9.85 32.81
C TYR C 120 15.50 10.75 31.59
N ALA C 121 16.61 11.48 31.39
CA ALA C 121 16.87 12.22 30.18
C ALA C 121 18.31 11.96 29.74
N LEU C 122 18.52 11.88 28.43
CA LEU C 122 19.87 11.75 27.90
C LEU C 122 20.53 13.13 27.84
N PRO C 123 21.87 13.17 27.80
CA PRO C 123 22.55 14.45 28.04
C PRO C 123 22.19 15.57 27.08
N ASN C 124 21.91 15.27 25.82
CA ASN C 124 21.59 16.30 24.84
C ASN C 124 20.10 16.40 24.52
N SER C 125 19.25 15.75 25.30
CA SER C 125 17.81 15.93 25.13
C SER C 125 17.37 17.26 25.73
N ARG C 126 16.16 17.67 25.36
CA ARG C 126 15.62 18.95 25.79
C ARG C 126 14.13 18.80 26.09
N VAL C 127 13.66 19.59 27.06
CA VAL C 127 12.32 19.45 27.62
C VAL C 127 11.66 20.81 27.68
N MET C 128 10.45 20.92 27.11
CA MET C 128 9.67 22.16 27.13
C MET C 128 8.26 21.83 27.63
N ILE C 129 7.89 22.38 28.79
CA ILE C 129 6.57 22.11 29.35
C ILE C 129 5.45 22.91 28.69
N HIS C 130 5.78 24.01 28.02
CA HIS C 130 4.78 24.89 27.41
C HIS C 130 3.75 24.12 26.60
N GLN C 131 2.48 24.49 26.78
CA GLN C 131 1.35 23.85 26.11
C GLN C 131 0.73 24.83 25.12
N PRO C 132 0.99 24.70 23.82
CA PRO C 132 0.39 25.61 22.84
C PRO C 132 -1.10 25.40 22.71
N LEU C 133 -1.78 26.44 22.22
CA LEU C 133 -3.22 26.39 22.00
C LEU C 133 -3.61 25.20 21.12
N GLY C 134 -2.79 24.90 20.11
CA GLY C 134 -3.13 23.83 19.16
C GLY C 134 -3.51 22.52 19.83
N GLY C 135 -2.87 22.20 20.95
CA GLY C 135 -3.16 20.94 21.61
C GLY C 135 -4.54 20.86 22.24
N PHE C 136 -5.16 22.01 22.52
CA PHE C 136 -6.45 22.05 23.19
C PHE C 136 -7.62 22.11 22.22
N GLN C 137 -7.39 22.55 21.00
CA GLN C 137 -8.48 22.73 20.04
C GLN C 137 -9.05 21.39 19.61
N GLY C 138 -10.32 21.41 19.21
CA GLY C 138 -10.97 20.23 18.68
C GLY C 138 -10.27 19.67 17.46
N GLN C 139 -10.04 18.36 17.46
CA GLN C 139 -9.48 17.67 16.30
C GLN C 139 -10.55 17.13 15.37
N ALA C 140 -11.76 16.89 15.88
CA ALA C 140 -12.87 16.48 15.04
C ALA C 140 -13.55 17.70 14.43
N THR C 141 -14.13 17.49 13.24
CA THR C 141 -14.75 18.58 12.50
C THR C 141 -15.84 19.27 13.30
N ASP C 142 -16.68 18.51 13.99
CA ASP C 142 -17.88 19.04 14.63
C ASP C 142 -17.68 19.43 16.10
N ILE C 143 -16.45 19.47 16.59
CA ILE C 143 -16.17 19.81 17.98
C ILE C 143 -15.41 21.13 18.06
N ASP C 144 -15.96 22.08 18.82
CA ASP C 144 -15.28 23.32 19.17
C ASP C 144 -15.00 23.31 20.66
N ILE C 145 -13.73 23.33 21.04
CA ILE C 145 -13.33 23.33 22.44
C ILE C 145 -13.37 24.76 22.96
N HIS C 146 -14.23 25.01 23.95
CA HIS C 146 -14.54 26.36 24.38
C HIS C 146 -13.55 26.84 25.45
N ALA C 147 -13.51 28.16 25.62
CA ALA C 147 -12.48 28.83 26.43
C ALA C 147 -12.38 28.26 27.85
N ARG C 148 -13.53 28.06 28.51
CA ARG C 148 -13.50 27.61 29.90
C ARG C 148 -12.94 26.19 30.01
N GLU C 149 -13.24 25.34 29.03
CA GLU C 149 -12.66 24.00 29.02
C GLU C 149 -11.14 24.05 28.83
N ILE C 150 -10.67 25.00 28.03
CA ILE C 150 -9.22 25.18 27.87
C ILE C 150 -8.58 25.58 29.19
N LEU C 151 -9.19 26.54 29.89
CA LEU C 151 -8.64 26.98 31.16
C LEU C 151 -8.66 25.85 32.19
N THR C 152 -9.71 25.04 32.18
CA THR C 152 -9.78 23.89 33.08
C THR C 152 -8.67 22.89 32.78
N LEU C 153 -8.48 22.56 31.50
CA LEU C 153 -7.42 21.62 31.13
C LEU C 153 -6.04 22.17 31.46
N ARG C 154 -5.80 23.46 31.19
CA ARG C 154 -4.51 24.04 31.51
C ARG C 154 -4.20 23.95 33.00
N SER C 155 -5.20 24.23 33.84
CA SER C 155 -5.00 24.11 35.28
C SER C 155 -4.71 22.68 35.70
N ARG C 156 -5.44 21.72 35.16
CA ARG C 156 -5.19 20.31 35.50
C ARG C 156 -3.78 19.89 35.12
N LEU C 157 -3.34 20.29 33.92
CA LEU C 157 -1.97 19.97 33.50
C LEU C 157 -0.96 20.60 34.45
N ASN C 158 -1.19 21.86 34.84
CA ASN C 158 -0.28 22.50 35.79
C ASN C 158 -0.26 21.77 37.12
N GLU C 159 -1.41 21.32 37.60
CA GLU C 159 -1.45 20.57 38.86
C GLU C 159 -0.73 19.25 38.74
N ILE C 160 -0.86 18.56 37.61
CA ILE C 160 -0.13 17.32 37.38
C ILE C 160 1.37 17.58 37.41
N LEU C 161 1.83 18.62 36.72
CA LEU C 161 3.25 18.93 36.72
C LEU C 161 3.74 19.29 38.12
N ALA C 162 2.98 20.11 38.84
CA ALA C 162 3.38 20.48 40.20
C ALA C 162 3.51 19.24 41.10
N LYS C 163 2.57 18.30 40.97
CA LYS C 163 2.62 17.09 41.78
C LYS C 163 3.87 16.27 41.50
N HIS C 164 4.17 16.05 40.22
CA HIS C 164 5.28 15.17 39.86
C HIS C 164 6.63 15.88 39.93
N THR C 165 6.67 17.20 39.77
CA THR C 165 7.94 17.92 39.85
C THR C 165 8.32 18.34 41.26
N GLY C 166 7.35 18.51 42.15
CA GLY C 166 7.62 19.12 43.43
C GLY C 166 7.62 20.63 43.41
N GLN C 167 7.48 21.24 42.24
CA GLN C 167 7.34 22.67 42.15
C GLN C 167 5.95 23.09 42.63
N SER C 168 5.82 24.36 43.03
CA SER C 168 4.52 24.87 43.42
C SER C 168 3.66 25.09 42.19
N LEU C 169 2.34 25.08 42.40
CA LEU C 169 1.41 25.37 41.31
C LEU C 169 1.70 26.73 40.70
N GLU C 170 1.98 27.72 41.55
CA GLU C 170 2.26 29.07 41.05
C GLU C 170 3.50 29.10 40.16
N THR C 171 4.52 28.31 40.52
CA THR C 171 5.74 28.27 39.70
C THR C 171 5.46 27.64 38.34
N ILE C 172 4.74 26.52 38.32
CA ILE C 172 4.40 25.87 37.06
C ILE C 172 3.61 26.81 36.16
N ALA C 173 2.58 27.46 36.73
CA ALA C 173 1.72 28.34 35.94
C ALA C 173 2.51 29.47 35.31
N ARG C 174 3.47 30.04 36.04
CA ARG C 174 4.31 31.10 35.50
C ARG C 174 5.27 30.56 34.43
N ASP C 175 5.94 29.44 34.72
CA ASP C 175 6.98 28.95 33.82
C ASP C 175 6.43 28.32 32.55
N THR C 176 5.24 27.72 32.61
CA THR C 176 4.68 27.07 31.43
C THR C 176 4.27 28.08 30.35
N GLU C 177 4.10 29.35 30.73
CA GLU C 177 3.80 30.40 29.76
C GLU C 177 4.94 30.58 28.76
N ARG C 178 6.19 30.33 29.19
CA ARG C 178 7.36 30.55 28.37
C ARG C 178 7.57 29.36 27.43
N ASP C 179 7.72 29.63 26.13
CA ASP C 179 7.95 28.54 25.17
C ASP C 179 9.45 28.34 24.91
N ASN C 180 10.16 27.98 25.98
CA ASN C 180 11.60 27.76 25.95
C ASN C 180 11.90 26.32 26.32
N PHE C 181 13.01 25.80 25.79
CA PHE C 181 13.47 24.47 26.14
C PHE C 181 14.44 24.53 27.32
N LYS C 182 14.34 23.53 28.19
CA LYS C 182 15.33 23.28 29.22
C LYS C 182 16.29 22.19 28.75
N SER C 183 17.56 22.36 29.10
CA SER C 183 18.52 21.28 28.88
C SER C 183 18.18 20.10 29.79
N ALA C 184 18.82 18.96 29.53
CA ALA C 184 18.59 17.78 30.35
C ALA C 184 18.96 18.03 31.80
N VAL C 185 20.11 18.68 32.04
CA VAL C 185 20.52 18.99 33.41
C VAL C 185 19.52 19.93 34.08
N ASP C 186 19.09 20.97 33.35
CA ASP C 186 18.11 21.90 33.92
C ASP C 186 16.76 21.24 34.15
N ALA C 187 16.37 20.31 33.28
CA ALA C 187 15.13 19.57 33.50
C ALA C 187 15.24 18.70 34.75
N GLN C 188 16.41 18.12 34.99
CA GLN C 188 16.62 17.33 36.20
C GLN C 188 16.52 18.21 37.44
N ALA C 189 17.15 19.38 37.41
CA ALA C 189 17.09 20.29 38.54
C ALA C 189 15.69 20.79 38.79
N TYR C 190 14.89 20.95 37.74
CA TYR C 190 13.52 21.44 37.85
C TYR C 190 12.56 20.39 38.41
N GLY C 191 12.97 19.12 38.42
CA GLY C 191 12.11 18.03 38.85
C GLY C 191 11.35 17.35 37.75
N LEU C 192 11.66 17.63 36.48
CA LEU C 192 10.98 16.98 35.38
C LEU C 192 11.49 15.56 35.15
N VAL C 193 12.77 15.32 35.42
CA VAL C 193 13.34 13.98 35.43
C VAL C 193 14.14 13.81 36.71
N ASP C 194 14.44 12.55 37.04
CA ASP C 194 15.20 12.24 38.23
C ASP C 194 16.71 12.18 37.99
N GLN C 195 17.14 11.77 36.80
CA GLN C 195 18.55 11.57 36.56
C GLN C 195 18.87 11.74 35.08
N VAL C 196 20.01 12.37 34.79
CA VAL C 196 20.57 12.43 33.45
C VAL C 196 21.48 11.21 33.26
N LEU C 197 21.18 10.38 32.27
CA LEU C 197 21.97 9.18 32.01
C LEU C 197 23.26 9.53 31.28
N GLU C 198 24.39 9.37 31.98
CA GLU C 198 25.71 9.55 31.42
C GLU C 198 26.58 8.35 31.81
N ARG C 199 27.35 7.83 30.86
CA ARG C 199 28.33 6.80 31.17
C ARG C 199 29.73 7.28 30.77
N LEU D 10 11.30 -1.22 -4.46
CA LEU D 10 11.42 -2.65 -4.23
C LEU D 10 12.73 -2.97 -3.51
N VAL D 11 12.62 -3.54 -2.32
CA VAL D 11 13.76 -3.90 -1.48
C VAL D 11 13.95 -5.40 -1.56
N PRO D 12 15.12 -5.90 -1.96
CA PRO D 12 15.29 -7.33 -2.17
C PRO D 12 15.17 -8.11 -0.87
N MET D 13 14.76 -9.36 -1.00
CA MET D 13 14.70 -10.30 0.10
C MET D 13 15.77 -11.36 -0.06
N VAL D 14 16.27 -11.84 1.07
CA VAL D 14 17.01 -13.09 1.15
C VAL D 14 16.22 -14.00 2.08
N VAL D 15 15.80 -15.15 1.59
CA VAL D 15 15.00 -16.08 2.39
C VAL D 15 15.84 -17.32 2.63
N GLU D 16 15.79 -17.80 3.86
CA GLU D 16 16.54 -18.98 4.29
C GLU D 16 15.54 -20.05 4.69
N GLN D 17 15.96 -21.31 4.60
CA GLN D 17 15.12 -22.42 4.99
C GLN D 17 15.35 -22.73 6.47
N THR D 18 14.27 -22.71 7.26
CA THR D 18 14.34 -23.00 8.67
C THR D 18 13.87 -24.44 8.91
N SER D 19 13.38 -24.71 10.12
CA SER D 19 13.06 -26.09 10.49
C SER D 19 11.72 -26.56 9.91
N ARG D 20 10.79 -25.64 9.65
CA ARG D 20 9.47 -26.00 9.14
C ARG D 20 9.09 -25.23 7.89
N GLY D 21 10.07 -24.70 7.17
CA GLY D 21 9.79 -23.95 5.97
C GLY D 21 10.84 -22.88 5.75
N GLU D 22 10.41 -21.79 5.12
CA GLU D 22 11.30 -20.70 4.72
C GLU D 22 11.07 -19.47 5.59
N ARG D 23 12.14 -18.70 5.76
CA ARG D 23 12.15 -17.51 6.60
C ARG D 23 12.81 -16.38 5.82
N ALA D 24 12.10 -15.27 5.65
CA ALA D 24 12.51 -14.19 4.76
C ALA D 24 12.99 -12.97 5.54
N TYR D 25 14.06 -12.35 5.06
CA TYR D 25 14.49 -11.03 5.49
C TYR D 25 14.51 -10.09 4.29
N ASP D 26 14.22 -8.82 4.53
CA ASP D 26 14.68 -7.82 3.59
C ASP D 26 16.19 -7.61 3.76
N ILE D 27 16.83 -7.04 2.75
CA ILE D 27 18.29 -6.98 2.72
C ILE D 27 18.83 -6.22 3.93
N TYR D 28 18.13 -5.18 4.37
CA TYR D 28 18.60 -4.39 5.51
C TYR D 28 18.47 -5.18 6.81
N SER D 29 17.36 -5.89 6.99
CA SER D 29 17.20 -6.72 8.18
C SER D 29 18.25 -7.82 8.23
N ARG D 30 18.61 -8.36 7.06
CA ARG D 30 19.66 -9.39 7.01
C ARG D 30 21.01 -8.82 7.45
N LEU D 31 21.34 -7.61 7.00
CA LEU D 31 22.61 -7.00 7.41
C LEU D 31 22.57 -6.56 8.86
N LEU D 32 21.39 -6.22 9.38
CA LEU D 32 21.27 -5.93 10.81
C LEU D 32 21.68 -7.12 11.66
N LYS D 33 21.41 -8.34 11.17
CA LYS D 33 21.78 -9.55 11.90
C LYS D 33 23.29 -9.63 12.10
N GLU D 34 24.07 -9.00 11.24
CA GLU D 34 25.51 -8.89 11.39
C GLU D 34 25.93 -7.56 12.00
N ARG D 35 25.03 -6.90 12.74
CA ARG D 35 25.32 -5.70 13.51
C ARG D 35 25.67 -4.51 12.60
N LEU D 36 25.08 -4.47 11.41
CA LEU D 36 25.26 -3.40 10.45
C LEU D 36 24.00 -2.56 10.39
N ILE D 37 24.13 -1.25 10.63
CA ILE D 37 23.02 -0.31 10.57
C ILE D 37 23.28 0.70 9.46
N PHE D 38 22.24 0.99 8.68
CA PHE D 38 22.32 1.98 7.61
C PHE D 38 21.64 3.28 8.02
N LEU D 39 22.42 4.37 8.01
CA LEU D 39 21.91 5.72 8.21
C LEU D 39 21.97 6.40 6.84
N VAL D 40 20.84 6.44 6.14
CA VAL D 40 20.80 6.92 4.76
C VAL D 40 19.65 7.91 4.61
N GLY D 41 19.89 8.95 3.82
CA GLY D 41 18.88 9.95 3.56
C GLY D 41 18.83 11.04 4.60
N PRO D 42 17.87 11.96 4.45
CA PRO D 42 17.75 13.07 5.42
C PRO D 42 17.46 12.56 6.81
N ILE D 43 18.09 13.20 7.80
CA ILE D 43 17.88 12.82 9.20
C ILE D 43 16.63 13.53 9.72
N ASP D 44 15.69 12.76 10.24
CA ASP D 44 14.50 13.29 10.89
C ASP D 44 14.12 12.34 12.01
N ASP D 45 13.07 12.69 12.75
CA ASP D 45 12.67 11.89 13.91
C ASP D 45 12.37 10.45 13.53
N HIS D 46 11.68 10.22 12.40
CA HIS D 46 11.26 8.88 12.04
C HIS D 46 12.47 7.96 11.84
N MET D 47 13.46 8.40 11.07
CA MET D 47 14.61 7.55 10.80
C MET D 47 15.56 7.50 11.98
N ALA D 48 15.63 8.57 12.77
CA ALA D 48 16.49 8.56 13.95
C ALA D 48 16.00 7.55 14.98
N ASN D 49 14.69 7.48 15.19
CA ASN D 49 14.13 6.55 16.17
C ASN D 49 14.32 5.09 15.73
N VAL D 50 14.22 4.82 14.42
CA VAL D 50 14.52 3.47 13.93
C VAL D 50 15.98 3.11 14.18
N ILE D 51 16.87 4.09 14.03
CA ILE D 51 18.29 3.83 14.29
C ILE D 51 18.52 3.62 15.78
N VAL D 52 17.88 4.44 16.63
CA VAL D 52 17.96 4.22 18.07
C VAL D 52 17.46 2.83 18.42
N ALA D 53 16.33 2.43 17.86
CA ALA D 53 15.78 1.09 18.14
C ALA D 53 16.76 0.00 17.72
N GLN D 54 17.39 0.16 16.55
CA GLN D 54 18.36 -0.83 16.09
C GLN D 54 19.56 -0.91 17.02
N LEU D 55 20.07 0.25 17.46
CA LEU D 55 21.21 0.26 18.37
C LEU D 55 20.89 -0.45 19.67
N LEU D 56 19.71 -0.18 20.25
CA LEU D 56 19.33 -0.82 21.51
C LEU D 56 19.14 -2.32 21.33
N PHE D 57 18.53 -2.73 20.22
CA PHE D 57 18.39 -4.16 19.93
C PHE D 57 19.75 -4.85 19.89
N LEU D 58 20.71 -4.28 19.16
CA LEU D 58 22.01 -4.92 19.01
C LEU D 58 22.76 -4.97 20.33
N GLU D 59 22.62 -3.94 21.17
CA GLU D 59 23.27 -3.96 22.48
C GLU D 59 22.74 -5.12 23.31
N ALA D 60 21.41 -5.28 23.36
CA ALA D 60 20.83 -6.37 24.13
C ALA D 60 21.24 -7.73 23.58
N ASP D 61 21.34 -7.84 22.25
CA ASP D 61 21.74 -9.11 21.66
C ASP D 61 23.17 -9.47 22.05
N ASN D 62 24.04 -8.47 22.13
CA ASN D 62 25.43 -8.66 22.55
C ASN D 62 26.03 -7.32 22.92
N PRO D 63 26.15 -7.01 24.22
CA PRO D 63 26.66 -5.69 24.63
C PRO D 63 28.16 -5.52 24.45
N GLU D 64 28.87 -6.55 23.99
CA GLU D 64 30.32 -6.50 23.85
C GLU D 64 30.78 -6.23 22.42
N LYS D 65 30.06 -6.74 21.42
CA LYS D 65 30.51 -6.70 20.05
C LYS D 65 30.29 -5.33 19.43
N ASP D 66 31.23 -4.91 18.59
CA ASP D 66 31.11 -3.64 17.88
C ASP D 66 29.84 -3.57 17.05
N ILE D 67 29.32 -2.36 16.89
CA ILE D 67 28.22 -2.06 15.99
C ILE D 67 28.76 -1.16 14.90
N TYR D 68 28.22 -1.30 13.68
CA TYR D 68 28.66 -0.52 12.54
C TYR D 68 27.51 0.28 11.96
N ILE D 69 27.71 1.59 11.81
CA ILE D 69 26.76 2.48 11.15
C ILE D 69 27.40 2.99 9.87
N TYR D 70 26.81 2.62 8.73
CA TYR D 70 27.24 3.15 7.44
C TYR D 70 26.41 4.40 7.13
N ILE D 71 27.09 5.50 6.85
CA ILE D 71 26.45 6.82 6.79
C ILE D 71 26.53 7.34 5.36
N ASN D 72 25.37 7.59 4.75
CA ASN D 72 25.25 8.31 3.49
C ASN D 72 24.07 9.27 3.66
N SER D 73 24.36 10.50 4.09
CA SER D 73 23.28 11.39 4.49
C SER D 73 23.66 12.84 4.28
N PRO D 74 22.72 13.67 3.79
CA PRO D 74 22.98 15.11 3.71
C PRO D 74 22.72 15.85 5.02
N GLY D 75 22.42 15.13 6.09
CA GLY D 75 22.11 15.74 7.37
C GLY D 75 20.61 15.88 7.60
N GLY D 76 20.25 16.82 8.45
CA GLY D 76 18.84 17.07 8.72
C GLY D 76 18.64 17.60 10.13
N VAL D 77 17.58 17.10 10.77
CA VAL D 77 17.09 17.69 12.01
C VAL D 77 18.07 17.47 13.14
N VAL D 78 18.40 18.54 13.86
CA VAL D 78 19.47 18.49 14.85
C VAL D 78 19.08 17.61 16.03
N THR D 79 17.87 17.80 16.58
CA THR D 79 17.49 17.02 17.76
C THR D 79 17.36 15.54 17.44
N ALA D 80 16.94 15.20 16.22
CA ALA D 80 16.92 13.80 15.81
C ALA D 80 18.32 13.23 15.76
N GLY D 81 19.26 13.97 15.18
CA GLY D 81 20.65 13.52 15.19
C GLY D 81 21.22 13.39 16.59
N MET D 82 20.86 14.32 17.49
CA MET D 82 21.32 14.24 18.87
C MET D 82 20.81 12.99 19.57
N ALA D 83 19.58 12.56 19.25
CA ALA D 83 19.06 11.32 19.80
C ALA D 83 19.96 10.14 19.41
N ILE D 84 20.42 10.12 18.16
CA ILE D 84 21.34 9.07 17.73
C ILE D 84 22.68 9.22 18.44
N TYR D 85 23.20 10.44 18.50
CA TYR D 85 24.48 10.70 19.18
C TYR D 85 24.45 10.20 20.62
N ASP D 86 23.42 10.59 21.38
CA ASP D 86 23.36 10.19 22.79
C ASP D 86 23.27 8.68 22.94
N THR D 87 22.51 8.02 22.05
CA THR D 87 22.40 6.57 22.11
C THR D 87 23.73 5.89 21.77
N MET D 88 24.43 6.39 20.75
CA MET D 88 25.74 5.85 20.41
C MET D 88 26.70 5.93 21.60
N GLN D 89 26.70 7.07 22.30
CA GLN D 89 27.64 7.25 23.41
C GLN D 89 27.26 6.40 24.61
N TYR D 90 25.97 6.21 24.86
CA TYR D 90 25.55 5.56 26.10
C TYR D 90 25.76 4.05 26.04
N ILE D 91 25.38 3.40 24.93
CA ILE D 91 25.39 1.95 24.90
C ILE D 91 26.82 1.43 25.06
N LYS D 92 26.94 0.23 25.63
CA LYS D 92 28.26 -0.33 25.90
C LYS D 92 29.06 -0.61 24.62
N PRO D 93 28.51 -1.24 23.59
CA PRO D 93 29.33 -1.56 22.40
C PRO D 93 29.96 -0.31 21.78
N ASP D 94 31.19 -0.49 21.28
CA ASP D 94 31.76 0.49 20.36
C ASP D 94 30.89 0.61 19.12
N VAL D 95 30.67 1.84 18.68
CA VAL D 95 29.92 2.10 17.46
C VAL D 95 30.89 2.64 16.42
N SER D 96 31.22 1.81 15.43
CA SER D 96 32.07 2.21 14.33
C SER D 96 31.24 2.88 13.25
N THR D 97 31.81 3.91 12.62
CA THR D 97 31.12 4.70 11.60
C THR D 97 31.92 4.67 10.31
N ILE D 98 31.21 4.51 9.19
CA ILE D 98 31.81 4.46 7.86
C ILE D 98 31.04 5.42 6.97
N CYS D 99 31.74 6.41 6.40
CA CYS D 99 31.12 7.34 5.46
C CYS D 99 31.18 6.76 4.05
N VAL D 100 30.01 6.56 3.46
CA VAL D 100 29.89 6.15 2.06
C VAL D 100 29.08 7.22 1.34
N GLY D 101 29.60 7.71 0.23
CA GLY D 101 28.90 8.78 -0.46
C GLY D 101 29.17 10.15 0.15
N GLN D 102 28.41 10.52 1.17
CA GLN D 102 28.63 11.79 1.84
C GLN D 102 28.07 11.76 3.26
N ALA D 103 28.55 12.70 4.07
CA ALA D 103 28.03 12.96 5.40
C ALA D 103 28.10 14.45 5.64
N ALA D 104 26.95 15.07 5.75
CA ALA D 104 26.89 16.51 6.02
C ALA D 104 26.09 16.86 7.27
N SER D 105 26.45 17.98 7.89
CA SER D 105 25.77 18.50 9.05
C SER D 105 25.71 17.42 10.11
N MET D 106 24.53 17.04 10.52
CA MET D 106 24.33 16.02 11.54
C MET D 106 24.97 14.67 11.08
N GLY D 107 24.92 14.34 9.81
CA GLY D 107 25.58 13.15 9.33
C GLY D 107 27.08 13.24 9.59
N ALA D 108 27.69 14.40 9.35
CA ALA D 108 29.12 14.53 9.61
C ALA D 108 29.41 14.43 11.10
N LEU D 109 28.56 15.04 11.94
CA LEU D 109 28.77 14.95 13.38
C LEU D 109 28.74 13.51 13.87
N LEU D 110 27.72 12.76 13.44
CA LEU D 110 27.60 11.36 13.85
C LEU D 110 28.77 10.53 13.34
N LEU D 111 29.22 10.80 12.11
CA LEU D 111 30.42 10.16 11.59
C LEU D 111 31.61 10.41 12.50
N ALA D 112 31.85 11.67 12.86
CA ALA D 112 32.97 12.04 13.71
C ALA D 112 32.82 11.51 15.13
N SER D 113 31.64 11.07 15.53
CA SER D 113 31.36 10.66 16.90
C SER D 113 31.46 9.16 17.12
N GLY D 114 31.85 8.39 16.11
CA GLY D 114 32.08 6.97 16.30
C GLY D 114 33.21 6.72 17.28
N ALA D 115 33.30 5.46 17.72
CA ALA D 115 34.34 5.04 18.64
C ALA D 115 35.71 5.43 18.11
N ALA D 116 36.55 5.96 19.01
CA ALA D 116 37.90 6.39 18.64
C ALA D 116 38.66 5.26 17.96
N GLY D 117 39.32 5.60 16.85
CA GLY D 117 40.04 4.62 16.05
C GLY D 117 39.19 3.84 15.07
N LYS D 118 37.86 3.94 15.15
CA LYS D 118 36.97 3.12 14.33
C LYS D 118 36.04 3.98 13.47
N ARG D 119 36.51 5.14 13.03
CA ARG D 119 35.76 6.03 12.16
C ARG D 119 36.43 6.02 10.78
N TYR D 120 35.67 5.66 9.75
CA TYR D 120 36.23 5.42 8.44
C TYR D 120 35.49 6.22 7.36
N ALA D 121 36.21 6.54 6.30
CA ALA D 121 35.63 7.12 5.09
C ALA D 121 36.16 6.38 3.88
N LEU D 122 35.30 6.20 2.88
CA LEU D 122 35.71 5.60 1.62
C LEU D 122 36.38 6.65 0.73
N PRO D 123 37.20 6.24 -0.24
CA PRO D 123 38.08 7.20 -0.93
C PRO D 123 37.35 8.35 -1.60
N ASN D 124 36.15 8.13 -2.15
CA ASN D 124 35.43 9.18 -2.86
C ASN D 124 34.30 9.79 -2.04
N SER D 125 34.24 9.52 -0.74
CA SER D 125 33.24 10.15 0.11
C SER D 125 33.65 11.57 0.46
N ARG D 126 32.69 12.36 0.93
CA ARG D 126 32.90 13.76 1.24
C ARG D 126 32.16 14.12 2.51
N VAL D 127 32.74 15.04 3.30
CA VAL D 127 32.27 15.37 4.64
C VAL D 127 32.17 16.89 4.77
N MET D 128 30.99 17.37 5.20
CA MET D 128 30.77 18.78 5.44
C MET D 128 30.18 18.96 6.84
N ILE D 129 30.93 19.63 7.71
CA ILE D 129 30.45 19.83 9.09
C ILE D 129 29.43 20.95 9.20
N HIS D 130 29.38 21.86 8.23
CA HIS D 130 28.47 23.01 8.26
C HIS D 130 27.05 22.60 8.63
N GLN D 131 26.43 23.37 9.52
CA GLN D 131 25.08 23.11 10.00
C GLN D 131 24.14 24.19 9.48
N PRO D 132 23.33 23.93 8.46
CA PRO D 132 22.40 24.95 7.97
C PRO D 132 21.29 25.22 8.97
N LEU D 133 20.70 26.42 8.85
CA LEU D 133 19.61 26.83 9.73
C LEU D 133 18.48 25.81 9.74
N GLY D 134 18.17 25.22 8.59
CA GLY D 134 17.03 24.32 8.48
C GLY D 134 16.99 23.24 9.54
N GLY D 135 18.16 22.73 9.95
CA GLY D 135 18.20 21.67 10.93
C GLY D 135 17.77 22.08 12.32
N PHE D 136 17.81 23.38 12.62
CA PHE D 136 17.49 23.87 13.96
C PHE D 136 16.04 24.32 14.10
N GLN D 137 15.36 24.62 13.00
CA GLN D 137 14.00 25.13 13.07
C GLN D 137 13.04 24.06 13.57
N GLY D 138 11.95 24.51 14.17
CA GLY D 138 10.89 23.61 14.61
C GLY D 138 10.31 22.79 13.47
N GLN D 139 10.16 21.49 13.69
CA GLN D 139 9.54 20.63 12.69
C GLN D 139 8.04 20.48 12.91
N ALA D 140 7.57 20.65 14.13
CA ALA D 140 6.15 20.61 14.42
C ALA D 140 5.54 22.00 14.19
N THR D 141 4.26 22.01 13.80
CA THR D 141 3.59 23.26 13.49
C THR D 141 3.61 24.23 14.67
N ASP D 142 3.40 23.73 15.89
CA ASP D 142 3.24 24.57 17.06
C ASP D 142 4.54 24.86 17.79
N ILE D 143 5.69 24.51 17.21
CA ILE D 143 6.99 24.75 17.86
C ILE D 143 7.76 25.78 17.04
N ASP D 144 8.18 26.86 17.71
CA ASP D 144 9.09 27.84 17.15
C ASP D 144 10.40 27.78 17.94
N ILE D 145 11.48 27.40 17.28
CA ILE D 145 12.78 27.32 17.94
C ILE D 145 13.43 28.70 17.93
N HIS D 146 13.67 29.24 19.11
CA HIS D 146 14.06 30.63 19.27
C HIS D 146 15.58 30.80 19.15
N ALA D 147 15.98 32.04 18.88
CA ALA D 147 17.37 32.35 18.52
C ALA D 147 18.38 31.82 19.54
N ARG D 148 18.10 32.03 20.83
CA ARG D 148 19.07 31.63 21.85
C ARG D 148 19.22 30.11 21.92
N GLU D 149 18.13 29.37 21.70
CA GLU D 149 18.24 27.91 21.66
C GLU D 149 19.08 27.46 20.47
N ILE D 150 18.97 28.17 19.34
CA ILE D 150 19.79 27.85 18.18
C ILE D 150 21.26 28.07 18.49
N LEU D 151 21.59 29.19 19.12
CA LEU D 151 22.99 29.47 19.45
C LEU D 151 23.53 28.46 20.45
N THR D 152 22.70 28.04 21.41
CA THR D 152 23.12 27.02 22.36
C THR D 152 23.43 25.70 21.65
N LEU D 153 22.53 25.26 20.77
CA LEU D 153 22.76 24.02 20.04
C LEU D 153 23.99 24.11 19.15
N ARG D 154 24.17 25.24 18.46
CA ARG D 154 25.34 25.40 17.60
C ARG D 154 26.64 25.26 18.40
N SER D 155 26.69 25.88 19.58
CA SER D 155 27.87 25.74 20.43
C SER D 155 28.05 24.30 20.90
N ARG D 156 26.96 23.65 21.28
CA ARG D 156 27.04 22.26 21.72
C ARG D 156 27.60 21.37 20.63
N LEU D 157 27.12 21.55 19.40
CA LEU D 157 27.64 20.77 18.27
C LEU D 157 29.12 21.06 18.04
N ASN D 158 29.53 22.33 18.13
CA ASN D 158 30.94 22.67 17.98
C ASN D 158 31.78 22.01 19.06
N GLU D 159 31.30 21.98 20.30
CA GLU D 159 32.05 21.34 21.37
C GLU D 159 32.19 19.84 21.15
N ILE D 160 31.13 19.21 20.65
CA ILE D 160 31.19 17.78 20.33
C ILE D 160 32.24 17.52 19.26
N LEU D 161 32.23 18.33 18.20
CA LEU D 161 33.20 18.14 17.12
C LEU D 161 34.63 18.38 17.60
N ALA D 162 34.85 19.43 18.39
CA ALA D 162 36.19 19.69 18.92
C ALA D 162 36.67 18.51 19.76
N LYS D 163 35.79 17.94 20.58
CA LYS D 163 36.16 16.82 21.43
C LYS D 163 36.59 15.60 20.60
N HIS D 164 35.79 15.25 19.58
CA HIS D 164 36.06 14.03 18.82
C HIS D 164 37.13 14.21 17.75
N THR D 165 37.30 15.41 17.22
CA THR D 165 38.32 15.64 16.20
C THR D 165 39.69 15.98 16.76
N GLY D 166 39.74 16.54 17.98
CA GLY D 166 40.96 17.08 18.51
C GLY D 166 41.27 18.49 18.10
N GLN D 167 40.44 19.09 17.24
CA GLN D 167 40.60 20.48 16.89
C GLN D 167 40.16 21.37 18.06
N SER D 168 40.63 22.60 18.06
CA SER D 168 40.20 23.55 19.08
C SER D 168 38.79 24.04 18.79
N LEU D 169 38.11 24.48 19.85
CA LEU D 169 36.77 25.04 19.70
C LEU D 169 36.77 26.20 18.71
N GLU D 170 37.78 27.06 18.78
CA GLU D 170 37.84 28.20 17.86
C GLU D 170 37.99 27.75 16.42
N THR D 171 38.75 26.68 16.18
CA THR D 171 38.92 26.17 14.82
C THR D 171 37.60 25.63 14.27
N ILE D 172 36.89 24.83 15.07
CA ILE D 172 35.60 24.29 14.65
C ILE D 172 34.62 25.42 14.35
N ALA D 173 34.52 26.40 15.25
CA ALA D 173 33.56 27.48 15.08
C ALA D 173 33.85 28.28 13.82
N ARG D 174 35.11 28.52 13.52
CA ARG D 174 35.48 29.22 12.29
C ARG D 174 35.16 28.38 11.06
N ASP D 175 35.54 27.10 11.08
CA ASP D 175 35.40 26.27 9.89
C ASP D 175 33.95 25.86 9.62
N THR D 176 33.12 25.71 10.67
CA THR D 176 31.74 25.27 10.47
C THR D 176 30.89 26.30 9.74
N GLU D 177 31.34 27.55 9.71
CA GLU D 177 30.88 28.55 8.76
C GLU D 177 30.79 28.01 7.37
N ARG D 178 31.91 27.48 6.87
CA ARG D 178 32.12 27.28 5.44
C ARG D 178 31.20 26.15 5.02
N ASP D 179 30.41 26.40 4.00
CA ASP D 179 29.56 25.36 3.48
C ASP D 179 30.30 24.63 2.34
N ASN D 180 31.43 24.06 2.74
CA ASN D 180 32.32 23.34 1.84
C ASN D 180 32.46 21.89 2.28
N PHE D 181 32.70 21.02 1.31
CA PHE D 181 32.97 19.62 1.60
C PHE D 181 34.47 19.39 1.73
N LYS D 182 34.85 18.51 2.64
CA LYS D 182 36.20 17.98 2.70
C LYS D 182 36.23 16.62 2.00
N SER D 183 37.33 16.37 1.28
CA SER D 183 37.56 15.04 0.73
C SER D 183 37.82 14.05 1.87
N ALA D 184 37.82 12.77 1.53
CA ALA D 184 38.09 11.73 2.53
C ALA D 184 39.46 11.92 3.17
N VAL D 185 40.48 12.22 2.36
CA VAL D 185 41.82 12.46 2.90
C VAL D 185 41.83 13.68 3.81
N ASP D 186 41.18 14.77 3.37
CA ASP D 186 41.17 15.98 4.17
C ASP D 186 40.36 15.81 5.45
N ALA D 187 39.28 15.02 5.39
CA ALA D 187 38.51 14.72 6.60
C ALA D 187 39.35 13.92 7.59
N GLN D 188 40.16 12.99 7.08
CA GLN D 188 41.03 12.21 7.94
C GLN D 188 42.07 13.11 8.62
N ALA D 189 42.68 14.01 7.84
CA ALA D 189 43.67 14.93 8.41
C ALA D 189 43.05 15.85 9.44
N TYR D 190 41.78 16.22 9.25
CA TYR D 190 41.10 17.13 10.16
C TYR D 190 40.69 16.44 11.46
N GLY D 191 40.69 15.11 11.50
CA GLY D 191 40.24 14.38 12.66
C GLY D 191 38.79 13.96 12.64
N LEU D 192 38.10 14.11 11.50
CA LEU D 192 36.71 13.71 11.40
C LEU D 192 36.58 12.20 11.25
N VAL D 193 37.54 11.54 10.61
CA VAL D 193 37.63 10.09 10.58
C VAL D 193 39.07 9.71 10.92
N ASP D 194 39.24 8.43 11.28
CA ASP D 194 40.56 7.93 11.63
C ASP D 194 41.32 7.37 10.43
N GLN D 195 40.63 6.79 9.45
CA GLN D 195 41.32 6.10 8.37
C GLN D 195 40.46 6.12 7.12
N VAL D 196 41.11 6.33 5.98
CA VAL D 196 40.47 6.15 4.67
C VAL D 196 40.68 4.71 4.22
N LEU D 197 39.57 4.00 4.01
CA LEU D 197 39.63 2.61 3.54
C LEU D 197 39.90 2.64 2.04
N GLU D 198 41.09 2.17 1.63
CA GLU D 198 41.43 2.13 0.21
C GLU D 198 41.94 0.76 -0.22
N THR E 18 6.48 -7.07 -9.69
CA THR E 18 6.93 -8.05 -8.70
C THR E 18 6.47 -9.46 -9.05
N SER E 19 7.15 -10.11 -9.99
CA SER E 19 6.87 -11.51 -10.31
C SER E 19 7.26 -12.36 -9.11
N ARG E 20 6.27 -12.91 -8.42
CA ARG E 20 6.47 -13.26 -7.02
C ARG E 20 5.95 -14.65 -6.68
N GLY E 21 6.72 -15.35 -5.84
CA GLY E 21 6.23 -16.50 -5.11
C GLY E 21 6.24 -16.18 -3.63
N GLU E 22 5.39 -16.85 -2.85
CA GLU E 22 5.28 -16.57 -1.43
C GLU E 22 6.14 -17.55 -0.62
N ARG E 23 6.05 -17.45 0.70
CA ARG E 23 6.75 -18.33 1.63
C ARG E 23 8.26 -18.35 1.37
N TYR E 25 10.24 -15.77 -3.29
CA TYR E 25 11.05 -14.64 -3.72
C TYR E 25 10.33 -13.89 -4.83
N ASP E 26 10.55 -12.58 -4.92
CA ASP E 26 10.34 -11.91 -6.20
C ASP E 26 11.50 -12.27 -7.14
N ILE E 27 11.28 -12.01 -8.44
CA ILE E 27 12.24 -12.47 -9.45
C ILE E 27 13.62 -11.87 -9.21
N TYR E 28 13.69 -10.62 -8.75
CA TYR E 28 14.98 -10.00 -8.50
C TYR E 28 15.69 -10.63 -7.30
N SER E 29 14.95 -10.88 -6.21
CA SER E 29 15.54 -11.54 -5.06
C SER E 29 16.03 -12.94 -5.40
N ARG E 30 15.29 -13.64 -6.27
CA ARG E 30 15.72 -14.96 -6.72
C ARG E 30 17.05 -14.89 -7.47
N LEU E 31 17.21 -13.90 -8.35
CA LEU E 31 18.46 -13.76 -9.07
C LEU E 31 19.59 -13.30 -8.16
N LEU E 32 19.26 -12.55 -7.09
CA LEU E 32 20.27 -12.18 -6.11
C LEU E 32 20.91 -13.42 -5.46
N LYS E 33 20.14 -14.50 -5.31
CA LYS E 33 20.68 -15.75 -4.80
C LYS E 33 21.80 -16.28 -5.68
N GLU E 34 21.77 -15.95 -6.98
CA GLU E 34 22.84 -16.34 -7.89
C GLU E 34 23.85 -15.21 -8.09
N ARG E 35 23.94 -14.29 -7.14
CA ARG E 35 24.94 -13.22 -7.11
C ARG E 35 24.77 -12.24 -8.28
N LEU E 36 23.53 -12.04 -8.72
CA LEU E 36 23.23 -11.11 -9.80
C LEU E 36 22.48 -9.91 -9.21
N ILE E 37 23.01 -8.71 -9.45
CA ILE E 37 22.40 -7.47 -8.98
C ILE E 37 21.95 -6.66 -10.19
N PHE E 38 20.75 -6.08 -10.09
CA PHE E 38 20.21 -5.22 -11.15
C PHE E 38 20.33 -3.76 -10.75
N LEU E 39 21.05 -2.98 -11.55
CA LEU E 39 21.14 -1.53 -11.40
C LEU E 39 20.31 -0.95 -12.53
N VAL E 40 19.07 -0.58 -12.23
CA VAL E 40 18.09 -0.18 -13.23
C VAL E 40 17.42 1.12 -12.79
N GLY E 41 17.17 1.99 -13.75
CA GLY E 41 16.51 3.25 -13.48
C GLY E 41 17.46 4.32 -13.02
N PRO E 42 16.92 5.50 -12.70
CA PRO E 42 17.77 6.61 -12.27
C PRO E 42 18.52 6.29 -10.99
N ILE E 43 19.76 6.73 -10.93
CA ILE E 43 20.61 6.51 -9.75
C ILE E 43 20.33 7.61 -8.74
N ASP E 44 19.96 7.22 -7.53
CA ASP E 44 19.78 8.15 -6.42
C ASP E 44 20.20 7.44 -5.14
N ASP E 45 20.13 8.16 -4.01
CA ASP E 45 20.57 7.59 -2.74
C ASP E 45 19.83 6.31 -2.40
N HIS E 46 18.51 6.28 -2.62
CA HIS E 46 17.73 5.12 -2.20
C HIS E 46 18.19 3.86 -2.92
N MET E 47 18.31 3.93 -4.25
CA MET E 47 18.69 2.74 -5.00
C MET E 47 20.18 2.42 -4.86
N ALA E 48 21.02 3.44 -4.66
CA ALA E 48 22.44 3.19 -4.45
C ALA E 48 22.69 2.44 -3.16
N ASN E 49 21.99 2.81 -2.09
CA ASN E 49 22.17 2.13 -0.81
C ASN E 49 21.68 0.69 -0.85
N VAL E 50 20.61 0.42 -1.61
CA VAL E 50 20.17 -0.96 -1.81
C VAL E 50 21.21 -1.76 -2.56
N ILE E 51 21.87 -1.15 -3.54
CA ILE E 51 22.91 -1.85 -4.29
C ILE E 51 24.14 -2.07 -3.41
N VAL E 52 24.52 -1.06 -2.62
CA VAL E 52 25.60 -1.25 -1.65
C VAL E 52 25.28 -2.40 -0.71
N ALA E 53 24.05 -2.43 -0.19
CA ALA E 53 23.65 -3.51 0.72
C ALA E 53 23.75 -4.87 0.06
N GLN E 54 23.32 -4.97 -1.20
CA GLN E 54 23.42 -6.25 -1.92
C GLN E 54 24.86 -6.66 -2.11
N LEU E 55 25.73 -5.72 -2.47
CA LEU E 55 27.15 -6.03 -2.65
C LEU E 55 27.76 -6.55 -1.36
N LEU E 56 27.47 -5.89 -0.23
CA LEU E 56 28.04 -6.31 1.04
C LEU E 56 27.49 -7.67 1.47
N PHE E 57 26.20 -7.91 1.24
CA PHE E 57 25.62 -9.22 1.53
C PHE E 57 26.33 -10.33 0.76
N LEU E 58 26.49 -10.14 -0.56
CA LEU E 58 27.08 -11.18 -1.39
C LEU E 58 28.54 -11.44 -1.02
N GLU E 59 29.27 -10.38 -0.65
CA GLU E 59 30.65 -10.55 -0.23
C GLU E 59 30.73 -11.42 1.03
N ALA E 60 29.90 -11.12 2.03
CA ALA E 60 29.92 -11.90 3.26
C ALA E 60 29.49 -13.34 3.00
N ASP E 61 28.51 -13.53 2.11
CA ASP E 61 28.05 -14.88 1.81
C ASP E 61 29.14 -15.71 1.16
N ASN E 62 29.97 -15.09 0.32
CA ASN E 62 31.09 -15.75 -0.32
C ASN E 62 32.04 -14.70 -0.88
N PRO E 63 33.15 -14.41 -0.19
CA PRO E 63 34.05 -13.33 -0.64
C PRO E 63 34.92 -13.68 -1.83
N GLU E 64 34.85 -14.90 -2.34
CA GLU E 64 35.69 -15.32 -3.46
C GLU E 64 34.95 -15.30 -4.79
N LYS E 65 33.64 -15.56 -4.79
CA LYS E 65 32.90 -15.65 -6.04
C LYS E 65 32.59 -14.30 -6.66
N ASP E 66 32.65 -14.27 -7.98
CA ASP E 66 32.29 -13.09 -8.74
C ASP E 66 30.86 -12.64 -8.44
N ILE E 67 30.67 -11.34 -8.52
CA ILE E 67 29.36 -10.70 -8.46
C ILE E 67 29.10 -10.06 -9.82
N TYR E 68 27.82 -10.06 -10.22
CA TYR E 68 27.42 -9.51 -11.51
C TYR E 68 26.41 -8.40 -11.30
N ILE E 69 26.68 -7.23 -11.89
CA ILE E 69 25.75 -6.11 -11.91
C ILE E 69 25.31 -5.88 -13.35
N TYR E 70 24.02 -6.05 -13.61
CA TYR E 70 23.45 -5.75 -14.91
C TYR E 70 22.93 -4.31 -14.87
N ILE E 71 23.39 -3.48 -15.81
CA ILE E 71 23.18 -2.04 -15.75
C ILE E 71 22.28 -1.62 -16.91
N ASN E 72 21.13 -1.03 -16.57
CA ASN E 72 20.26 -0.36 -17.53
C ASN E 72 19.82 0.93 -16.85
N SER E 73 20.55 2.02 -17.09
CA SER E 73 20.33 3.22 -16.30
C SER E 73 20.69 4.47 -17.09
N PRO E 74 19.89 5.53 -16.97
CA PRO E 74 20.25 6.82 -17.55
C PRO E 74 21.20 7.65 -16.70
N GLY E 75 21.67 7.10 -15.58
CA GLY E 75 22.53 7.84 -14.66
C GLY E 75 21.76 8.45 -13.51
N GLY E 76 22.34 9.50 -12.96
CA GLY E 76 21.68 10.19 -11.86
C GLY E 76 22.70 10.85 -10.93
N VAL E 77 22.42 10.73 -9.63
CA VAL E 77 23.12 11.53 -8.63
C VAL E 77 24.56 11.04 -8.48
N VAL E 78 25.51 11.98 -8.54
CA VAL E 78 26.92 11.64 -8.59
C VAL E 78 27.39 10.98 -7.30
N THR E 79 27.07 11.58 -6.15
CA THR E 79 27.57 11.02 -4.89
C THR E 79 26.96 9.65 -4.61
N ALA E 80 25.71 9.42 -5.03
CA ALA E 80 25.12 8.10 -4.92
C ALA E 80 25.87 7.08 -5.76
N GLY E 81 26.19 7.46 -7.01
CA GLY E 81 27.00 6.59 -7.86
C GLY E 81 28.38 6.32 -7.28
N MET E 82 28.99 7.35 -6.67
CA MET E 82 30.30 7.17 -6.06
C MET E 82 30.25 6.18 -4.91
N ALA E 83 29.14 6.16 -4.17
CA ALA E 83 28.96 5.16 -3.11
C ALA E 83 29.03 3.75 -3.68
N ILE E 84 28.38 3.53 -4.83
CA ILE E 84 28.44 2.22 -5.48
C ILE E 84 29.84 1.93 -5.98
N TYR E 85 30.47 2.92 -6.63
CA TYR E 85 31.83 2.75 -7.13
C TYR E 85 32.79 2.31 -6.02
N ASP E 86 32.79 3.03 -4.91
CA ASP E 86 33.71 2.72 -3.82
C ASP E 86 33.45 1.33 -3.25
N THR E 87 32.18 0.94 -3.15
CA THR E 87 31.86 -0.39 -2.64
C THR E 87 32.32 -1.47 -3.60
N MET E 88 32.11 -1.27 -4.91
CA MET E 88 32.60 -2.22 -5.90
C MET E 88 34.11 -2.42 -5.79
N GLN E 89 34.85 -1.33 -5.62
CA GLN E 89 36.30 -1.42 -5.58
C GLN E 89 36.79 -2.06 -4.29
N TYR E 90 36.13 -1.79 -3.17
CA TYR E 90 36.65 -2.25 -1.89
C TYR E 90 36.43 -3.75 -1.68
N ILE E 91 35.22 -4.24 -2.00
CA ILE E 91 34.89 -5.61 -1.63
C ILE E 91 35.81 -6.59 -2.36
N LYS E 92 36.00 -7.74 -1.71
CA LYS E 92 36.91 -8.72 -2.27
C LYS E 92 36.52 -9.34 -3.60
N PRO E 93 35.28 -9.75 -3.78
CA PRO E 93 34.91 -10.36 -5.06
C PRO E 93 35.11 -9.41 -6.24
N ASP E 94 35.51 -10.01 -7.37
CA ASP E 94 35.39 -9.31 -8.64
C ASP E 94 33.93 -8.96 -8.92
N VAL E 95 33.69 -7.75 -9.38
CA VAL E 95 32.36 -7.30 -9.76
C VAL E 95 32.33 -7.13 -11.27
N SER E 96 31.64 -8.05 -11.95
CA SER E 96 31.47 -7.98 -13.39
C SER E 96 30.27 -7.11 -13.73
N THR E 97 30.38 -6.33 -14.81
CA THR E 97 29.33 -5.41 -15.23
C THR E 97 28.88 -5.73 -16.65
N ILE E 98 27.57 -5.69 -16.86
CA ILE E 98 26.97 -5.96 -18.16
C ILE E 98 25.99 -4.85 -18.47
N CYS E 99 26.20 -4.16 -19.60
CA CYS E 99 25.30 -3.12 -20.05
C CYS E 99 24.19 -3.74 -20.89
N VAL E 100 22.95 -3.58 -20.42
CA VAL E 100 21.76 -3.97 -21.15
C VAL E 100 20.93 -2.72 -21.35
N GLY E 101 20.52 -2.46 -22.59
CA GLY E 101 19.77 -1.25 -22.86
C GLY E 101 20.65 -0.02 -23.02
N GLN E 102 20.98 0.64 -21.91
CA GLN E 102 21.86 1.81 -21.97
C GLN E 102 22.54 2.02 -20.63
N ALA E 103 23.58 2.81 -20.68
CA ALA E 103 24.27 3.27 -19.51
C ALA E 103 24.79 4.68 -19.80
N ALA E 104 24.29 5.62 -19.03
CA ALA E 104 24.66 7.02 -19.14
C ALA E 104 25.15 7.65 -17.83
N SER E 105 26.03 8.63 -17.98
CA SER E 105 26.59 9.34 -16.87
C SER E 105 27.16 8.35 -15.81
N MET E 106 26.66 8.41 -14.60
CA MET E 106 27.10 7.53 -13.53
C MET E 106 26.91 6.04 -13.89
N GLY E 107 25.85 5.68 -14.60
CA GLY E 107 25.68 4.31 -15.06
C GLY E 107 26.84 3.88 -15.99
N ALA E 108 27.25 4.78 -16.88
CA ALA E 108 28.38 4.51 -17.76
C ALA E 108 29.69 4.37 -16.97
N LEU E 109 29.88 5.25 -16.00
CA LEU E 109 31.06 5.15 -15.15
C LEU E 109 31.11 3.82 -14.42
N LEU E 110 30.00 3.42 -13.80
CA LEU E 110 29.95 2.17 -13.06
C LEU E 110 30.18 0.97 -13.99
N LEU E 111 29.60 1.02 -15.19
CA LEU E 111 29.87 -0.02 -16.18
C LEU E 111 31.36 -0.14 -16.46
N ALA E 112 32.03 0.99 -16.73
CA ALA E 112 33.46 0.97 -17.03
C ALA E 112 34.30 0.59 -15.81
N SER E 113 33.73 0.59 -14.61
CA SER E 113 34.48 0.36 -13.39
C SER E 113 34.42 -1.08 -12.91
N GLY E 114 33.78 -1.97 -13.66
CA GLY E 114 33.79 -3.37 -13.32
C GLY E 114 35.20 -3.96 -13.39
N ALA E 115 35.33 -5.16 -12.83
CA ALA E 115 36.62 -5.85 -12.82
C ALA E 115 37.20 -5.94 -14.24
N ALA E 116 38.49 -5.65 -14.35
CA ALA E 116 39.16 -5.68 -15.65
C ALA E 116 38.96 -7.03 -16.33
N GLY E 117 38.62 -6.98 -17.63
CA GLY E 117 38.32 -8.18 -18.38
C GLY E 117 36.91 -8.69 -18.24
N LYS E 118 36.11 -8.16 -17.30
CA LYS E 118 34.77 -8.68 -17.02
C LYS E 118 33.71 -7.60 -17.17
N ARG E 119 33.91 -6.67 -18.12
CA ARG E 119 32.96 -5.62 -18.42
C ARG E 119 32.38 -5.89 -19.81
N TYR E 120 31.06 -6.02 -19.88
CA TYR E 120 30.41 -6.49 -21.10
C TYR E 120 29.30 -5.52 -21.52
N ALA E 121 29.06 -5.48 -22.82
CA ALA E 121 27.91 -4.78 -23.39
C ALA E 121 27.20 -5.70 -24.37
N LEU E 122 25.88 -5.62 -24.41
CA LEU E 122 25.11 -6.36 -25.39
C LEU E 122 25.10 -5.60 -26.72
N PRO E 123 24.84 -6.29 -27.84
CA PRO E 123 25.12 -5.68 -29.15
C PRO E 123 24.39 -4.38 -29.42
N ASN E 124 23.16 -4.21 -28.94
CA ASN E 124 22.40 -3.00 -29.20
C ASN E 124 22.36 -2.05 -28.00
N SER E 125 23.21 -2.25 -27.01
CA SER E 125 23.29 -1.32 -25.90
C SER E 125 24.10 -0.08 -26.31
N ARG E 126 23.94 0.99 -25.54
CA ARG E 126 24.58 2.26 -25.83
C ARG E 126 25.10 2.89 -24.55
N VAL E 127 26.22 3.59 -24.67
CA VAL E 127 26.97 4.10 -23.52
C VAL E 127 27.29 5.58 -23.76
N MET E 128 26.94 6.42 -22.79
CA MET E 128 27.22 7.85 -22.83
C MET E 128 27.89 8.27 -21.54
N ILE E 129 29.15 8.71 -21.63
CA ILE E 129 29.87 9.12 -20.43
C ILE E 129 29.49 10.52 -19.94
N HIS E 130 28.90 11.35 -20.80
CA HIS E 130 28.53 12.72 -20.45
C HIS E 130 27.80 12.80 -19.11
N GLN E 131 28.22 13.77 -18.28
CA GLN E 131 27.67 13.99 -16.95
C GLN E 131 26.90 15.29 -16.91
N PRO E 132 25.57 15.26 -16.94
CA PRO E 132 24.79 16.51 -16.88
C PRO E 132 24.88 17.16 -15.49
N LEU E 133 24.61 18.46 -15.49
CA LEU E 133 24.63 19.26 -14.26
C LEU E 133 23.73 18.66 -13.18
N GLY E 134 22.57 18.13 -13.59
CA GLY E 134 21.60 17.62 -12.62
C GLY E 134 22.19 16.66 -11.59
N GLY E 135 23.17 15.85 -12.02
CA GLY E 135 23.75 14.87 -11.12
C GLY E 135 24.60 15.47 -10.01
N PHE E 136 25.08 16.70 -10.19
CA PHE E 136 25.96 17.33 -9.21
C PHE E 136 25.22 18.21 -8.22
N GLN E 137 24.02 18.67 -8.56
CA GLN E 137 23.30 19.59 -7.70
C GLN E 137 22.85 18.91 -6.42
N GLY E 138 22.69 19.73 -5.37
CA GLY E 138 22.18 19.24 -4.11
C GLY E 138 20.81 18.60 -4.23
N GLN E 139 20.65 17.42 -3.63
CA GLN E 139 19.35 16.75 -3.59
C GLN E 139 18.58 17.07 -2.33
N ALA E 140 19.27 17.46 -1.27
CA ALA E 140 18.62 17.87 -0.03
C ALA E 140 18.23 19.34 -0.10
N THR E 141 17.16 19.68 0.61
CA THR E 141 16.63 21.04 0.59
C THR E 141 17.66 22.07 1.04
N ASP E 142 18.44 21.77 2.09
CA ASP E 142 19.33 22.75 2.70
C ASP E 142 20.76 22.72 2.16
N ILE E 143 21.03 21.99 1.07
CA ILE E 143 22.37 21.88 0.53
C ILE E 143 22.41 22.52 -0.86
N ASP E 144 23.35 23.44 -1.05
CA ASP E 144 23.68 24.03 -2.34
C ASP E 144 25.09 23.58 -2.71
N ILE E 145 25.21 22.81 -3.79
CA ILE E 145 26.52 22.34 -4.23
C ILE E 145 27.19 23.41 -5.07
N HIS E 146 28.32 23.91 -4.60
CA HIS E 146 28.95 25.10 -5.17
C HIS E 146 29.87 24.75 -6.33
N ALA E 147 30.16 25.78 -7.14
CA ALA E 147 30.86 25.60 -8.41
C ALA E 147 32.16 24.83 -8.27
N ARG E 148 32.96 25.16 -7.26
CA ARG E 148 34.26 24.51 -7.11
C ARG E 148 34.11 23.02 -6.80
N GLU E 149 33.10 22.65 -6.01
CA GLU E 149 32.85 21.25 -5.74
C GLU E 149 32.43 20.50 -7.01
N ILE E 150 31.66 21.15 -7.87
CA ILE E 150 31.26 20.53 -9.14
C ILE E 150 32.48 20.26 -10.01
N LEU E 151 33.38 21.25 -10.11
CA LEU E 151 34.57 21.08 -10.95
C LEU E 151 35.47 19.99 -10.37
N THR E 152 35.57 19.90 -9.05
CA THR E 152 36.37 18.85 -8.43
C THR E 152 35.81 17.47 -8.76
N LEU E 153 34.49 17.31 -8.60
CA LEU E 153 33.86 16.02 -8.89
C LEU E 153 34.00 15.66 -10.35
N ARG E 154 33.81 16.63 -11.26
CA ARG E 154 33.96 16.36 -12.69
C ARG E 154 35.36 15.84 -13.01
N SER E 155 36.39 16.47 -12.43
CA SER E 155 37.75 16.00 -12.64
C SER E 155 37.94 14.60 -12.08
N ARG E 156 37.41 14.34 -10.88
CA ARG E 156 37.54 13.01 -10.28
C ARG E 156 36.90 11.94 -11.16
N LEU E 157 35.71 12.22 -11.70
CA LEU E 157 35.05 11.27 -12.58
C LEU E 157 35.87 11.03 -13.84
N ASN E 158 36.43 12.10 -14.42
CA ASN E 158 37.27 11.94 -15.60
C ASN E 158 38.50 11.10 -15.30
N GLU E 159 39.10 11.29 -14.12
CA GLU E 159 40.26 10.49 -13.75
C GLU E 159 39.89 9.02 -13.56
N ILE E 160 38.71 8.76 -12.98
CA ILE E 160 38.25 7.38 -12.82
C ILE E 160 38.05 6.74 -14.19
N LEU E 161 37.43 7.46 -15.11
CA LEU E 161 37.20 6.91 -16.46
C LEU E 161 38.53 6.67 -17.18
N ALA E 162 39.46 7.63 -17.09
CA ALA E 162 40.76 7.47 -17.73
C ALA E 162 41.48 6.24 -17.19
N LYS E 163 41.41 6.03 -15.87
CA LYS E 163 42.07 4.88 -15.25
C LYS E 163 41.52 3.56 -15.78
N HIS E 164 40.19 3.42 -15.80
CA HIS E 164 39.58 2.15 -16.16
C HIS E 164 39.52 1.92 -17.67
N THR E 165 39.45 2.99 -18.47
CA THR E 165 39.38 2.83 -19.93
C THR E 165 40.75 2.75 -20.58
N GLY E 166 41.78 3.30 -19.96
CA GLY E 166 43.08 3.44 -20.59
C GLY E 166 43.24 4.67 -21.46
N GLN E 167 42.19 5.46 -21.62
CA GLN E 167 42.30 6.74 -22.33
C GLN E 167 43.02 7.77 -21.47
N SER E 168 43.54 8.79 -22.12
CA SER E 168 44.18 9.90 -21.45
C SER E 168 43.15 10.84 -20.82
N LEU E 169 43.60 11.61 -19.83
CA LEU E 169 42.71 12.57 -19.18
C LEU E 169 42.14 13.57 -20.18
N GLU E 170 42.94 14.06 -21.16
CA GLU E 170 42.34 14.89 -22.21
C GLU E 170 41.17 14.22 -22.88
N THR E 171 41.39 12.99 -23.30
CA THR E 171 40.44 12.31 -24.17
C THR E 171 39.10 12.18 -23.48
N ILE E 172 39.14 11.77 -22.22
CA ILE E 172 37.92 11.72 -21.42
C ILE E 172 37.34 13.12 -21.29
N ALA E 173 38.19 14.11 -20.93
CA ALA E 173 37.71 15.47 -20.71
C ALA E 173 37.11 16.07 -21.96
N ARG E 174 37.73 15.84 -23.12
CA ARG E 174 37.16 16.35 -24.37
C ARG E 174 35.86 15.62 -24.70
N ASP E 175 35.88 14.28 -24.61
CA ASP E 175 34.75 13.48 -25.08
C ASP E 175 33.54 13.60 -24.16
N THR E 176 33.74 13.81 -22.86
CA THR E 176 32.62 13.88 -21.94
C THR E 176 31.73 15.11 -22.12
N GLU E 177 32.24 16.17 -22.80
CA GLU E 177 31.42 17.35 -23.12
C GLU E 177 30.26 16.96 -24.03
N ARG E 178 30.47 16.00 -24.96
CA ARG E 178 29.53 15.62 -26.03
C ARG E 178 28.45 14.79 -25.37
N ASP E 179 27.20 15.17 -25.53
CA ASP E 179 26.14 14.35 -24.93
C ASP E 179 25.60 13.36 -25.96
N ASN E 180 26.51 12.48 -26.36
CA ASN E 180 26.26 11.49 -27.37
C ASN E 180 26.49 10.06 -26.87
N PHE E 181 25.77 9.12 -27.47
CA PHE E 181 25.95 7.71 -27.14
C PHE E 181 26.98 7.05 -28.05
N LYS E 182 27.74 6.13 -27.47
CA LYS E 182 28.57 5.21 -28.24
C LYS E 182 27.84 3.89 -28.38
N SER E 183 27.97 3.28 -29.55
CA SER E 183 27.47 1.93 -29.73
C SER E 183 28.30 0.95 -28.88
N ALA E 184 27.79 -0.28 -28.78
CA ALA E 184 28.50 -1.31 -28.02
C ALA E 184 29.89 -1.57 -28.61
N VAL E 185 30.00 -1.62 -29.94
CA VAL E 185 31.29 -1.81 -30.58
C VAL E 185 32.21 -0.64 -30.28
N ASP E 186 31.68 0.59 -30.40
CA ASP E 186 32.51 1.77 -30.14
C ASP E 186 32.88 1.90 -28.68
N ALA E 187 31.98 1.49 -27.77
CA ALA E 187 32.31 1.50 -26.35
C ALA E 187 33.42 0.50 -26.04
N GLN E 188 33.40 -0.66 -26.70
CA GLN E 188 34.46 -1.64 -26.52
C GLN E 188 35.80 -1.10 -27.00
N ALA E 189 35.82 -0.47 -28.18
CA ALA E 189 37.06 0.09 -28.71
C ALA E 189 37.58 1.21 -27.82
N TYR E 190 36.68 1.96 -27.18
CA TYR E 190 37.07 3.06 -26.32
C TYR E 190 37.62 2.61 -24.98
N GLY E 191 37.41 1.35 -24.61
CA GLY E 191 37.82 0.85 -23.31
C GLY E 191 36.77 0.92 -22.23
N LEU E 192 35.52 1.25 -22.58
CA LEU E 192 34.47 1.31 -21.58
C LEU E 192 33.98 -0.07 -21.19
N VAL E 193 34.01 -1.03 -22.12
CA VAL E 193 33.78 -2.43 -21.83
C VAL E 193 34.89 -3.23 -22.49
N ASP E 194 35.04 -4.48 -22.03
CA ASP E 194 36.05 -5.36 -22.58
C ASP E 194 35.58 -6.17 -23.77
N GLN E 195 34.29 -6.52 -23.81
CA GLN E 195 33.80 -7.43 -24.84
C GLN E 195 32.32 -7.18 -25.10
N VAL E 196 31.94 -7.24 -26.37
CA VAL E 196 30.53 -7.26 -26.76
C VAL E 196 30.06 -8.70 -26.79
N LEU E 197 29.06 -9.03 -26.00
CA LEU E 197 28.51 -10.40 -25.99
C LEU E 197 27.62 -10.55 -27.22
N GLU E 198 28.07 -11.37 -28.17
CA GLU E 198 27.29 -11.63 -29.37
C GLU E 198 27.19 -13.13 -29.66
N VAL F 11 -5.49 -10.09 -8.95
CA VAL F 11 -4.17 -10.71 -8.94
C VAL F 11 -4.28 -12.09 -8.29
N PRO F 12 -4.94 -13.02 -8.98
CA PRO F 12 -5.28 -14.31 -8.36
C PRO F 12 -4.05 -15.14 -8.07
N MET F 13 -4.18 -16.00 -7.06
CA MET F 13 -3.10 -16.90 -6.68
C MET F 13 -3.52 -18.35 -6.86
N VAL F 14 -2.52 -19.22 -6.89
CA VAL F 14 -2.71 -20.67 -6.89
C VAL F 14 -1.70 -21.27 -5.93
N VAL F 15 -2.12 -22.25 -5.14
CA VAL F 15 -1.28 -22.89 -4.15
C VAL F 15 -0.98 -24.31 -4.59
N GLU F 16 0.28 -24.71 -4.53
CA GLU F 16 0.71 -26.07 -4.81
C GLU F 16 1.25 -26.70 -3.53
N GLN F 17 0.82 -27.92 -3.26
CA GLN F 17 1.32 -28.68 -2.11
C GLN F 17 2.55 -29.46 -2.56
N THR F 18 3.71 -29.10 -2.03
CA THR F 18 4.96 -29.75 -2.38
C THR F 18 5.38 -30.69 -1.25
N SER F 19 6.62 -31.16 -1.30
CA SER F 19 7.14 -32.05 -0.28
C SER F 19 7.49 -31.33 1.01
N ARG F 20 7.61 -30.02 0.90
CA ARG F 20 7.98 -29.20 2.02
C ARG F 20 6.91 -28.29 2.57
N GLY F 21 5.65 -28.54 2.22
CA GLY F 21 4.51 -27.75 2.61
C GLY F 21 3.77 -27.25 1.37
N GLU F 22 2.91 -26.27 1.59
CA GLU F 22 2.16 -25.63 0.52
C GLU F 22 2.80 -24.29 0.18
N ARG F 23 2.94 -24.01 -1.11
CA ARG F 23 3.57 -22.78 -1.59
C ARG F 23 2.61 -22.06 -2.52
N ALA F 24 2.53 -20.74 -2.39
CA ALA F 24 1.61 -19.92 -3.16
C ALA F 24 2.34 -19.19 -4.29
N TYR F 25 1.66 -19.06 -5.42
CA TYR F 25 2.12 -18.25 -6.55
C TYR F 25 1.00 -17.30 -6.95
N ASP F 26 1.36 -16.11 -7.44
CA ASP F 26 0.40 -15.39 -8.26
C ASP F 26 0.32 -16.04 -9.64
N ILE F 27 -0.75 -15.74 -10.37
CA ILE F 27 -1.03 -16.47 -11.60
C ILE F 27 0.11 -16.32 -12.61
N TYR F 28 0.75 -15.15 -12.65
CA TYR F 28 1.85 -14.96 -13.59
C TYR F 28 3.07 -15.77 -13.18
N SER F 29 3.39 -15.79 -11.89
CA SER F 29 4.51 -16.61 -11.41
C SER F 29 4.25 -18.10 -11.64
N ARG F 30 3.00 -18.52 -11.49
CA ARG F 30 2.66 -19.92 -11.76
C ARG F 30 2.93 -20.28 -13.22
N LEU F 31 2.55 -19.40 -14.15
CA LEU F 31 2.83 -19.66 -15.55
C LEU F 31 4.31 -19.53 -15.87
N LEU F 32 5.03 -18.69 -15.12
CA LEU F 32 6.48 -18.64 -15.26
C LEU F 32 7.11 -19.99 -14.96
N LYS F 33 6.53 -20.75 -14.02
CA LYS F 33 7.01 -22.09 -13.74
C LYS F 33 6.95 -22.99 -14.97
N GLU F 34 6.04 -22.69 -15.89
CA GLU F 34 5.94 -23.41 -17.15
C GLU F 34 6.61 -22.66 -18.30
N ARG F 35 7.55 -21.77 -17.97
CA ARG F 35 8.37 -21.06 -18.96
C ARG F 35 7.53 -20.12 -19.84
N LEU F 36 6.47 -19.54 -19.27
CA LEU F 36 5.59 -18.61 -19.97
C LEU F 36 5.87 -17.21 -19.42
N ILE F 37 6.21 -16.27 -20.31
CA ILE F 37 6.43 -14.88 -19.92
C ILE F 37 5.38 -14.01 -20.61
N PHE F 38 4.81 -13.07 -19.86
CA PHE F 38 3.83 -12.14 -20.39
C PHE F 38 4.47 -10.77 -20.60
N LEU F 39 4.45 -10.29 -21.85
CA LEU F 39 4.88 -8.94 -22.20
C LEU F 39 3.61 -8.16 -22.51
N VAL F 40 3.13 -7.38 -21.54
CA VAL F 40 1.84 -6.72 -21.63
C VAL F 40 1.98 -5.26 -21.23
N GLY F 41 1.27 -4.39 -21.95
CA GLY F 41 1.27 -2.98 -21.66
C GLY F 41 2.42 -2.24 -22.32
N PRO F 42 2.52 -0.94 -22.04
CA PRO F 42 3.59 -0.14 -22.66
C PRO F 42 4.96 -0.64 -22.24
N ILE F 43 5.90 -0.64 -23.17
CA ILE F 43 7.27 -1.06 -22.91
C ILE F 43 8.06 0.11 -22.36
N ASP F 44 8.64 -0.09 -21.17
CA ASP F 44 9.52 0.90 -20.56
C ASP F 44 10.61 0.14 -19.81
N ASP F 45 11.52 0.89 -19.19
CA ASP F 45 12.65 0.26 -18.50
C ASP F 45 12.18 -0.72 -17.43
N HIS F 46 11.16 -0.33 -16.64
CA HIS F 46 10.75 -1.18 -15.52
C HIS F 46 10.26 -2.54 -16.00
N MET F 47 9.37 -2.56 -16.99
CA MET F 47 8.83 -3.83 -17.45
C MET F 47 9.81 -4.59 -18.33
N ALA F 48 10.70 -3.89 -19.03
CA ALA F 48 11.72 -4.58 -19.82
C ALA F 48 12.69 -5.33 -18.92
N ASN F 49 13.11 -4.72 -17.81
CA ASN F 49 14.07 -5.37 -16.92
C ASN F 49 13.47 -6.58 -16.22
N VAL F 50 12.18 -6.53 -15.84
CA VAL F 50 11.57 -7.72 -15.26
C VAL F 50 11.49 -8.84 -16.28
N ILE F 51 11.27 -8.52 -17.55
CA ILE F 51 11.25 -9.56 -18.59
C ILE F 51 12.64 -10.14 -18.80
N VAL F 52 13.66 -9.28 -18.83
CA VAL F 52 15.04 -9.78 -18.91
C VAL F 52 15.34 -10.70 -17.73
N ALA F 53 14.93 -10.30 -16.53
CA ALA F 53 15.14 -11.13 -15.35
C ALA F 53 14.46 -12.48 -15.50
N GLN F 54 13.24 -12.50 -16.03
CA GLN F 54 12.53 -13.76 -16.25
C GLN F 54 13.25 -14.63 -17.28
N LEU F 55 13.71 -14.03 -18.37
CA LEU F 55 14.42 -14.78 -19.41
C LEU F 55 15.68 -15.43 -18.84
N LEU F 56 16.46 -14.67 -18.07
CA LEU F 56 17.69 -15.21 -17.50
C LEU F 56 17.39 -16.30 -16.46
N PHE F 57 16.35 -16.09 -15.65
CA PHE F 57 15.95 -17.12 -14.70
C PHE F 57 15.63 -18.44 -15.41
N LEU F 58 14.82 -18.37 -16.47
CA LEU F 58 14.40 -19.58 -17.16
C LEU F 58 15.57 -20.26 -17.86
N GLU F 59 16.51 -19.48 -18.40
CA GLU F 59 17.69 -20.07 -19.03
C GLU F 59 18.52 -20.87 -18.03
N ALA F 60 18.80 -20.28 -16.86
CA ALA F 60 19.58 -20.99 -15.85
C ALA F 60 18.84 -22.22 -15.34
N ASP F 61 17.51 -22.12 -15.19
CA ASP F 61 16.74 -23.26 -14.72
C ASP F 61 16.81 -24.41 -15.70
N ASN F 62 16.81 -24.11 -16.99
CA ASN F 62 16.95 -25.12 -18.01
C ASN F 62 17.31 -24.47 -19.33
N PRO F 63 18.57 -24.52 -19.73
CA PRO F 63 18.99 -23.86 -20.98
C PRO F 63 18.52 -24.58 -22.24
N GLU F 64 17.80 -25.69 -22.11
CA GLU F 64 17.43 -26.48 -23.28
C GLU F 64 15.99 -26.31 -23.76
N LYS F 65 15.03 -26.18 -22.86
CA LYS F 65 13.63 -26.05 -23.20
C LYS F 65 13.23 -24.69 -23.74
N ASP F 66 12.35 -24.68 -24.72
CA ASP F 66 11.88 -23.40 -25.25
C ASP F 66 11.30 -22.49 -24.18
N ILE F 67 11.38 -21.17 -24.43
CA ILE F 67 10.70 -20.15 -23.63
C ILE F 67 9.62 -19.50 -24.50
N TYR F 68 8.51 -19.11 -23.88
CA TYR F 68 7.39 -18.50 -24.60
C TYR F 68 7.09 -17.11 -24.04
N ILE F 69 7.05 -16.13 -24.93
CA ILE F 69 6.64 -14.77 -24.59
C ILE F 69 5.31 -14.47 -25.27
N TYR F 70 4.28 -14.22 -24.47
CA TYR F 70 2.99 -13.80 -24.99
C TYR F 70 2.95 -12.28 -25.01
N ILE F 71 2.68 -11.69 -26.17
CA ILE F 71 2.87 -10.27 -26.39
C ILE F 71 1.50 -9.63 -26.65
N ASN F 72 1.14 -8.68 -25.79
CA ASN F 72 -0.02 -7.79 -26.00
C ASN F 72 0.45 -6.39 -25.60
N SER F 73 0.94 -5.62 -26.56
CA SER F 73 1.60 -4.38 -26.20
C SER F 73 1.48 -3.32 -27.29
N PRO F 74 1.27 -2.06 -26.93
CA PRO F 74 1.31 -0.98 -27.93
C PRO F 74 2.71 -0.49 -28.24
N GLY F 75 3.74 -1.09 -27.67
CA GLY F 75 5.11 -0.65 -27.87
C GLY F 75 5.59 0.24 -26.73
N GLY F 76 6.58 1.06 -27.05
CA GLY F 76 7.11 1.98 -26.06
C GLY F 76 8.57 2.28 -26.32
N VAL F 77 9.34 2.31 -25.23
CA VAL F 77 10.70 2.85 -25.25
C VAL F 77 11.63 1.92 -26.02
N VAL F 78 12.39 2.50 -26.96
CA VAL F 78 13.18 1.70 -27.89
C VAL F 78 14.31 0.97 -27.17
N THR F 79 15.09 1.68 -26.35
CA THR F 79 16.22 1.03 -25.70
C THR F 79 15.76 -0.04 -24.71
N ALA F 80 14.60 0.16 -24.07
CA ALA F 80 14.05 -0.88 -23.22
C ALA F 80 13.68 -2.12 -24.04
N GLY F 81 13.04 -1.91 -25.19
CA GLY F 81 12.76 -3.04 -26.08
C GLY F 81 14.02 -3.72 -26.58
N MET F 82 15.06 -2.93 -26.89
CA MET F 82 16.33 -3.51 -27.34
C MET F 82 16.97 -4.37 -26.27
N ALA F 83 16.81 -3.99 -25.00
CA ALA F 83 17.29 -4.83 -23.90
C ALA F 83 16.66 -6.21 -23.95
N ILE F 84 15.35 -6.27 -24.22
CA ILE F 84 14.67 -7.55 -24.35
C ILE F 84 15.16 -8.29 -25.59
N TYR F 85 15.26 -7.58 -26.72
CA TYR F 85 15.74 -8.19 -27.96
C TYR F 85 17.10 -8.85 -27.77
N ASP F 86 18.07 -8.12 -27.22
CA ASP F 86 19.42 -8.66 -27.07
C ASP F 86 19.42 -9.88 -26.16
N THR F 87 18.61 -9.84 -25.10
CA THR F 87 18.54 -10.99 -24.19
C THR F 87 17.91 -12.19 -24.86
N MET F 88 16.83 -11.98 -25.64
CA MET F 88 16.23 -13.09 -26.38
C MET F 88 17.24 -13.74 -27.31
N GLN F 89 18.05 -12.94 -28.01
CA GLN F 89 19.00 -13.49 -28.96
C GLN F 89 20.16 -14.19 -28.28
N TYR F 90 20.60 -13.69 -27.12
CA TYR F 90 21.81 -14.25 -26.50
C TYR F 90 21.54 -15.60 -25.84
N ILE F 91 20.45 -15.71 -25.08
CA ILE F 91 20.26 -16.91 -24.28
C ILE F 91 20.12 -18.14 -25.16
N LYS F 92 20.54 -19.29 -24.62
CA LYS F 92 20.53 -20.53 -25.40
C LYS F 92 19.12 -20.94 -25.82
N PRO F 93 18.12 -20.99 -24.94
CA PRO F 93 16.80 -21.48 -25.36
C PRO F 93 16.21 -20.69 -26.52
N ASP F 94 15.52 -21.41 -27.40
CA ASP F 94 14.63 -20.76 -28.35
C ASP F 94 13.56 -19.98 -27.60
N VAL F 95 13.27 -18.77 -28.05
CA VAL F 95 12.23 -17.93 -27.49
C VAL F 95 11.10 -17.83 -28.51
N SER F 96 10.00 -18.51 -28.24
CA SER F 96 8.83 -18.46 -29.10
C SER F 96 7.96 -17.26 -28.70
N THR F 97 7.37 -16.60 -29.70
CA THR F 97 6.56 -15.41 -29.48
C THR F 97 5.16 -15.62 -30.02
N ILE F 98 4.16 -15.17 -29.24
CA ILE F 98 2.76 -15.29 -29.61
C ILE F 98 2.11 -13.92 -29.42
N CYS F 99 1.55 -13.38 -30.49
CA CYS F 99 0.83 -12.11 -30.41
C CYS F 99 -0.63 -12.35 -30.04
N VAL F 100 -1.04 -11.80 -28.90
CA VAL F 100 -2.42 -11.81 -28.46
C VAL F 100 -2.87 -10.36 -28.32
N GLY F 101 -4.00 -10.03 -28.92
CA GLY F 101 -4.46 -8.65 -28.89
C GLY F 101 -3.78 -7.79 -29.94
N GLN F 102 -2.60 -7.26 -29.62
CA GLN F 102 -1.88 -6.44 -30.58
C GLN F 102 -0.40 -6.43 -30.24
N ALA F 103 0.41 -6.04 -31.23
CA ALA F 103 1.83 -5.79 -31.05
C ALA F 103 2.21 -4.62 -31.94
N ALA F 104 2.58 -3.52 -31.32
CA ALA F 104 3.01 -2.32 -32.01
C ALA F 104 4.44 -1.86 -31.67
N SER F 105 5.07 -1.19 -32.62
CA SER F 105 6.39 -0.63 -32.48
C SER F 105 7.37 -1.69 -31.95
N MET F 106 7.96 -1.46 -30.81
CA MET F 106 8.89 -2.39 -30.21
C MET F 106 8.21 -3.76 -29.92
N GLY F 107 6.95 -3.78 -29.54
CA GLY F 107 6.24 -5.03 -29.37
C GLY F 107 6.20 -5.83 -30.67
N ALA F 108 5.94 -5.17 -31.78
CA ALA F 108 5.93 -5.83 -33.08
C ALA F 108 7.31 -6.35 -33.45
N LEU F 109 8.34 -5.57 -33.16
CA LEU F 109 9.69 -5.98 -33.43
C LEU F 109 10.07 -7.25 -32.63
N LEU F 110 9.77 -7.25 -31.36
CA LEU F 110 10.06 -8.41 -30.52
C LEU F 110 9.28 -9.63 -30.97
N LEU F 111 8.02 -9.45 -31.36
CA LEU F 111 7.23 -10.54 -31.94
C LEU F 111 7.95 -11.15 -33.14
N ALA F 112 8.39 -10.30 -34.07
CA ALA F 112 9.07 -10.77 -35.27
C ALA F 112 10.44 -11.37 -34.97
N SER F 113 10.98 -11.16 -33.78
CA SER F 113 12.34 -11.60 -33.44
C SER F 113 12.37 -12.92 -32.68
N GLY F 114 11.23 -13.56 -32.49
CA GLY F 114 11.22 -14.89 -31.89
C GLY F 114 11.95 -15.89 -32.77
N ALA F 115 12.23 -17.05 -32.17
CA ALA F 115 12.92 -18.13 -32.89
C ALA F 115 12.21 -18.44 -34.19
N ALA F 116 13.00 -18.62 -35.26
CA ALA F 116 12.46 -18.92 -36.58
C ALA F 116 11.55 -20.13 -36.54
N GLY F 117 10.39 -20.02 -37.16
CA GLY F 117 9.38 -21.06 -37.14
C GLY F 117 8.50 -21.07 -35.92
N LYS F 118 8.80 -20.27 -34.89
CA LYS F 118 8.08 -20.31 -33.62
C LYS F 118 7.48 -18.95 -33.28
N ARG F 119 7.08 -18.18 -34.29
CA ARG F 119 6.44 -16.88 -34.09
C ARG F 119 4.98 -17.00 -34.53
N TYR F 120 4.06 -16.70 -33.61
CA TYR F 120 2.65 -16.97 -33.83
C TYR F 120 1.82 -15.72 -33.59
N ALA F 121 0.67 -15.66 -34.27
CA ALA F 121 -0.35 -14.65 -34.02
C ALA F 121 -1.71 -15.33 -33.92
N LEU F 122 -2.55 -14.82 -33.05
CA LEU F 122 -3.92 -15.30 -32.94
C LEU F 122 -4.80 -14.65 -34.00
N PRO F 123 -5.93 -15.26 -34.37
CA PRO F 123 -6.64 -14.83 -35.58
C PRO F 123 -7.07 -13.37 -35.58
N ASN F 124 -7.42 -12.81 -34.44
CA ASN F 124 -7.86 -11.41 -34.37
C ASN F 124 -6.80 -10.46 -33.84
N SER F 125 -5.55 -10.88 -33.77
CA SER F 125 -4.49 -9.98 -33.36
C SER F 125 -4.09 -9.06 -34.52
N ARG F 126 -3.36 -8.00 -34.19
CA ARG F 126 -2.94 -7.01 -35.18
C ARG F 126 -1.54 -6.55 -34.86
N VAL F 127 -0.78 -6.24 -35.91
CA VAL F 127 0.66 -5.96 -35.80
C VAL F 127 0.96 -4.67 -36.56
N MET F 128 1.62 -3.73 -35.89
CA MET F 128 2.04 -2.46 -36.50
C MET F 128 3.53 -2.27 -36.23
N ILE F 129 4.34 -2.27 -37.28
CA ILE F 129 5.79 -2.09 -37.10
C ILE F 129 6.17 -0.64 -36.89
N HIS F 130 5.31 0.31 -37.26
CA HIS F 130 5.60 1.74 -37.15
C HIS F 130 6.18 2.10 -35.79
N GLN F 131 7.23 2.91 -35.80
CA GLN F 131 7.92 3.36 -34.59
C GLN F 131 7.68 4.84 -34.38
N PRO F 132 6.81 5.25 -33.47
CA PRO F 132 6.60 6.68 -33.24
C PRO F 132 7.81 7.33 -32.57
N LEU F 133 7.89 8.65 -32.76
CA LEU F 133 8.97 9.45 -32.17
C LEU F 133 9.08 9.24 -30.66
N GLY F 134 7.93 9.12 -29.98
CA GLY F 134 7.94 9.00 -28.53
C GLY F 134 8.88 7.93 -27.99
N GLY F 135 9.01 6.82 -28.73
CA GLY F 135 9.86 5.74 -28.27
C GLY F 135 11.34 6.05 -28.28
N PHE F 136 11.77 7.05 -29.06
CA PHE F 136 13.19 7.36 -29.18
C PHE F 136 13.63 8.47 -28.24
N GLN F 137 12.71 9.29 -27.76
CA GLN F 137 13.06 10.43 -26.93
C GLN F 137 13.59 9.98 -25.57
N GLY F 138 14.41 10.84 -24.97
CA GLY F 138 14.91 10.60 -23.63
C GLY F 138 13.80 10.45 -22.62
N GLN F 139 13.90 9.42 -21.77
CA GLN F 139 12.94 9.25 -20.69
C GLN F 139 13.40 9.89 -19.40
N ALA F 140 14.70 10.08 -19.22
CA ALA F 140 15.23 10.78 -18.07
C ALA F 140 15.24 12.29 -18.32
N THR F 141 15.09 13.05 -17.25
CA THR F 141 15.03 14.51 -17.36
C THR F 141 16.28 15.08 -18.02
N ASP F 142 17.44 14.53 -17.69
CA ASP F 142 18.73 15.09 -18.12
C ASP F 142 19.24 14.51 -19.43
N ILE F 143 18.44 13.74 -20.16
CA ILE F 143 18.87 13.12 -21.41
C ILE F 143 18.07 13.70 -22.56
N ASP F 144 18.77 14.24 -23.56
CA ASP F 144 18.18 14.67 -24.82
C ASP F 144 18.71 13.78 -25.92
N ILE F 145 17.83 13.02 -26.56
CA ILE F 145 18.22 12.12 -27.64
C ILE F 145 18.23 12.91 -28.94
N HIS F 146 19.40 13.02 -29.56
CA HIS F 146 19.61 13.91 -30.69
C HIS F 146 19.23 13.23 -32.02
N ALA F 147 19.02 14.08 -33.03
CA ALA F 147 18.44 13.65 -34.30
C ALA F 147 19.22 12.50 -34.93
N ARG F 148 20.55 12.59 -34.96
CA ARG F 148 21.35 11.57 -35.63
C ARG F 148 21.25 10.23 -34.91
N GLU F 149 21.16 10.25 -33.59
CA GLU F 149 20.97 9.02 -32.84
C GLU F 149 19.62 8.38 -33.15
N ILE F 150 18.59 9.20 -33.36
CA ILE F 150 17.29 8.68 -33.76
C ILE F 150 17.37 8.00 -35.11
N LEU F 151 18.04 8.64 -36.07
CA LEU F 151 18.15 8.06 -37.40
C LEU F 151 18.94 6.76 -37.38
N THR F 152 19.98 6.70 -36.53
CA THR F 152 20.74 5.46 -36.40
C THR F 152 19.88 4.35 -35.83
N LEU F 153 19.12 4.65 -34.77
CA LEU F 153 18.26 3.65 -34.17
C LEU F 153 17.17 3.19 -35.15
N ARG F 154 16.57 4.13 -35.89
CA ARG F 154 15.53 3.76 -36.85
C ARG F 154 16.08 2.81 -37.90
N SER F 155 17.27 3.09 -38.42
CA SER F 155 17.89 2.19 -39.39
C SER F 155 18.20 0.84 -38.76
N ARG F 156 18.72 0.85 -37.53
CA ARG F 156 19.03 -0.40 -36.86
C ARG F 156 17.79 -1.28 -36.70
N LEU F 157 16.68 -0.67 -36.28
CA LEU F 157 15.42 -1.41 -36.14
C LEU F 157 14.96 -1.95 -37.50
N ASN F 158 15.06 -1.14 -38.55
CA ASN F 158 14.67 -1.59 -39.89
C ASN F 158 15.51 -2.79 -40.32
N GLU F 159 16.81 -2.78 -40.04
CA GLU F 159 17.67 -3.89 -40.40
C GLU F 159 17.27 -5.16 -39.65
N ILE F 160 16.91 -5.02 -38.38
CA ILE F 160 16.46 -6.17 -37.61
C ILE F 160 15.18 -6.76 -38.21
N LEU F 161 14.22 -5.89 -38.57
CA LEU F 161 12.98 -6.37 -39.16
C LEU F 161 13.24 -7.03 -40.51
N ALA F 162 14.09 -6.43 -41.34
CA ALA F 162 14.41 -7.04 -42.63
C ALA F 162 15.03 -8.41 -42.45
N LYS F 163 15.93 -8.56 -41.48
CA LYS F 163 16.56 -9.85 -41.23
C LYS F 163 15.55 -10.92 -40.84
N HIS F 164 14.67 -10.60 -39.88
CA HIS F 164 13.77 -11.62 -39.35
C HIS F 164 12.55 -11.86 -40.25
N THR F 165 12.12 -10.87 -41.02
CA THR F 165 10.97 -11.06 -41.90
C THR F 165 11.36 -11.60 -43.27
N GLY F 166 12.60 -11.36 -43.71
CA GLY F 166 12.99 -11.66 -45.07
C GLY F 166 12.66 -10.58 -46.07
N GLN F 167 12.00 -9.51 -45.66
CA GLN F 167 11.77 -8.39 -46.54
C GLN F 167 13.06 -7.62 -46.78
N SER F 168 13.09 -6.85 -47.88
CA SER F 168 14.25 -6.02 -48.14
C SER F 168 14.25 -4.81 -47.21
N LEU F 169 15.44 -4.25 -47.00
CA LEU F 169 15.57 -3.04 -46.19
C LEU F 169 14.69 -1.92 -46.73
N GLU F 170 14.67 -1.75 -48.05
CA GLU F 170 13.88 -0.68 -48.66
C GLU F 170 12.39 -0.89 -48.40
N THR F 171 11.93 -2.14 -48.43
CA THR F 171 10.53 -2.42 -48.14
C THR F 171 10.17 -2.07 -46.71
N ILE F 172 11.00 -2.49 -45.75
CA ILE F 172 10.76 -2.16 -44.35
C ILE F 172 10.74 -0.65 -44.14
N ALA F 173 11.72 0.05 -44.73
CA ALA F 173 11.81 1.49 -44.54
C ALA F 173 10.58 2.21 -45.07
N ARG F 174 10.04 1.75 -46.21
CA ARG F 174 8.84 2.36 -46.75
C ARG F 174 7.63 2.08 -45.87
N ASP F 175 7.44 0.81 -45.48
CA ASP F 175 6.22 0.40 -44.80
C ASP F 175 6.18 0.90 -43.36
N THR F 176 7.34 1.03 -42.70
CA THR F 176 7.33 1.45 -41.31
C THR F 176 6.91 2.91 -41.14
N GLU F 177 6.96 3.71 -42.21
CA GLU F 177 6.48 5.08 -42.15
C GLU F 177 4.98 5.14 -41.86
N ARG F 178 4.24 4.14 -42.34
CA ARG F 178 2.78 4.13 -42.24
C ARG F 178 2.36 3.59 -40.89
N ASP F 179 1.52 4.33 -40.18
CA ASP F 179 1.05 3.90 -38.86
C ASP F 179 -0.28 3.15 -39.00
N ASN F 180 -0.19 2.03 -39.72
CA ASN F 180 -1.34 1.17 -39.98
C ASN F 180 -1.06 -0.21 -39.39
N PHE F 181 -2.13 -0.90 -39.01
CA PHE F 181 -2.03 -2.26 -38.50
C PHE F 181 -2.16 -3.27 -39.63
N LYS F 182 -1.41 -4.35 -39.53
CA LYS F 182 -1.63 -5.52 -40.35
C LYS F 182 -2.47 -6.53 -39.58
N SER F 183 -3.38 -7.19 -40.28
CA SER F 183 -4.10 -8.31 -39.69
C SER F 183 -3.13 -9.46 -39.43
N ALA F 184 -3.61 -10.47 -38.69
CA ALA F 184 -2.78 -11.63 -38.42
C ALA F 184 -2.38 -12.34 -39.71
N VAL F 185 -3.33 -12.49 -40.64
CA VAL F 185 -3.01 -13.10 -41.93
C VAL F 185 -1.99 -12.28 -42.70
N ASP F 186 -2.19 -10.95 -42.73
CA ASP F 186 -1.26 -10.09 -43.46
C ASP F 186 0.10 -10.04 -42.77
N ALA F 187 0.14 -10.11 -41.44
CA ALA F 187 1.42 -10.17 -40.74
C ALA F 187 2.17 -11.46 -41.06
N GLN F 188 1.44 -12.57 -41.17
CA GLN F 188 2.07 -13.84 -41.52
C GLN F 188 2.65 -13.78 -42.93
N ALA F 189 1.89 -13.24 -43.89
CA ALA F 189 2.38 -13.14 -45.26
C ALA F 189 3.59 -12.21 -45.35
N TYR F 190 3.65 -11.19 -44.49
CA TYR F 190 4.74 -10.24 -44.51
C TYR F 190 6.03 -10.80 -43.90
N GLY F 191 5.93 -11.91 -43.16
CA GLY F 191 7.08 -12.47 -42.48
C GLY F 191 7.26 -12.03 -41.05
N LEU F 192 6.27 -11.35 -40.48
CA LEU F 192 6.36 -10.91 -39.08
C LEU F 192 6.09 -12.06 -38.12
N VAL F 193 5.23 -13.00 -38.50
CA VAL F 193 5.04 -14.25 -37.77
C VAL F 193 5.10 -15.40 -38.77
N ASP F 194 5.28 -16.60 -38.23
CA ASP F 194 5.34 -17.79 -39.06
C ASP F 194 3.98 -18.44 -39.30
N GLN F 195 3.06 -18.35 -38.33
CA GLN F 195 1.81 -19.07 -38.46
C GLN F 195 0.72 -18.38 -37.65
N VAL F 196 -0.50 -18.35 -38.19
CA VAL F 196 -1.68 -17.92 -37.46
C VAL F 196 -2.28 -19.15 -36.77
N LEU F 197 -2.38 -19.09 -35.45
CA LEU F 197 -2.96 -20.17 -34.66
C LEU F 197 -4.49 -20.11 -34.73
N GLU F 198 -5.09 -21.15 -35.31
CA GLU F 198 -6.54 -21.22 -35.40
C GLU F 198 -7.07 -22.55 -34.85
N LEU G 10 -11.24 -4.95 1.37
CA LEU G 10 -10.96 -6.26 1.93
C LEU G 10 -11.61 -7.36 1.09
N VAL G 11 -10.78 -8.27 0.59
CA VAL G 11 -11.25 -9.46 -0.14
C VAL G 11 -11.16 -10.64 0.80
N PRO G 12 -12.27 -11.33 1.07
CA PRO G 12 -12.26 -12.38 2.10
C PRO G 12 -11.37 -13.55 1.70
N MET G 13 -10.90 -14.27 2.72
CA MET G 13 -10.08 -15.45 2.53
C MET G 13 -10.82 -16.68 3.05
N VAL G 14 -10.46 -17.84 2.51
CA VAL G 14 -10.99 -19.12 2.96
C VAL G 14 -9.84 -20.12 3.06
N VAL G 15 -9.96 -21.05 3.99
CA VAL G 15 -8.94 -22.08 4.19
C VAL G 15 -9.52 -23.45 3.89
N ALA G 24 -4.61 -21.38 2.37
CA ALA G 24 -5.32 -20.09 2.42
C ALA G 24 -5.42 -19.46 1.03
N TYR G 25 -6.65 -19.14 0.64
CA TYR G 25 -6.93 -18.48 -0.64
C TYR G 25 -7.75 -17.23 -0.38
N ASP G 26 -7.57 -16.24 -1.25
CA ASP G 26 -8.64 -15.25 -1.37
C ASP G 26 -9.81 -15.88 -2.12
N ILE G 27 -10.98 -15.28 -1.99
CA ILE G 27 -12.21 -15.91 -2.49
C ILE G 27 -12.12 -16.15 -3.99
N TYR G 28 -11.50 -15.24 -4.73
CA TYR G 28 -11.40 -15.41 -6.18
C TYR G 28 -10.45 -16.56 -6.54
N SER G 29 -9.30 -16.64 -5.86
CA SER G 29 -8.38 -17.74 -6.09
C SER G 29 -9.01 -19.08 -5.72
N ARG G 30 -9.82 -19.10 -4.66
CA ARG G 30 -10.52 -20.34 -4.29
C ARG G 30 -11.47 -20.78 -5.40
N LEU G 31 -12.22 -19.84 -5.99
CA LEU G 31 -13.13 -20.19 -7.06
C LEU G 31 -12.39 -20.56 -8.34
N LEU G 32 -11.21 -19.98 -8.55
CA LEU G 32 -10.39 -20.38 -9.69
C LEU G 32 -10.02 -21.86 -9.61
N LYS G 33 -9.82 -22.38 -8.40
CA LYS G 33 -9.54 -23.79 -8.22
C LYS G 33 -10.69 -24.66 -8.75
N GLU G 34 -11.90 -24.13 -8.77
CA GLU G 34 -13.05 -24.81 -9.34
C GLU G 34 -13.33 -24.36 -10.77
N ARG G 35 -12.31 -23.82 -11.45
CA ARG G 35 -12.38 -23.45 -12.86
C ARG G 35 -13.38 -22.31 -13.11
N LEU G 36 -13.50 -21.41 -12.13
CA LEU G 36 -14.36 -20.23 -12.21
C LEU G 36 -13.50 -18.99 -12.37
N ILE G 37 -13.75 -18.23 -13.43
CA ILE G 37 -13.07 -16.96 -13.71
C ILE G 37 -14.10 -15.85 -13.66
N PHE G 38 -13.74 -14.74 -13.02
CA PHE G 38 -14.61 -13.57 -12.95
C PHE G 38 -14.10 -12.50 -13.91
N LEU G 39 -14.96 -12.09 -14.84
CA LEU G 39 -14.71 -10.97 -15.73
C LEU G 39 -15.61 -9.83 -15.25
N VAL G 40 -15.05 -8.92 -14.47
CA VAL G 40 -15.82 -7.88 -13.82
C VAL G 40 -15.16 -6.53 -14.07
N GLY G 41 -15.99 -5.51 -14.28
CA GLY G 41 -15.50 -4.16 -14.49
C GLY G 41 -15.13 -3.88 -15.93
N PRO G 42 -14.63 -2.67 -16.19
CA PRO G 42 -14.27 -2.30 -17.56
C PRO G 42 -13.17 -3.19 -18.11
N ILE G 43 -13.28 -3.54 -19.39
CA ILE G 43 -12.29 -4.37 -20.05
C ILE G 43 -11.15 -3.50 -20.55
N ASP G 44 -9.93 -3.82 -20.14
CA ASP G 44 -8.74 -3.17 -20.63
C ASP G 44 -7.63 -4.21 -20.70
N ASP G 45 -6.46 -3.78 -21.17
CA ASP G 45 -5.35 -4.71 -21.34
C ASP G 45 -4.99 -5.42 -20.04
N HIS G 46 -4.97 -4.68 -18.92
CA HIS G 46 -4.53 -5.26 -17.67
C HIS G 46 -5.43 -6.42 -17.24
N MET G 47 -6.75 -6.20 -17.26
CA MET G 47 -7.66 -7.25 -16.80
C MET G 47 -7.83 -8.35 -17.84
N ALA G 48 -7.70 -8.02 -19.13
CA ALA G 48 -7.81 -9.04 -20.16
C ALA G 48 -6.65 -10.03 -20.07
N ASN G 49 -5.44 -9.54 -19.84
CA ASN G 49 -4.29 -10.41 -19.73
C ASN G 49 -4.35 -11.30 -18.49
N VAL G 50 -4.91 -10.80 -17.39
CA VAL G 50 -5.13 -11.66 -16.22
C VAL G 50 -6.12 -12.77 -16.55
N ILE G 51 -7.14 -12.47 -17.34
CA ILE G 51 -8.11 -13.50 -17.71
C ILE G 51 -7.48 -14.50 -18.67
N VAL G 52 -6.70 -14.02 -19.64
CA VAL G 52 -5.97 -14.92 -20.52
C VAL G 52 -5.07 -15.85 -19.72
N ALA G 53 -4.34 -15.31 -18.74
CA ALA G 53 -3.48 -16.13 -17.91
C ALA G 53 -4.28 -17.20 -17.17
N GLN G 54 -5.45 -16.82 -16.64
CA GLN G 54 -6.28 -17.79 -15.94
C GLN G 54 -6.78 -18.88 -16.89
N LEU G 55 -7.21 -18.50 -18.10
CA LEU G 55 -7.67 -19.48 -19.07
C LEU G 55 -6.57 -20.47 -19.42
N LEU G 56 -5.36 -19.98 -19.65
CA LEU G 56 -4.26 -20.86 -20.01
C LEU G 56 -3.86 -21.76 -18.85
N PHE G 57 -3.86 -21.22 -17.62
CA PHE G 57 -3.59 -22.05 -16.45
C PHE G 57 -4.59 -23.20 -16.35
N LEU G 58 -5.88 -22.90 -16.46
CA LEU G 58 -6.90 -23.93 -16.29
C LEU G 58 -6.83 -24.98 -17.39
N GLU G 59 -6.51 -24.57 -18.61
CA GLU G 59 -6.35 -25.55 -19.69
C GLU G 59 -5.22 -26.53 -19.40
N ALA G 60 -4.06 -26.02 -18.99
CA ALA G 60 -2.93 -26.89 -18.68
C ALA G 60 -3.23 -27.79 -17.49
N ASP G 61 -3.93 -27.27 -16.49
CA ASP G 61 -4.26 -28.07 -15.32
C ASP G 61 -5.17 -29.23 -15.69
N ASN G 62 -6.09 -29.01 -16.63
CA ASN G 62 -6.98 -30.04 -17.11
C ASN G 62 -7.59 -29.59 -18.43
N PRO G 63 -7.07 -30.06 -19.56
CA PRO G 63 -7.60 -29.60 -20.85
C PRO G 63 -8.98 -30.14 -21.17
N GLU G 64 -9.57 -30.98 -20.31
CA GLU G 64 -10.87 -31.53 -20.64
C GLU G 64 -12.04 -30.92 -19.90
N LYS G 65 -11.87 -30.44 -18.67
CA LYS G 65 -13.01 -29.96 -17.92
C LYS G 65 -13.41 -28.57 -18.40
N ASP G 66 -14.72 -28.31 -18.40
CA ASP G 66 -15.26 -27.01 -18.75
C ASP G 66 -14.66 -25.91 -17.89
N ILE G 67 -14.55 -24.72 -18.47
CA ILE G 67 -14.19 -23.50 -17.76
C ILE G 67 -15.40 -22.58 -17.75
N TYR G 68 -15.56 -21.82 -16.67
CA TYR G 68 -16.68 -20.91 -16.50
C TYR G 68 -16.19 -19.48 -16.32
N ILE G 69 -16.72 -18.57 -17.12
CA ILE G 69 -16.47 -17.13 -16.96
C ILE G 69 -17.79 -16.46 -16.59
N TYR G 70 -17.82 -15.88 -15.39
CA TYR G 70 -18.96 -15.07 -14.95
C TYR G 70 -18.69 -13.62 -15.31
N ILE G 71 -19.61 -13.02 -16.06
CA ILE G 71 -19.39 -11.73 -16.71
C ILE G 71 -20.32 -10.70 -16.10
N ASN G 72 -19.73 -9.63 -15.52
CA ASN G 72 -20.47 -8.43 -15.10
C ASN G 72 -19.60 -7.25 -15.54
N SER G 73 -19.87 -6.72 -16.73
CA SER G 73 -18.97 -5.74 -17.31
C SER G 73 -19.68 -4.78 -18.24
N PRO G 74 -19.34 -3.49 -18.20
CA PRO G 74 -19.87 -2.54 -19.19
C PRO G 74 -19.12 -2.55 -20.51
N GLY G 75 -18.14 -3.43 -20.69
CA GLY G 75 -17.34 -3.47 -21.88
C GLY G 75 -16.02 -2.74 -21.72
N GLY G 76 -15.48 -2.31 -22.85
CA GLY G 76 -14.23 -1.58 -22.82
C GLY G 76 -13.43 -1.77 -24.10
N VAL G 77 -12.12 -1.93 -23.94
CA VAL G 77 -11.18 -1.86 -25.05
C VAL G 77 -11.35 -3.07 -25.96
N VAL G 78 -11.50 -2.82 -27.26
CA VAL G 78 -11.86 -3.87 -28.21
C VAL G 78 -10.74 -4.89 -28.34
N THR G 79 -9.50 -4.44 -28.55
CA THR G 79 -8.41 -5.39 -28.75
C THR G 79 -8.14 -6.21 -27.49
N ALA G 80 -8.35 -5.62 -26.31
CA ALA G 80 -8.23 -6.39 -25.07
C ALA G 80 -9.28 -7.48 -25.02
N GLY G 81 -10.53 -7.15 -25.38
CA GLY G 81 -11.56 -8.16 -25.46
C GLY G 81 -11.26 -9.23 -26.49
N MET G 82 -10.70 -8.82 -27.64
CA MET G 82 -10.35 -9.78 -28.68
C MET G 82 -9.29 -10.76 -28.19
N ALA G 83 -8.36 -10.29 -27.35
CA ALA G 83 -7.40 -11.20 -26.75
C ALA G 83 -8.08 -12.29 -25.94
N ILE G 84 -9.12 -11.92 -25.18
CA ILE G 84 -9.89 -12.91 -24.43
C ILE G 84 -10.65 -13.84 -25.38
N TYR G 85 -11.30 -13.26 -26.38
CA TYR G 85 -12.04 -14.06 -27.36
C TYR G 85 -11.16 -15.12 -28.02
N ASP G 86 -10.00 -14.71 -28.53
CA ASP G 86 -9.13 -15.66 -29.22
C ASP G 86 -8.65 -16.77 -28.30
N THR G 87 -8.35 -16.42 -27.03
CA THR G 87 -7.93 -17.45 -26.08
C THR G 87 -9.07 -18.40 -25.76
N MET G 88 -10.29 -17.88 -25.57
CA MET G 88 -11.45 -18.75 -25.34
C MET G 88 -11.62 -19.73 -26.48
N GLN G 89 -11.48 -19.26 -27.73
CA GLN G 89 -11.70 -20.14 -28.88
C GLN G 89 -10.58 -21.15 -29.07
N TYR G 90 -9.33 -20.78 -28.75
CA TYR G 90 -8.21 -21.67 -29.06
C TYR G 90 -8.13 -22.85 -28.11
N ILE G 91 -8.25 -22.60 -26.80
CA ILE G 91 -8.02 -23.67 -25.83
C ILE G 91 -9.07 -24.76 -26.00
N LYS G 92 -8.70 -26.00 -25.67
CA LYS G 92 -9.67 -27.09 -25.73
C LYS G 92 -10.88 -27.00 -24.83
N PRO G 93 -10.78 -26.70 -23.53
CA PRO G 93 -11.99 -26.76 -22.71
C PRO G 93 -13.10 -25.88 -23.29
N ASP G 94 -14.32 -26.38 -23.21
CA ASP G 94 -15.47 -25.51 -23.43
C ASP G 94 -15.42 -24.39 -22.41
N VAL G 95 -15.70 -23.18 -22.85
CA VAL G 95 -15.75 -22.03 -21.97
C VAL G 95 -17.20 -21.60 -21.86
N SER G 96 -17.82 -21.89 -20.71
CA SER G 96 -19.19 -21.51 -20.45
C SER G 96 -19.22 -20.09 -19.91
N THR G 97 -20.22 -19.32 -20.32
CA THR G 97 -20.35 -17.92 -19.93
C THR G 97 -21.69 -17.69 -19.24
N ILE G 98 -21.65 -16.91 -18.17
CA ILE G 98 -22.83 -16.58 -17.39
C ILE G 98 -22.85 -15.06 -17.20
N CYS G 99 -23.93 -14.42 -17.65
CA CYS G 99 -24.10 -12.99 -17.44
C CYS G 99 -24.76 -12.74 -16.09
N VAL G 100 -24.04 -12.03 -15.23
CA VAL G 100 -24.56 -11.57 -13.94
C VAL G 100 -24.48 -10.06 -13.94
N GLY G 101 -25.59 -9.40 -13.61
CA GLY G 101 -25.60 -7.96 -13.65
C GLY G 101 -25.83 -7.41 -15.03
N GLN G 102 -24.76 -7.26 -15.81
CA GLN G 102 -24.89 -6.76 -17.19
C GLN G 102 -23.68 -7.20 -18.00
N ALA G 103 -23.89 -7.14 -19.29
CA ALA G 103 -22.86 -7.31 -20.28
C ALA G 103 -23.10 -6.34 -21.45
N ALA G 104 -22.14 -5.46 -21.65
CA ALA G 104 -22.17 -4.48 -22.72
C ALA G 104 -20.91 -4.52 -23.60
N SER G 105 -21.12 -4.20 -24.87
CA SER G 105 -20.06 -4.13 -25.83
C SER G 105 -19.21 -5.42 -25.84
N MET G 106 -17.95 -5.29 -25.55
CA MET G 106 -17.03 -6.41 -25.53
C MET G 106 -17.54 -7.42 -24.50
N GLY G 107 -18.12 -6.94 -23.42
CA GLY G 107 -18.69 -7.88 -22.47
C GLY G 107 -19.80 -8.72 -23.08
N ALA G 108 -20.66 -8.09 -23.88
CA ALA G 108 -21.74 -8.83 -24.53
C ALA G 108 -21.20 -9.79 -25.59
N LEU G 109 -20.18 -9.36 -26.34
CA LEU G 109 -19.57 -10.24 -27.34
C LEU G 109 -18.98 -11.49 -26.68
N LEU G 110 -18.21 -11.32 -25.60
CA LEU G 110 -17.61 -12.46 -24.93
C LEU G 110 -18.67 -13.39 -24.35
N LEU G 111 -19.74 -12.82 -23.77
CA LEU G 111 -20.86 -13.62 -23.31
C LEU G 111 -21.42 -14.48 -24.44
N ALA G 112 -21.68 -13.87 -25.60
CA ALA G 112 -22.21 -14.58 -26.74
C ALA G 112 -21.23 -15.58 -27.33
N SER G 113 -19.96 -15.51 -26.97
CA SER G 113 -18.91 -16.34 -27.58
C SER G 113 -18.57 -17.58 -26.76
N GLY G 114 -19.29 -17.83 -25.66
CA GLY G 114 -19.10 -19.07 -24.93
C GLY G 114 -19.47 -20.28 -25.75
N ALA G 115 -19.06 -21.44 -25.25
CA ALA G 115 -19.36 -22.70 -25.92
C ALA G 115 -20.85 -22.83 -26.19
N ALA G 116 -21.18 -23.28 -27.41
CA ALA G 116 -22.58 -23.45 -27.80
C ALA G 116 -23.34 -24.31 -26.80
N GLY G 117 -24.53 -23.85 -26.42
CA GLY G 117 -25.33 -24.51 -25.41
C GLY G 117 -24.98 -24.18 -23.98
N LYS G 118 -23.87 -23.49 -23.73
CA LYS G 118 -23.40 -23.24 -22.37
C LYS G 118 -23.26 -21.75 -22.08
N ARG G 119 -24.14 -20.94 -22.67
CA ARG G 119 -24.18 -19.50 -22.44
C ARG G 119 -25.45 -19.18 -21.67
N TYR G 120 -25.30 -18.54 -20.52
CA TYR G 120 -26.40 -18.34 -19.58
C TYR G 120 -26.51 -16.87 -19.19
N ALA G 121 -27.73 -16.46 -18.86
CA ALA G 121 -28.01 -15.16 -18.25
C ALA G 121 -28.94 -15.34 -17.06
N LEU G 122 -28.73 -14.54 -16.03
CA LEU G 122 -29.62 -14.54 -14.88
C LEU G 122 -30.85 -13.67 -15.17
N PRO G 123 -31.96 -13.88 -14.44
CA PRO G 123 -33.24 -13.29 -14.87
C PRO G 123 -33.24 -11.79 -15.00
N ASN G 124 -32.50 -11.07 -14.15
CA ASN G 124 -32.47 -9.63 -14.20
C ASN G 124 -31.20 -9.07 -14.84
N SER G 125 -30.43 -9.92 -15.53
CA SER G 125 -29.30 -9.46 -16.31
C SER G 125 -29.77 -8.69 -17.53
N ARG G 126 -28.85 -7.94 -18.13
CA ARG G 126 -29.13 -7.16 -19.33
C ARG G 126 -27.90 -7.18 -20.24
N VAL G 127 -28.15 -7.17 -21.55
CA VAL G 127 -27.11 -7.36 -22.56
C VAL G 127 -27.27 -6.28 -23.63
N MET G 128 -26.19 -5.55 -23.90
CA MET G 128 -26.14 -4.53 -24.95
C MET G 128 -24.94 -4.80 -25.84
N ILE G 129 -25.20 -5.13 -27.11
CA ILE G 129 -24.09 -5.42 -28.03
C ILE G 129 -23.43 -4.16 -28.57
N HIS G 130 -24.11 -3.00 -28.50
CA HIS G 130 -23.59 -1.75 -29.02
C HIS G 130 -22.13 -1.52 -28.61
N GLN G 131 -21.32 -1.11 -29.58
CA GLN G 131 -19.89 -0.87 -29.37
C GLN G 131 -19.62 0.62 -29.48
N PRO G 132 -19.42 1.33 -28.38
CA PRO G 132 -19.12 2.77 -28.46
C PRO G 132 -17.73 3.02 -29.05
N LEU G 133 -17.57 4.24 -29.57
CA LEU G 133 -16.30 4.65 -30.17
C LEU G 133 -15.13 4.47 -29.20
N GLY G 134 -15.36 4.75 -27.91
CA GLY G 134 -14.27 4.70 -26.94
C GLY G 134 -13.47 3.42 -26.96
N GLY G 135 -14.13 2.29 -27.23
CA GLY G 135 -13.44 1.02 -27.23
C GLY G 135 -12.45 0.83 -28.36
N PHE G 136 -12.59 1.58 -29.44
CA PHE G 136 -11.73 1.42 -30.60
C PHE G 136 -10.54 2.38 -30.61
N GLN G 137 -10.63 3.47 -29.87
CA GLN G 137 -9.57 4.47 -29.89
C GLN G 137 -8.30 3.94 -29.24
N GLY G 138 -7.17 4.52 -29.65
CA GLY G 138 -5.90 4.19 -29.04
C GLY G 138 -5.88 4.45 -27.56
N GLN G 139 -5.38 3.49 -26.79
CA GLN G 139 -5.17 3.67 -25.36
C GLN G 139 -3.77 4.16 -25.03
N ALA G 140 -2.81 3.89 -25.92
CA ALA G 140 -1.45 4.37 -25.73
C ALA G 140 -1.30 5.80 -26.25
N THR G 141 -0.38 6.54 -25.63
CA THR G 141 -0.18 7.94 -25.99
C THR G 141 0.16 8.12 -27.46
N ASP G 142 1.03 7.28 -28.00
CA ASP G 142 1.58 7.45 -29.34
C ASP G 142 0.81 6.70 -30.42
N ILE G 143 -0.37 6.16 -30.13
CA ILE G 143 -1.14 5.40 -31.10
C ILE G 143 -2.44 6.15 -31.41
N ASP G 144 -2.66 6.41 -32.71
CA ASP G 144 -3.93 6.92 -33.20
C ASP G 144 -4.57 5.84 -34.07
N ILE G 145 -5.72 5.35 -33.64
CA ILE G 145 -6.44 4.32 -34.38
C ILE G 145 -7.25 5.00 -35.47
N HIS G 146 -6.94 4.68 -36.73
CA HIS G 146 -7.49 5.42 -37.85
C HIS G 146 -8.84 4.86 -38.27
N ALA G 147 -9.58 5.70 -39.01
CA ALA G 147 -10.98 5.43 -39.32
C ALA G 147 -11.20 4.05 -39.95
N ARG G 148 -10.36 3.70 -40.93
CA ARG G 148 -10.57 2.43 -41.62
C ARG G 148 -10.33 1.23 -40.71
N GLU G 149 -9.38 1.34 -39.78
CA GLU G 149 -9.17 0.27 -38.82
C GLU G 149 -10.39 0.11 -37.91
N ILE G 150 -11.04 1.23 -37.56
CA ILE G 150 -12.27 1.16 -36.77
C ILE G 150 -13.36 0.44 -37.55
N LEU G 151 -13.52 0.78 -38.84
CA LEU G 151 -14.54 0.14 -39.65
C LEU G 151 -14.27 -1.35 -39.81
N THR G 152 -12.98 -1.72 -39.94
CA THR G 152 -12.62 -3.13 -40.04
C THR G 152 -12.97 -3.87 -38.76
N LEU G 153 -12.61 -3.29 -37.61
CA LEU G 153 -12.91 -3.94 -36.34
C LEU G 153 -14.41 -4.06 -36.10
N ARG G 154 -15.18 -3.01 -36.41
CA ARG G 154 -16.62 -3.07 -36.23
C ARG G 154 -17.22 -4.19 -37.05
N SER G 155 -16.76 -4.33 -38.28
CA SER G 155 -17.22 -5.39 -39.13
C SER G 155 -16.84 -6.80 -38.57
N ARG G 156 -15.62 -6.95 -38.08
CA ARG G 156 -15.20 -8.21 -37.52
C ARG G 156 -16.12 -8.59 -36.31
N LEU G 157 -16.38 -7.61 -35.47
CA LEU G 157 -17.19 -7.83 -34.30
C LEU G 157 -18.60 -8.27 -34.72
N ASN G 158 -19.18 -7.60 -35.70
CA ASN G 158 -20.48 -8.00 -36.20
C ASN G 158 -20.46 -9.42 -36.75
N GLU G 159 -19.39 -9.79 -37.45
CA GLU G 159 -19.28 -11.15 -37.99
C GLU G 159 -19.18 -12.18 -36.87
N ILE G 160 -18.42 -11.86 -35.81
CA ILE G 160 -18.33 -12.76 -34.67
C ILE G 160 -19.69 -12.95 -34.02
N LEU G 161 -20.43 -11.85 -33.82
CA LEU G 161 -21.76 -11.95 -33.21
C LEU G 161 -22.71 -12.74 -34.10
N ALA G 162 -22.70 -12.47 -35.41
CA ALA G 162 -23.57 -13.20 -36.32
C ALA G 162 -23.30 -14.71 -36.25
N LYS G 163 -22.03 -15.09 -36.22
CA LYS G 163 -21.67 -16.51 -36.16
C LYS G 163 -22.20 -17.17 -34.90
N HIS G 164 -21.99 -16.54 -33.74
CA HIS G 164 -22.36 -17.18 -32.47
C HIS G 164 -23.84 -17.05 -32.15
N THR G 165 -24.50 -15.99 -32.62
CA THR G 165 -25.93 -15.84 -32.35
C THR G 165 -26.81 -16.54 -33.38
N GLY G 166 -26.31 -16.74 -34.60
CA GLY G 166 -27.14 -17.20 -35.68
C GLY G 166 -27.89 -16.11 -36.41
N GLN G 167 -27.79 -14.87 -35.97
CA GLN G 167 -28.38 -13.77 -36.70
C GLN G 167 -27.57 -13.49 -37.96
N SER G 168 -28.22 -12.85 -38.93
CA SER G 168 -27.51 -12.44 -40.13
C SER G 168 -26.61 -11.24 -39.85
N LEU G 169 -25.59 -11.08 -40.69
CA LEU G 169 -24.65 -9.97 -40.53
C LEU G 169 -25.36 -8.61 -40.52
N GLU G 170 -26.27 -8.39 -41.48
CA GLU G 170 -26.98 -7.10 -41.53
C GLU G 170 -27.88 -6.90 -40.32
N THR G 171 -28.45 -7.98 -39.78
CA THR G 171 -29.28 -7.85 -38.59
C THR G 171 -28.43 -7.35 -37.42
N ILE G 172 -27.26 -7.94 -37.23
CA ILE G 172 -26.34 -7.48 -36.19
C ILE G 172 -25.96 -6.03 -36.43
N ALA G 173 -25.61 -5.69 -37.68
CA ALA G 173 -25.19 -4.32 -37.99
C ALA G 173 -26.28 -3.32 -37.69
N ARG G 174 -27.53 -3.68 -37.96
CA ARG G 174 -28.65 -2.80 -37.64
C ARG G 174 -28.82 -2.64 -36.14
N ASP G 175 -28.84 -3.77 -35.42
CA ASP G 175 -29.18 -3.74 -34.00
C ASP G 175 -28.05 -3.17 -33.15
N THR G 176 -26.79 -3.37 -33.56
CA THR G 176 -25.69 -2.85 -32.78
C THR G 176 -25.62 -1.33 -32.83
N GLU G 177 -26.29 -0.70 -33.81
CA GLU G 177 -26.27 0.76 -33.89
C GLU G 177 -26.97 1.43 -32.71
N ARG G 178 -28.08 0.89 -32.23
CA ARG G 178 -28.75 1.51 -31.08
C ARG G 178 -28.23 0.95 -29.75
N ASP G 179 -27.94 1.87 -28.83
CA ASP G 179 -27.36 1.62 -27.51
C ASP G 179 -28.47 1.38 -26.50
N ASN G 180 -29.18 0.27 -26.73
CA ASN G 180 -30.25 -0.19 -25.88
C ASN G 180 -29.88 -1.55 -25.30
N PHE G 181 -30.40 -1.84 -24.11
CA PHE G 181 -30.19 -3.13 -23.48
C PHE G 181 -31.30 -4.09 -23.85
N LYS G 182 -30.95 -5.37 -23.98
CA LYS G 182 -31.91 -6.45 -24.04
C LYS G 182 -32.05 -7.09 -22.67
N SER G 183 -33.29 -7.47 -22.32
CA SER G 183 -33.51 -8.26 -21.13
C SER G 183 -32.91 -9.66 -21.31
N ALA G 184 -32.85 -10.41 -20.22
CA ALA G 184 -32.33 -11.77 -20.29
C ALA G 184 -33.16 -12.63 -21.24
N VAL G 185 -34.49 -12.50 -21.16
CA VAL G 185 -35.37 -13.25 -22.07
C VAL G 185 -35.12 -12.85 -23.51
N ASP G 186 -35.03 -11.54 -23.77
CA ASP G 186 -34.81 -11.07 -25.14
C ASP G 186 -33.42 -11.43 -25.64
N ALA G 187 -32.41 -11.43 -24.76
CA ALA G 187 -31.09 -11.85 -25.17
C ALA G 187 -31.08 -13.33 -25.54
N GLN G 188 -31.83 -14.15 -24.80
CA GLN G 188 -31.94 -15.57 -25.12
C GLN G 188 -32.62 -15.77 -26.47
N ALA G 189 -33.72 -15.06 -26.72
CA ALA G 189 -34.42 -15.18 -28.00
C ALA G 189 -33.55 -14.70 -29.16
N TYR G 190 -32.69 -13.72 -28.92
CA TYR G 190 -31.82 -13.19 -29.96
C TYR G 190 -30.64 -14.12 -30.28
N GLY G 191 -30.36 -15.09 -29.42
CA GLY G 191 -29.22 -15.96 -29.61
C GLY G 191 -27.95 -15.52 -28.90
N LEU G 192 -28.03 -14.51 -28.02
CA LEU G 192 -26.85 -14.08 -27.28
C LEU G 192 -26.52 -15.03 -26.14
N VAL G 193 -27.53 -15.64 -25.54
CA VAL G 193 -27.33 -16.72 -24.58
C VAL G 193 -28.27 -17.86 -24.97
N ASP G 194 -27.98 -19.04 -24.43
CA ASP G 194 -28.79 -20.22 -24.71
C ASP G 194 -29.93 -20.41 -23.73
N GLN G 195 -29.77 -19.99 -22.48
CA GLN G 195 -30.75 -20.29 -21.45
C GLN G 195 -30.72 -19.23 -20.36
N VAL G 196 -31.90 -18.86 -19.87
CA VAL G 196 -32.03 -18.03 -18.68
C VAL G 196 -32.11 -18.95 -17.47
N LEU G 197 -31.17 -18.81 -16.54
CA LEU G 197 -31.13 -19.61 -15.32
C LEU G 197 -32.15 -19.09 -14.32
N GLU G 198 -33.17 -19.90 -14.03
CA GLU G 198 -34.16 -19.55 -13.01
C GLU G 198 -34.35 -20.70 -12.02
#